data_5L44
#
_entry.id   5L44
#
_cell.length_a   61.580
_cell.length_b   66.940
_cell.length_c   102.000
_cell.angle_alpha   97.72
_cell.angle_beta   90.71
_cell.angle_gamma   117.37
#
_symmetry.space_group_name_H-M   'P 1'
#
loop_
_entity.id
_entity.type
_entity.pdbx_description
1 polymer 'K-26 dipeptidyl carboxypeptidase'
2 non-polymer 'ZINC ION'
3 non-polymer 'MAGNESIUM ION'
4 non-polymer 'SULFATE ION'
5 non-polymer 'N-ACETYL-L-ILE-L-TYR-(R)-1-AMINO-2-(4-HYDROXYPHENYL)ETHYLPHOSPHONIC ACID'
6 water water
#
_entity_poly.entity_id   1
_entity_poly.type   'polypeptide(L)'
_entity_poly.pdbx_seq_one_letter_code
;MGSSHHHHHHSSGLVPRGSLSENPFFAPSALPYGLPPFAEIREEHYVPAFERGMAEQLAEVEAIAGDTEAPTFDNTVAAL
ERSGQVLTRVSAVFFNQSSSDTNPTVQEIQKQIIPKLTQHGDAIHLNRPLFARIKQISPDGLDAEQAWLLERYVTDFVRA
GAELGAGDQERLKALNEELSTLSTRFEQNLLAHTNASAVIVDDVAQLDGLSDDSVKAAAETAKSRGLPGKYVIPLVLPTG
QPGLAELTDRALRERIHRASIQRGVPDNEELIVRIATLRAERAKLLGYPTHAAYVVADQTAPTTEAVTEMLGKLTPPAVA
NAHREADELREQAGHDLEPWDWSFYAEKVLKERYAIDGRQMRPYFELDRVLRDGVFHAATLLYGITFTERPDLVGYHPDV
RVFEVFNEDGSQLGLFLGDYYARPSKRGGAWMNSLVKQSTLEGTRPVVVNNLNIAKPPAGEPTLMTFEEVNTMFHEFGHA
LHGLFSEVHYPRFSGTAVPRDFVEYPSQVNEMWAVWPSVLANYARHWQTGDPMPKDLLDRMLKSQKYNQGYKTVEYLAAT
LLDWSWHTFQTPPENALTFEHEALTTAGVDLKLVPPRYRSTYFAHIWSSGYSAGYYSYIWSEVLDADTVDWFHENGGLLR
ENGDTFRQKLLSKGGSVDPMTAFQSFRGRTPRIEPLLDRRGLL
;
_entity_poly.pdbx_strand_id   A,B
#
# COMPACT_ATOMS: atom_id res chain seq x y z
N GLU A 22 -31.47 -6.88 -49.31
CA GLU A 22 -31.39 -8.15 -48.55
C GLU A 22 -31.23 -7.83 -47.04
N ASN A 23 -30.38 -8.56 -46.31
CA ASN A 23 -30.31 -8.48 -44.86
C ASN A 23 -29.04 -9.21 -44.33
N PRO A 24 -28.14 -8.50 -43.63
CA PRO A 24 -26.92 -9.17 -43.16
C PRO A 24 -27.10 -10.31 -42.15
N PHE A 25 -28.26 -10.43 -41.51
CA PHE A 25 -28.53 -11.53 -40.59
C PHE A 25 -28.85 -12.89 -41.27
N PHE A 26 -29.13 -12.87 -42.57
CA PHE A 26 -29.56 -14.09 -43.26
C PHE A 26 -28.44 -15.09 -43.52
N ALA A 27 -27.20 -14.64 -43.58
CA ALA A 27 -26.08 -15.56 -43.75
C ALA A 27 -25.15 -15.46 -42.53
N PRO A 28 -24.41 -16.55 -42.20
CA PRO A 28 -23.36 -16.46 -41.18
C PRO A 28 -22.38 -15.34 -41.48
N SER A 29 -21.88 -14.66 -40.45
CA SER A 29 -20.86 -13.63 -40.66
C SER A 29 -19.60 -14.23 -41.30
N ALA A 30 -19.05 -13.50 -42.27
CA ALA A 30 -17.80 -13.90 -42.92
C ALA A 30 -16.59 -13.30 -42.23
N LEU A 31 -16.81 -12.44 -41.22
CA LEU A 31 -15.74 -11.72 -40.55
C LEU A 31 -15.00 -12.65 -39.58
N PRO A 32 -13.79 -12.27 -39.17
CA PRO A 32 -13.05 -13.05 -38.17
C PRO A 32 -13.87 -13.43 -36.95
N TYR A 33 -13.79 -14.71 -36.58
CA TYR A 33 -14.49 -15.25 -35.42
C TYR A 33 -16.02 -15.12 -35.51
N GLY A 34 -16.58 -14.83 -36.70
CA GLY A 34 -18.00 -14.54 -36.82
C GLY A 34 -18.42 -13.22 -36.19
N LEU A 35 -17.49 -12.29 -35.97
CA LEU A 35 -17.82 -10.92 -35.55
C LEU A 35 -18.94 -10.40 -36.42
N PRO A 36 -20.06 -9.94 -35.81
CA PRO A 36 -21.15 -9.52 -36.70
C PRO A 36 -20.76 -8.31 -37.58
N PRO A 37 -21.29 -8.23 -38.80
CA PRO A 37 -20.96 -7.14 -39.72
C PRO A 37 -21.63 -5.81 -39.36
N PHE A 38 -21.19 -5.20 -38.25
CA PHE A 38 -21.84 -4.00 -37.73
C PHE A 38 -21.90 -2.82 -38.70
N ALA A 39 -20.90 -2.68 -39.56
CA ALA A 39 -20.87 -1.64 -40.58
C ALA A 39 -22.03 -1.76 -41.56
N GLU A 40 -22.53 -2.97 -41.77
CA GLU A 40 -23.61 -3.27 -42.71
C GLU A 40 -25.00 -3.31 -42.05
N ILE A 41 -25.05 -3.45 -40.72
CA ILE A 41 -26.31 -3.59 -39.97
C ILE A 41 -26.92 -2.24 -39.61
N ARG A 42 -28.21 -2.10 -39.88
CA ARG A 42 -28.99 -0.90 -39.63
C ARG A 42 -30.31 -1.36 -38.99
N GLU A 43 -30.98 -0.42 -38.32
CA GLU A 43 -32.18 -0.73 -37.52
C GLU A 43 -33.32 -1.33 -38.37
N GLU A 44 -33.42 -0.91 -39.64
CA GLU A 44 -34.40 -1.50 -40.58
C GLU A 44 -34.20 -2.98 -40.87
N HIS A 45 -33.02 -3.53 -40.57
CA HIS A 45 -32.83 -4.97 -40.70
C HIS A 45 -33.43 -5.82 -39.56
N TYR A 46 -33.67 -5.24 -38.39
CA TYR A 46 -34.05 -6.08 -37.22
C TYR A 46 -35.40 -6.83 -37.37
N VAL A 47 -36.49 -6.10 -37.62
CA VAL A 47 -37.84 -6.71 -37.71
C VAL A 47 -37.86 -7.82 -38.77
N PRO A 48 -37.41 -7.55 -40.01
CA PRO A 48 -37.49 -8.65 -41.01
C PRO A 48 -36.64 -9.89 -40.67
N ALA A 49 -35.53 -9.70 -39.97
CA ALA A 49 -34.69 -10.83 -39.55
C ALA A 49 -35.30 -11.57 -38.36
N PHE A 50 -35.95 -10.87 -37.44
CA PHE A 50 -36.70 -11.55 -36.39
C PHE A 50 -37.85 -12.38 -37.00
N GLU A 51 -38.54 -11.80 -37.97
CA GLU A 51 -39.69 -12.47 -38.60
C GLU A 51 -39.23 -13.71 -39.34
N ARG A 52 -38.16 -13.59 -40.12
CA ARG A 52 -37.56 -14.77 -40.80
C ARG A 52 -37.01 -15.77 -39.79
N GLY A 53 -36.30 -15.26 -38.78
CA GLY A 53 -35.73 -16.13 -37.76
C GLY A 53 -36.76 -17.00 -37.09
N MET A 54 -37.87 -16.37 -36.67
CA MET A 54 -38.95 -17.11 -36.05
C MET A 54 -39.64 -18.09 -37.02
N ALA A 55 -39.92 -17.64 -38.22
CA ALA A 55 -40.55 -18.49 -39.24
C ALA A 55 -39.69 -19.70 -39.55
N GLU A 56 -38.41 -19.46 -39.82
CA GLU A 56 -37.51 -20.56 -40.13
C GLU A 56 -37.35 -21.50 -38.96
N GLN A 57 -37.30 -21.00 -37.72
CA GLN A 57 -37.21 -21.93 -36.58
C GLN A 57 -38.50 -22.71 -36.32
N LEU A 58 -39.65 -22.06 -36.51
CA LEU A 58 -40.94 -22.75 -36.39
C LEU A 58 -41.03 -23.93 -37.37
N ALA A 59 -40.68 -23.67 -38.63
CA ALA A 59 -40.60 -24.72 -39.66
C ALA A 59 -39.64 -25.87 -39.25
N GLU A 60 -38.44 -25.54 -38.77
CA GLU A 60 -37.48 -26.55 -38.30
C GLU A 60 -38.07 -27.42 -37.20
N VAL A 61 -38.76 -26.80 -36.25
CA VAL A 61 -39.31 -27.54 -35.12
C VAL A 61 -40.46 -28.42 -35.61
N GLU A 62 -41.27 -27.90 -36.53
CA GLU A 62 -42.40 -28.65 -37.08
C GLU A 62 -41.88 -29.89 -37.83
N ALA A 63 -40.81 -29.71 -38.60
CA ALA A 63 -40.14 -30.86 -39.24
C ALA A 63 -39.60 -31.90 -38.24
N ILE A 64 -39.02 -31.46 -37.12
CA ILE A 64 -38.58 -32.38 -36.08
C ILE A 64 -39.77 -33.08 -35.43
N ALA A 65 -40.75 -32.29 -35.00
CA ALA A 65 -41.93 -32.81 -34.29
C ALA A 65 -42.71 -33.81 -35.13
N GLY A 66 -42.84 -33.52 -36.43
CA GLY A 66 -43.55 -34.39 -37.36
C GLY A 66 -42.66 -35.28 -38.22
N ASP A 67 -41.42 -35.53 -37.78
CA ASP A 67 -40.47 -36.43 -38.46
C ASP A 67 -40.99 -37.86 -38.43
N THR A 68 -41.12 -38.48 -39.60
CA THR A 68 -41.63 -39.87 -39.70
C THR A 68 -40.61 -40.93 -39.30
N GLU A 69 -39.32 -40.55 -39.27
CA GLU A 69 -38.26 -41.48 -38.90
C GLU A 69 -38.29 -41.62 -37.37
N ALA A 70 -37.77 -42.74 -36.85
CA ALA A 70 -37.81 -42.99 -35.41
C ALA A 70 -37.00 -41.93 -34.63
N PRO A 71 -37.46 -41.57 -33.40
CA PRO A 71 -36.81 -40.51 -32.62
C PRO A 71 -35.44 -40.91 -32.06
N THR A 72 -34.43 -40.08 -32.35
CA THR A 72 -33.07 -40.31 -31.88
C THR A 72 -32.56 -39.01 -31.24
N PHE A 73 -31.52 -39.11 -30.43
CA PHE A 73 -30.81 -37.89 -29.96
C PHE A 73 -30.50 -36.94 -31.13
N ASP A 74 -29.93 -37.48 -32.22
CA ASP A 74 -29.57 -36.63 -33.34
C ASP A 74 -30.72 -35.89 -34.03
N ASN A 75 -31.80 -36.59 -34.36
CA ASN A 75 -32.90 -35.99 -35.14
C ASN A 75 -33.93 -35.25 -34.29
N THR A 76 -33.75 -35.29 -32.96
CA THR A 76 -34.57 -34.53 -32.01
C THR A 76 -33.75 -33.47 -31.21
N VAL A 77 -32.94 -33.91 -30.24
CA VAL A 77 -32.23 -32.98 -29.33
C VAL A 77 -31.16 -32.17 -30.07
N ALA A 78 -30.25 -32.86 -30.78
CA ALA A 78 -29.23 -32.16 -31.56
C ALA A 78 -29.87 -31.33 -32.67
N ALA A 79 -30.96 -31.83 -33.27
CA ALA A 79 -31.71 -31.05 -34.26
C ALA A 79 -32.24 -29.70 -33.74
N LEU A 80 -32.78 -29.72 -32.54
CA LEU A 80 -33.21 -28.49 -31.88
C LEU A 80 -32.00 -27.57 -31.59
N GLU A 81 -30.86 -28.15 -31.24
CA GLU A 81 -29.62 -27.33 -31.01
C GLU A 81 -29.14 -26.64 -32.29
N ARG A 82 -29.27 -27.34 -33.42
CA ARG A 82 -28.97 -26.77 -34.74
C ARG A 82 -29.94 -25.70 -35.21
N SER A 83 -31.18 -25.69 -34.71
CA SER A 83 -32.19 -24.78 -35.21
C SER A 83 -31.97 -23.35 -34.78
N GLY A 84 -32.66 -22.44 -35.47
CA GLY A 84 -32.76 -21.04 -35.06
C GLY A 84 -31.54 -20.17 -35.35
N GLN A 85 -30.83 -20.45 -36.44
CA GLN A 85 -29.56 -19.76 -36.70
C GLN A 85 -29.74 -18.29 -37.01
N VAL A 86 -30.73 -17.96 -37.85
CA VAL A 86 -30.99 -16.56 -38.15
C VAL A 86 -31.47 -15.86 -36.89
N LEU A 87 -32.37 -16.51 -36.15
CA LEU A 87 -32.92 -15.89 -34.96
C LEU A 87 -31.82 -15.62 -33.95
N THR A 88 -30.91 -16.58 -33.79
CA THR A 88 -29.75 -16.42 -32.90
C THR A 88 -28.89 -15.20 -33.28
N ARG A 89 -28.55 -15.09 -34.57
CA ARG A 89 -27.80 -13.95 -35.10
C ARG A 89 -28.45 -12.60 -34.85
N VAL A 90 -29.73 -12.44 -35.19
CA VAL A 90 -30.37 -11.15 -34.99
C VAL A 90 -30.51 -10.85 -33.49
N SER A 91 -30.84 -11.89 -32.71
CA SER A 91 -30.98 -11.72 -31.27
C SER A 91 -29.66 -11.23 -30.65
N ALA A 92 -28.53 -11.84 -31.02
CA ALA A 92 -27.22 -11.47 -30.44
C ALA A 92 -26.94 -9.96 -30.59
N VAL A 93 -27.19 -9.41 -31.78
CA VAL A 93 -26.92 -8.01 -32.04
C VAL A 93 -28.00 -7.11 -31.42
N PHE A 94 -29.27 -7.47 -31.59
CA PHE A 94 -30.36 -6.61 -31.13
C PHE A 94 -30.30 -6.42 -29.63
N PHE A 95 -30.13 -7.52 -28.88
CA PHE A 95 -30.06 -7.37 -27.42
C PHE A 95 -28.78 -6.75 -26.92
N ASN A 96 -27.69 -6.93 -27.65
CA ASN A 96 -26.48 -6.19 -27.34
C ASN A 96 -26.72 -4.67 -27.46
N GLN A 97 -27.29 -4.22 -28.58
CA GLN A 97 -27.61 -2.81 -28.80
C GLN A 97 -28.66 -2.28 -27.81
N SER A 98 -29.66 -3.08 -27.48
CA SER A 98 -30.72 -2.57 -26.62
C SER A 98 -30.20 -2.27 -25.19
N SER A 99 -29.18 -3.00 -24.77
CA SER A 99 -28.49 -2.72 -23.49
C SER A 99 -27.52 -1.57 -23.57
N SER A 100 -26.67 -1.60 -24.60
CA SER A 100 -25.50 -0.75 -24.69
C SER A 100 -25.67 0.60 -25.45
N ASP A 101 -26.56 0.65 -26.46
CA ASP A 101 -26.63 1.83 -27.33
C ASP A 101 -28.01 1.98 -27.98
N THR A 102 -29.02 2.10 -27.14
CA THR A 102 -30.39 2.08 -27.60
C THR A 102 -30.79 3.46 -28.15
N ASN A 103 -31.96 3.48 -28.75
CA ASN A 103 -32.55 4.69 -29.26
C ASN A 103 -34.06 4.47 -29.35
N PRO A 104 -34.85 5.54 -29.57
CA PRO A 104 -36.30 5.37 -29.60
C PRO A 104 -36.79 4.29 -30.59
N THR A 105 -36.13 4.15 -31.74
CA THR A 105 -36.49 3.13 -32.72
C THR A 105 -36.25 1.73 -32.22
N VAL A 106 -35.08 1.49 -31.64
CA VAL A 106 -34.79 0.18 -31.03
C VAL A 106 -35.84 -0.18 -29.95
N GLN A 107 -36.20 0.80 -29.12
CA GLN A 107 -37.20 0.62 -28.05
C GLN A 107 -38.62 0.32 -28.57
N GLU A 108 -38.99 0.91 -29.71
CA GLU A 108 -40.24 0.56 -30.40
C GLU A 108 -40.21 -0.85 -30.94
N ILE A 109 -39.09 -1.24 -31.55
CA ILE A 109 -38.92 -2.61 -32.05
C ILE A 109 -39.00 -3.58 -30.87
N GLN A 110 -38.36 -3.22 -29.76
CA GLN A 110 -38.44 -4.01 -28.51
C GLN A 110 -39.90 -4.27 -28.08
N LYS A 111 -40.71 -3.21 -28.06
CA LYS A 111 -42.15 -3.31 -27.71
C LYS A 111 -42.93 -4.30 -28.58
N GLN A 112 -42.61 -4.32 -29.88
CA GLN A 112 -43.29 -5.19 -30.84
C GLN A 112 -42.79 -6.62 -30.81
N ILE A 113 -41.47 -6.79 -30.78
CA ILE A 113 -40.86 -8.10 -30.95
C ILE A 113 -40.84 -8.92 -29.68
N ILE A 114 -40.57 -8.32 -28.52
CA ILE A 114 -40.46 -9.13 -27.30
C ILE A 114 -41.68 -10.04 -27.02
N PRO A 115 -42.92 -9.53 -27.15
CA PRO A 115 -44.12 -10.39 -27.02
C PRO A 115 -44.16 -11.54 -28.04
N LYS A 116 -43.76 -11.27 -29.28
CA LYS A 116 -43.67 -12.31 -30.31
C LYS A 116 -42.64 -13.38 -29.97
N LEU A 117 -41.47 -12.97 -29.45
CA LEU A 117 -40.43 -13.92 -29.06
C LEU A 117 -40.88 -14.80 -27.91
N THR A 118 -41.60 -14.21 -26.96
CA THR A 118 -42.16 -15.00 -25.84
C THR A 118 -43.17 -16.05 -26.36
N GLN A 119 -44.06 -15.62 -27.24
CA GLN A 119 -45.06 -16.50 -27.84
C GLN A 119 -44.39 -17.54 -28.72
N HIS A 120 -43.31 -17.14 -29.40
CA HIS A 120 -42.47 -18.07 -30.14
C HIS A 120 -41.83 -19.19 -29.28
N GLY A 121 -41.17 -18.80 -28.19
CA GLY A 121 -40.59 -19.78 -27.27
C GLY A 121 -41.61 -20.74 -26.71
N ASP A 122 -42.80 -20.21 -26.41
CA ASP A 122 -43.89 -21.03 -25.90
C ASP A 122 -44.49 -21.93 -26.97
N ALA A 123 -44.56 -21.46 -28.23
CA ALA A 123 -45.00 -22.32 -29.34
C ALA A 123 -44.12 -23.56 -29.46
N ILE A 124 -42.82 -23.40 -29.17
CA ILE A 124 -41.89 -24.52 -29.19
C ILE A 124 -41.97 -25.37 -27.92
N HIS A 125 -41.89 -24.75 -26.74
CA HIS A 125 -41.92 -25.54 -25.50
C HIS A 125 -43.23 -26.28 -25.23
N LEU A 126 -44.34 -25.72 -25.75
CA LEU A 126 -45.68 -26.31 -25.56
C LEU A 126 -46.17 -27.06 -26.81
N ASN A 127 -45.24 -27.43 -27.67
CA ASN A 127 -45.50 -28.33 -28.78
C ASN A 127 -45.56 -29.72 -28.18
N ARG A 128 -46.76 -30.31 -28.14
CA ARG A 128 -46.97 -31.61 -27.52
C ARG A 128 -46.24 -32.80 -28.21
N PRO A 129 -46.34 -32.91 -29.56
CA PRO A 129 -45.59 -33.99 -30.22
C PRO A 129 -44.07 -33.83 -30.13
N LEU A 130 -43.58 -32.61 -30.04
CA LEU A 130 -42.15 -32.39 -29.84
C LEU A 130 -41.69 -32.97 -28.51
N PHE A 131 -42.40 -32.62 -27.43
CA PHE A 131 -42.07 -33.12 -26.11
C PHE A 131 -42.20 -34.65 -25.96
N ALA A 132 -43.22 -35.23 -26.60
CA ALA A 132 -43.39 -36.68 -26.58
C ALA A 132 -42.19 -37.37 -27.25
N ARG A 133 -41.74 -36.79 -28.36
CA ARG A 133 -40.51 -37.21 -29.06
C ARG A 133 -39.27 -37.20 -28.15
N ILE A 134 -39.04 -36.09 -27.45
CA ILE A 134 -37.88 -35.97 -26.55
C ILE A 134 -37.93 -37.03 -25.45
N LYS A 135 -39.12 -37.29 -24.93
CA LYS A 135 -39.33 -38.31 -23.90
C LYS A 135 -39.04 -39.73 -24.40
N GLN A 136 -39.13 -39.97 -25.71
CA GLN A 136 -38.82 -41.30 -26.29
C GLN A 136 -37.32 -41.62 -26.44
N ILE A 137 -36.45 -40.64 -26.22
CA ILE A 137 -35.02 -40.86 -26.37
C ILE A 137 -34.47 -41.46 -25.08
N SER A 138 -33.79 -42.59 -25.18
CA SER A 138 -33.14 -43.18 -24.00
C SER A 138 -31.68 -42.70 -23.88
N PRO A 139 -31.11 -42.72 -22.66
CA PRO A 139 -29.69 -42.39 -22.47
C PRO A 139 -28.68 -43.34 -23.08
N ASP A 140 -29.10 -44.56 -23.45
CA ASP A 140 -28.18 -45.62 -23.86
C ASP A 140 -27.27 -45.23 -25.03
N GLY A 141 -25.96 -45.39 -24.83
CA GLY A 141 -24.96 -45.11 -25.86
C GLY A 141 -24.63 -43.62 -26.08
N LEU A 142 -25.05 -42.76 -25.15
CA LEU A 142 -24.73 -41.34 -25.21
C LEU A 142 -23.51 -41.05 -24.34
N ASP A 143 -22.64 -40.15 -24.81
CA ASP A 143 -21.53 -39.70 -23.97
C ASP A 143 -22.07 -38.82 -22.84
N ALA A 144 -21.19 -38.46 -21.90
CA ALA A 144 -21.62 -37.73 -20.70
C ALA A 144 -22.41 -36.47 -21.05
N GLU A 145 -21.88 -35.65 -21.96
CA GLU A 145 -22.51 -34.35 -22.24
C GLU A 145 -23.85 -34.54 -22.94
N GLN A 146 -23.95 -35.56 -23.80
CA GLN A 146 -25.21 -35.84 -24.51
C GLN A 146 -26.32 -36.25 -23.55
N ALA A 147 -25.98 -37.12 -22.60
CA ALA A 147 -26.96 -37.56 -21.59
C ALA A 147 -27.37 -36.40 -20.69
N TRP A 148 -26.43 -35.50 -20.43
CA TRP A 148 -26.68 -34.29 -19.63
C TRP A 148 -27.57 -33.33 -20.42
N LEU A 149 -27.36 -33.22 -21.73
CA LEU A 149 -28.23 -32.37 -22.54
C LEU A 149 -29.66 -32.89 -22.61
N LEU A 150 -29.80 -34.20 -22.74
CA LEU A 150 -31.13 -34.82 -22.78
C LEU A 150 -31.92 -34.44 -21.51
N GLU A 151 -31.32 -34.68 -20.34
CA GLU A 151 -31.93 -34.31 -19.05
C GLU A 151 -32.29 -32.83 -18.98
N ARG A 152 -31.35 -32.00 -19.47
CA ARG A 152 -31.53 -30.56 -19.49
C ARG A 152 -32.70 -30.19 -20.38
N TYR A 153 -32.86 -30.87 -21.52
CA TYR A 153 -33.95 -30.55 -22.42
C TYR A 153 -35.30 -30.88 -21.77
N VAL A 154 -35.36 -32.05 -21.11
CA VAL A 154 -36.59 -32.48 -20.42
C VAL A 154 -36.94 -31.43 -19.35
N THR A 155 -35.94 -31.05 -18.56
CA THR A 155 -36.11 -30.01 -17.52
C THR A 155 -36.59 -28.68 -18.13
N ASP A 156 -35.89 -28.17 -19.14
CA ASP A 156 -36.34 -26.94 -19.82
C ASP A 156 -37.80 -27.00 -20.28
N PHE A 157 -38.20 -28.10 -20.91
CA PHE A 157 -39.61 -28.25 -21.36
C PHE A 157 -40.62 -28.33 -20.19
N VAL A 158 -40.31 -29.10 -19.15
CA VAL A 158 -41.19 -29.23 -17.97
C VAL A 158 -41.31 -27.88 -17.25
N ARG A 159 -40.17 -27.22 -17.05
CA ARG A 159 -40.16 -25.88 -16.47
C ARG A 159 -40.90 -24.81 -17.29
N ALA A 160 -41.07 -25.02 -18.59
CA ALA A 160 -41.82 -24.11 -19.45
C ALA A 160 -43.30 -24.49 -19.62
N GLY A 161 -43.76 -25.51 -18.91
CA GLY A 161 -45.19 -25.90 -18.92
C GLY A 161 -45.62 -27.06 -19.83
N ALA A 162 -44.66 -27.85 -20.30
CA ALA A 162 -44.96 -28.95 -21.27
C ALA A 162 -45.91 -30.03 -20.71
N GLU A 163 -45.85 -30.26 -19.40
CA GLU A 163 -46.71 -31.25 -18.72
C GLU A 163 -48.04 -30.71 -18.16
N LEU A 164 -48.34 -29.43 -18.39
CA LEU A 164 -49.65 -28.87 -18.02
C LEU A 164 -50.71 -29.26 -19.04
N GLY A 165 -51.97 -29.39 -18.57
CA GLY A 165 -53.13 -29.45 -19.48
C GLY A 165 -53.29 -28.20 -20.31
N ALA A 166 -54.14 -28.28 -21.33
CA ALA A 166 -54.25 -27.22 -22.35
C ALA A 166 -54.85 -25.90 -21.86
N GLY A 167 -55.77 -25.95 -20.90
CA GLY A 167 -56.30 -24.72 -20.31
C GLY A 167 -55.23 -23.97 -19.52
N ASP A 168 -54.46 -24.73 -18.76
CA ASP A 168 -53.34 -24.20 -18.00
C ASP A 168 -52.21 -23.68 -18.89
N GLN A 169 -51.99 -24.34 -20.02
CA GLN A 169 -51.03 -23.86 -21.04
C GLN A 169 -51.50 -22.54 -21.64
N GLU A 170 -52.80 -22.44 -21.90
CA GLU A 170 -53.36 -21.22 -22.45
C GLU A 170 -53.15 -20.02 -21.49
N ARG A 171 -53.39 -20.22 -20.20
N ARG A 171 -53.40 -20.26 -20.21
CA ARG A 171 -53.18 -19.15 -19.21
CA ARG A 171 -53.21 -19.26 -19.16
C ARG A 171 -51.70 -18.80 -19.06
C ARG A 171 -51.73 -18.84 -19.04
N LEU A 172 -50.85 -19.83 -19.03
CA LEU A 172 -49.38 -19.61 -18.98
C LEU A 172 -48.84 -18.77 -20.14
N LYS A 173 -49.30 -19.03 -21.37
CA LYS A 173 -48.94 -18.19 -22.52
C LYS A 173 -49.26 -16.71 -22.31
N ALA A 174 -50.46 -16.45 -21.76
CA ALA A 174 -50.88 -15.09 -21.45
C ALA A 174 -50.02 -14.49 -20.33
N LEU A 175 -49.77 -15.27 -19.28
CA LEU A 175 -48.91 -14.84 -18.17
C LEU A 175 -47.49 -14.45 -18.66
N ASN A 176 -46.87 -15.34 -19.44
CA ASN A 176 -45.52 -15.09 -19.95
C ASN A 176 -45.46 -13.83 -20.80
N GLU A 177 -46.45 -13.66 -21.69
CA GLU A 177 -46.45 -12.48 -22.58
C GLU A 177 -46.60 -11.20 -21.77
N GLU A 178 -47.51 -11.18 -20.79
CA GLU A 178 -47.66 -9.99 -19.97
C GLU A 178 -46.39 -9.72 -19.18
N LEU A 179 -45.77 -10.75 -18.59
CA LEU A 179 -44.49 -10.57 -17.87
C LEU A 179 -43.39 -9.95 -18.75
N SER A 180 -43.21 -10.46 -19.97
CA SER A 180 -42.14 -9.91 -20.84
C SER A 180 -42.41 -8.45 -21.22
N THR A 181 -43.66 -8.13 -21.49
CA THR A 181 -44.08 -6.75 -21.77
C THR A 181 -43.83 -5.79 -20.60
N LEU A 182 -44.20 -6.23 -19.40
CA LEU A 182 -43.99 -5.45 -18.18
C LEU A 182 -42.52 -5.22 -17.85
N SER A 183 -41.70 -6.26 -17.99
CA SER A 183 -40.24 -6.12 -17.79
C SER A 183 -39.62 -5.14 -18.79
N THR A 184 -40.04 -5.20 -20.07
CA THR A 184 -39.61 -4.21 -21.08
C THR A 184 -40.00 -2.78 -20.72
N ARG A 185 -41.24 -2.60 -20.24
CA ARG A 185 -41.69 -1.28 -19.80
C ARG A 185 -40.85 -0.81 -18.62
N PHE A 186 -40.51 -1.73 -17.72
CA PHE A 186 -39.70 -1.36 -16.52
C PHE A 186 -38.36 -0.76 -16.95
N GLU A 187 -37.68 -1.43 -17.89
CA GLU A 187 -36.35 -1.02 -18.36
C GLU A 187 -36.42 0.33 -19.09
N GLN A 188 -37.44 0.52 -19.91
CA GLN A 188 -37.56 1.78 -20.66
C GLN A 188 -37.91 2.92 -19.71
N ASN A 189 -38.82 2.68 -18.78
CA ASN A 189 -39.13 3.68 -17.73
C ASN A 189 -37.85 4.05 -16.99
N LEU A 190 -37.08 3.04 -16.57
CA LEU A 190 -35.92 3.29 -15.71
C LEU A 190 -34.84 4.04 -16.46
N LEU A 191 -34.59 3.69 -17.73
CA LEU A 191 -33.64 4.44 -18.54
C LEU A 191 -34.07 5.91 -18.71
N ALA A 192 -35.32 6.16 -19.04
CA ALA A 192 -35.83 7.53 -19.24
C ALA A 192 -35.71 8.38 -17.96
N HIS A 193 -36.19 7.84 -16.84
CA HIS A 193 -36.15 8.53 -15.55
C HIS A 193 -34.72 8.72 -15.01
N THR A 194 -33.87 7.70 -15.15
CA THR A 194 -32.47 7.84 -14.75
C THR A 194 -31.80 9.00 -15.48
N ASN A 195 -31.92 9.00 -16.81
CA ASN A 195 -31.36 10.05 -17.66
C ASN A 195 -31.88 11.44 -17.27
N ALA A 196 -33.19 11.54 -17.06
CA ALA A 196 -33.83 12.81 -16.70
C ALA A 196 -33.50 13.25 -15.27
N SER A 197 -33.07 12.34 -14.41
CA SER A 197 -32.71 12.66 -13.03
C SER A 197 -31.20 12.97 -12.85
N ALA A 198 -30.44 13.00 -13.96
CA ALA A 198 -29.04 13.45 -13.92
C ALA A 198 -28.97 14.85 -13.30
N VAL A 199 -28.06 15.04 -12.37
CA VAL A 199 -28.04 16.25 -11.58
C VAL A 199 -27.25 17.32 -12.30
N ILE A 200 -27.90 18.48 -12.49
CA ILE A 200 -27.29 19.62 -13.18
C ILE A 200 -26.78 20.63 -12.16
N VAL A 201 -25.53 21.06 -12.32
CA VAL A 201 -24.92 22.06 -11.46
C VAL A 201 -24.51 23.26 -12.35
N ASP A 202 -24.95 24.46 -11.97
CA ASP A 202 -24.62 25.68 -12.72
C ASP A 202 -23.30 26.30 -12.29
N ASP A 203 -23.01 26.26 -10.98
CA ASP A 203 -21.82 26.88 -10.41
C ASP A 203 -20.76 25.85 -9.98
N VAL A 204 -19.59 25.89 -10.63
CA VAL A 204 -18.47 25.00 -10.30
C VAL A 204 -18.03 25.05 -8.83
N ALA A 205 -18.27 26.17 -8.16
CA ALA A 205 -18.07 26.28 -6.71
C ALA A 205 -18.80 25.18 -5.93
N GLN A 206 -19.97 24.77 -6.43
CA GLN A 206 -20.72 23.69 -5.78
C GLN A 206 -20.07 22.31 -5.93
N LEU A 207 -19.04 22.17 -6.76
CA LEU A 207 -18.30 20.90 -6.87
C LEU A 207 -17.04 20.87 -6.04
N ASP A 208 -16.90 21.80 -5.11
CA ASP A 208 -15.75 21.82 -4.19
C ASP A 208 -15.55 20.44 -3.57
N GLY A 209 -14.31 19.95 -3.67
CA GLY A 209 -13.91 18.66 -3.13
C GLY A 209 -13.70 17.63 -4.23
N LEU A 210 -14.42 17.81 -5.34
CA LEU A 210 -14.38 16.86 -6.44
C LEU A 210 -13.03 16.93 -7.11
N SER A 211 -12.44 15.78 -7.45
CA SER A 211 -11.13 15.79 -8.12
C SER A 211 -11.25 16.58 -9.45
N ASP A 212 -10.13 17.15 -9.88
CA ASP A 212 -10.08 17.96 -11.10
CA ASP A 212 -10.16 17.98 -11.09
C ASP A 212 -10.57 17.19 -12.34
N ASP A 213 -10.18 15.92 -12.44
CA ASP A 213 -10.58 15.13 -13.61
C ASP A 213 -12.09 14.89 -13.62
N SER A 214 -12.67 14.68 -12.44
CA SER A 214 -14.12 14.53 -12.32
C SER A 214 -14.87 15.81 -12.67
N VAL A 215 -14.31 16.97 -12.32
CA VAL A 215 -14.95 18.23 -12.72
C VAL A 215 -14.97 18.33 -14.25
N LYS A 216 -13.85 17.97 -14.86
CA LYS A 216 -13.72 18.00 -16.32
C LYS A 216 -14.69 17.03 -17.02
N ALA A 217 -14.85 15.83 -16.44
CA ALA A 217 -15.79 14.83 -16.94
C ALA A 217 -17.25 15.31 -16.85
N ALA A 218 -17.56 16.02 -15.76
CA ALA A 218 -18.90 16.56 -15.54
C ALA A 218 -19.20 17.70 -16.55
N ALA A 219 -18.19 18.50 -16.88
CA ALA A 219 -18.36 19.50 -17.96
C ALA A 219 -18.51 18.86 -19.34
N GLU A 220 -17.79 17.76 -19.57
CA GLU A 220 -17.88 17.01 -20.83
C GLU A 220 -19.27 16.33 -20.96
N THR A 221 -19.77 15.79 -19.86
CA THR A 221 -21.09 15.20 -19.85
C THR A 221 -22.15 16.26 -20.17
N ALA A 222 -21.99 17.44 -19.58
CA ALA A 222 -22.89 18.56 -19.82
C ALA A 222 -22.92 18.93 -21.30
N LYS A 223 -21.72 19.08 -21.88
CA LYS A 223 -21.57 19.38 -23.30
C LYS A 223 -22.26 18.33 -24.18
N SER A 224 -22.10 17.05 -23.83
CA SER A 224 -22.62 15.96 -24.65
C SER A 224 -24.13 15.82 -24.55
N ARG A 225 -24.71 16.29 -23.44
CA ARG A 225 -26.13 16.17 -23.19
C ARG A 225 -26.84 17.54 -23.42
N GLY A 226 -26.20 18.45 -24.15
CA GLY A 226 -26.86 19.67 -24.64
C GLY A 226 -26.96 20.81 -23.66
N LEU A 227 -26.02 20.90 -22.73
CA LEU A 227 -25.98 21.93 -21.69
C LEU A 227 -24.56 22.48 -21.56
N PRO A 228 -24.03 23.05 -22.67
CA PRO A 228 -22.65 23.56 -22.62
C PRO A 228 -22.48 24.64 -21.54
N GLY A 229 -21.34 24.62 -20.85
CA GLY A 229 -21.06 25.58 -19.78
C GLY A 229 -21.49 25.14 -18.39
N LYS A 230 -22.34 24.12 -18.29
CA LYS A 230 -22.81 23.59 -17.00
C LYS A 230 -22.06 22.30 -16.68
N TYR A 231 -22.45 21.63 -15.60
CA TYR A 231 -21.79 20.39 -15.15
C TYR A 231 -22.90 19.41 -14.84
N VAL A 232 -22.75 18.17 -15.27
CA VAL A 232 -23.80 17.19 -15.10
C VAL A 232 -23.19 15.98 -14.44
N ILE A 233 -23.91 15.47 -13.43
CA ILE A 233 -23.52 14.28 -12.68
C ILE A 233 -24.64 13.27 -12.90
N PRO A 234 -24.42 12.34 -13.87
CA PRO A 234 -25.36 11.26 -14.05
C PRO A 234 -25.35 10.27 -12.88
N LEU A 235 -26.43 9.54 -12.75
CA LEU A 235 -26.60 8.59 -11.65
C LEU A 235 -26.06 7.24 -12.11
N VAL A 236 -25.38 6.56 -11.21
CA VAL A 236 -25.00 5.16 -11.41
C VAL A 236 -26.10 4.25 -10.86
N LEU A 237 -26.05 2.98 -11.25
CA LEU A 237 -27.14 2.02 -10.98
C LEU A 237 -27.49 1.86 -9.48
N PRO A 238 -26.49 1.59 -8.62
CA PRO A 238 -26.82 1.41 -7.20
C PRO A 238 -27.28 2.70 -6.52
N THR A 239 -27.80 2.56 -5.30
CA THR A 239 -28.21 3.70 -4.48
C THR A 239 -27.08 4.68 -4.21
N GLY A 240 -25.92 4.17 -3.79
CA GLY A 240 -24.75 4.99 -3.46
C GLY A 240 -24.12 5.64 -4.69
N GLN A 241 -23.96 6.95 -4.67
CA GLN A 241 -23.38 7.70 -5.78
C GLN A 241 -21.95 8.12 -5.41
N PRO A 242 -20.91 7.77 -6.23
CA PRO A 242 -19.48 8.01 -5.99
C PRO A 242 -19.08 9.40 -5.52
N GLY A 243 -19.66 10.42 -6.15
CA GLY A 243 -19.38 11.81 -5.87
C GLY A 243 -19.55 12.22 -4.42
N LEU A 244 -20.47 11.56 -3.72
CA LEU A 244 -20.74 11.89 -2.29
C LEU A 244 -19.51 11.71 -1.39
N ALA A 245 -18.59 10.85 -1.80
CA ALA A 245 -17.33 10.64 -1.08
C ALA A 245 -16.48 11.91 -0.97
N GLU A 246 -16.57 12.79 -1.96
CA GLU A 246 -15.71 13.97 -2.10
C GLU A 246 -16.41 15.32 -1.93
N LEU A 247 -17.69 15.42 -2.29
CA LEU A 247 -18.37 16.74 -2.39
C LEU A 247 -18.61 17.30 -0.99
N THR A 248 -18.11 18.51 -0.76
CA THR A 248 -18.24 19.17 0.54
C THR A 248 -19.57 19.90 0.69
N ASP A 249 -20.26 20.19 -0.43
CA ASP A 249 -21.54 20.90 -0.38
C ASP A 249 -22.59 19.88 0.03
N ARG A 250 -22.98 19.91 1.31
CA ARG A 250 -23.92 18.92 1.82
C ARG A 250 -25.32 18.98 1.17
N ALA A 251 -25.80 20.18 0.83
CA ALA A 251 -27.05 20.34 0.08
C ALA A 251 -27.02 19.62 -1.29
N LEU A 252 -25.90 19.72 -1.99
CA LEU A 252 -25.71 18.94 -3.24
C LEU A 252 -25.62 17.42 -2.96
N ARG A 253 -24.92 17.00 -1.91
CA ARG A 253 -24.91 15.56 -1.57
C ARG A 253 -26.33 15.03 -1.37
N GLU A 254 -27.15 15.80 -0.65
CA GLU A 254 -28.55 15.42 -0.42
C GLU A 254 -29.36 15.42 -1.74
N ARG A 255 -29.15 16.42 -2.60
CA ARG A 255 -29.87 16.49 -3.86
C ARG A 255 -29.54 15.28 -4.75
N ILE A 256 -28.28 14.88 -4.75
CA ILE A 256 -27.84 13.71 -5.54
C ILE A 256 -28.47 12.43 -4.94
N HIS A 257 -28.42 12.31 -3.62
CA HIS A 257 -28.96 11.15 -2.95
C HIS A 257 -30.47 10.99 -3.19
N ARG A 258 -31.21 12.10 -3.13
CA ARG A 258 -32.63 12.11 -3.42
C ARG A 258 -32.97 11.78 -4.87
N ALA A 259 -32.17 12.28 -5.81
CA ALA A 259 -32.32 11.92 -7.22
C ALA A 259 -32.09 10.41 -7.39
N SER A 260 -31.12 9.85 -6.68
CA SER A 260 -30.88 8.40 -6.73
C SER A 260 -32.05 7.54 -6.23
N ILE A 261 -32.52 7.85 -5.03
CA ILE A 261 -33.51 7.01 -4.37
C ILE A 261 -34.93 7.14 -4.94
N GLN A 262 -35.21 8.19 -5.71
CA GLN A 262 -36.52 8.39 -6.33
C GLN A 262 -36.64 7.81 -7.74
N ARG A 263 -35.59 7.12 -8.20
CA ARG A 263 -35.65 6.50 -9.52
C ARG A 263 -36.75 5.45 -9.60
N GLY A 264 -37.51 5.48 -10.69
CA GLY A 264 -38.70 4.64 -10.83
C GLY A 264 -39.95 5.07 -10.11
N VAL A 265 -39.90 6.14 -9.33
CA VAL A 265 -41.07 6.57 -8.56
C VAL A 265 -41.88 7.49 -9.44
N PRO A 266 -43.19 7.55 -9.18
CA PRO A 266 -44.18 6.45 -9.26
C PRO A 266 -44.31 5.45 -10.41
N ASP A 267 -43.77 5.71 -11.58
CA ASP A 267 -44.14 4.92 -12.77
C ASP A 267 -43.79 3.43 -12.69
N ASN A 268 -42.75 3.06 -11.95
CA ASN A 268 -42.45 1.64 -11.78
C ASN A 268 -43.17 0.97 -10.61
N GLU A 269 -43.90 1.69 -9.78
CA GLU A 269 -44.50 1.07 -8.57
C GLU A 269 -45.58 0.03 -8.90
N GLU A 270 -46.64 0.44 -9.58
CA GLU A 270 -47.72 -0.47 -9.93
C GLU A 270 -47.25 -1.57 -10.89
N LEU A 271 -46.24 -1.25 -11.70
CA LEU A 271 -45.63 -2.20 -12.61
C LEU A 271 -44.97 -3.40 -11.92
N ILE A 272 -44.10 -3.16 -10.93
CA ILE A 272 -43.42 -4.28 -10.26
C ILE A 272 -44.37 -5.08 -9.36
N VAL A 273 -45.39 -4.43 -8.79
CA VAL A 273 -46.43 -5.17 -8.04
C VAL A 273 -47.10 -6.19 -8.97
N ARG A 274 -47.40 -5.75 -10.19
CA ARG A 274 -48.02 -6.60 -11.19
C ARG A 274 -47.05 -7.72 -11.61
N ILE A 275 -45.78 -7.40 -11.83
CA ILE A 275 -44.80 -8.43 -12.17
C ILE A 275 -44.71 -9.47 -11.08
N ALA A 276 -44.62 -9.03 -9.82
CA ALA A 276 -44.46 -9.97 -8.70
C ALA A 276 -45.69 -10.86 -8.56
N THR A 277 -46.85 -10.25 -8.79
CA THR A 277 -48.13 -10.98 -8.69
C THR A 277 -48.25 -12.07 -9.74
N LEU A 278 -47.89 -11.72 -10.98
CA LEU A 278 -47.92 -12.65 -12.09
C LEU A 278 -46.84 -13.75 -11.94
N ARG A 279 -45.65 -13.42 -11.42
CA ARG A 279 -44.64 -14.45 -11.12
C ARG A 279 -45.19 -15.48 -10.11
N ALA A 280 -45.84 -14.99 -9.06
CA ALA A 280 -46.49 -15.90 -8.09
C ALA A 280 -47.58 -16.78 -8.75
N GLU A 281 -48.44 -16.19 -9.58
CA GLU A 281 -49.49 -16.97 -10.26
C GLU A 281 -48.85 -18.06 -11.13
N ARG A 282 -47.85 -17.67 -11.91
CA ARG A 282 -47.12 -18.60 -12.78
C ARG A 282 -46.45 -19.77 -12.03
N ALA A 283 -45.75 -19.46 -10.95
CA ALA A 283 -45.08 -20.47 -10.14
C ALA A 283 -46.06 -21.53 -9.58
N LYS A 284 -47.19 -21.08 -9.08
CA LYS A 284 -48.25 -22.00 -8.61
C LYS A 284 -48.79 -22.87 -9.75
N LEU A 285 -49.03 -22.25 -10.90
CA LEU A 285 -49.50 -22.96 -12.09
C LEU A 285 -48.54 -24.13 -12.44
N LEU A 286 -47.23 -23.91 -12.26
CA LEU A 286 -46.19 -24.95 -12.48
C LEU A 286 -45.88 -25.85 -11.29
N GLY A 287 -46.65 -25.75 -10.21
CA GLY A 287 -46.51 -26.62 -9.04
C GLY A 287 -45.66 -26.12 -7.88
N TYR A 288 -45.32 -24.82 -7.89
CA TYR A 288 -44.41 -24.25 -6.90
C TYR A 288 -45.13 -23.20 -6.05
N PRO A 289 -44.90 -23.20 -4.75
CA PRO A 289 -45.64 -22.28 -3.86
C PRO A 289 -45.32 -20.78 -4.03
N THR A 290 -44.08 -20.51 -4.48
CA THR A 290 -43.57 -19.16 -4.64
C THR A 290 -42.70 -19.13 -5.88
N HIS A 291 -42.57 -17.96 -6.45
CA HIS A 291 -41.56 -17.77 -7.49
C HIS A 291 -40.16 -18.23 -7.07
N ALA A 292 -39.78 -17.94 -5.83
CA ALA A 292 -38.46 -18.31 -5.34
C ALA A 292 -38.25 -19.83 -5.33
N ALA A 293 -39.29 -20.59 -4.96
CA ALA A 293 -39.19 -22.04 -5.00
C ALA A 293 -39.00 -22.53 -6.46
N TYR A 294 -39.63 -21.88 -7.42
CA TYR A 294 -39.43 -22.18 -8.84
C TYR A 294 -38.00 -21.90 -9.31
N VAL A 295 -37.49 -20.73 -8.92
CA VAL A 295 -36.13 -20.30 -9.29
C VAL A 295 -35.09 -21.24 -8.65
N VAL A 296 -35.19 -21.45 -7.36
CA VAL A 296 -34.25 -22.29 -6.63
C VAL A 296 -34.19 -23.73 -7.15
N ALA A 297 -35.29 -24.24 -7.70
CA ALA A 297 -35.33 -25.55 -8.36
C ALA A 297 -34.35 -25.71 -9.54
N ASP A 298 -33.91 -24.61 -10.19
CA ASP A 298 -32.87 -24.68 -11.22
C ASP A 298 -31.55 -23.97 -10.80
N GLN A 299 -31.42 -23.64 -9.52
CA GLN A 299 -30.20 -23.06 -8.94
C GLN A 299 -29.36 -24.13 -8.26
N THR A 300 -28.10 -23.85 -7.97
CA THR A 300 -27.30 -24.83 -7.20
C THR A 300 -27.74 -24.92 -5.75
N ALA A 301 -28.27 -23.82 -5.21
CA ALA A 301 -28.86 -23.85 -3.87
C ALA A 301 -29.93 -24.94 -3.87
N PRO A 302 -29.93 -25.81 -2.84
CA PRO A 302 -30.85 -26.97 -2.89
C PRO A 302 -32.31 -26.67 -2.55
N THR A 303 -32.54 -25.73 -1.63
CA THR A 303 -33.90 -25.36 -1.19
C THR A 303 -33.98 -23.88 -0.84
N THR A 304 -35.20 -23.35 -0.85
CA THR A 304 -35.43 -21.98 -0.41
C THR A 304 -35.00 -21.83 1.04
N GLU A 305 -35.18 -22.89 1.82
CA GLU A 305 -34.73 -22.95 3.23
C GLU A 305 -33.22 -22.78 3.39
N ALA A 306 -32.43 -23.41 2.51
CA ALA A 306 -30.96 -23.25 2.57
C ALA A 306 -30.54 -21.82 2.31
N VAL A 307 -31.29 -21.13 1.45
CA VAL A 307 -30.97 -19.72 1.14
C VAL A 307 -31.27 -18.84 2.35
N THR A 308 -32.49 -18.92 2.88
CA THR A 308 -32.89 -18.10 4.04
C THR A 308 -32.02 -18.39 5.28
N GLU A 309 -31.61 -19.65 5.46
CA GLU A 309 -30.71 -20.05 6.53
C GLU A 309 -29.29 -19.45 6.40
N MET A 310 -28.72 -19.48 5.20
CA MET A 310 -27.43 -18.85 4.97
C MET A 310 -27.47 -17.36 5.27
N LEU A 311 -28.50 -16.69 4.73
CA LEU A 311 -28.64 -15.25 4.89
C LEU A 311 -28.88 -14.88 6.35
N GLY A 312 -29.68 -15.67 7.07
CA GLY A 312 -29.94 -15.50 8.51
C GLY A 312 -28.72 -15.60 9.41
N LYS A 313 -27.69 -16.32 8.97
CA LYS A 313 -26.43 -16.36 9.69
C LYS A 313 -25.60 -15.11 9.42
N LEU A 314 -25.67 -14.55 8.21
CA LEU A 314 -24.82 -13.44 7.83
C LEU A 314 -25.33 -12.09 8.31
N THR A 315 -26.65 -11.95 8.40
CA THR A 315 -27.26 -10.65 8.60
C THR A 315 -26.98 -10.08 9.99
N PRO A 316 -27.16 -10.88 11.07
CA PRO A 316 -26.89 -10.29 12.39
C PRO A 316 -25.46 -9.74 12.60
N PRO A 317 -24.40 -10.50 12.25
CA PRO A 317 -23.08 -9.88 12.37
C PRO A 317 -22.86 -8.70 11.44
N ALA A 318 -23.44 -8.72 10.24
CA ALA A 318 -23.22 -7.60 9.30
C ALA A 318 -23.84 -6.30 9.85
N VAL A 319 -25.04 -6.41 10.38
CA VAL A 319 -25.73 -5.26 10.98
C VAL A 319 -24.92 -4.73 12.18
N ALA A 320 -24.40 -5.62 13.03
CA ALA A 320 -23.58 -5.19 14.20
C ALA A 320 -22.33 -4.42 13.77
N ASN A 321 -21.67 -4.90 12.71
CA ASN A 321 -20.59 -4.17 12.06
C ASN A 321 -21.03 -2.79 11.57
N ALA A 322 -22.19 -2.72 10.91
CA ALA A 322 -22.69 -1.43 10.39
C ALA A 322 -22.93 -0.44 11.54
N HIS A 323 -23.45 -0.95 12.66
CA HIS A 323 -23.68 -0.10 13.85
C HIS A 323 -22.40 0.45 14.44
N ARG A 324 -21.39 -0.41 14.58
CA ARG A 324 -20.06 0.01 15.01
C ARG A 324 -19.44 1.04 14.07
N GLU A 325 -19.60 0.82 12.75
CA GLU A 325 -19.08 1.78 11.75
C GLU A 325 -19.79 3.13 11.81
N ALA A 326 -21.10 3.11 12.02
CA ALA A 326 -21.88 4.34 12.12
C ALA A 326 -21.43 5.17 13.32
N ASP A 327 -21.15 4.52 14.44
CA ASP A 327 -20.59 5.20 15.64
C ASP A 327 -19.25 5.88 15.33
N GLU A 328 -18.36 5.17 14.63
CA GLU A 328 -17.09 5.75 14.20
C GLU A 328 -17.28 6.96 13.31
N LEU A 329 -18.23 6.92 12.38
CA LEU A 329 -18.46 8.07 11.51
C LEU A 329 -19.08 9.23 12.30
N ARG A 330 -19.99 8.92 13.21
CA ARG A 330 -20.53 9.96 14.10
C ARG A 330 -19.43 10.64 14.94
N GLU A 331 -18.45 9.88 15.42
CA GLU A 331 -17.32 10.46 16.17
C GLU A 331 -16.46 11.36 15.28
N GLN A 332 -16.09 10.86 14.10
CA GLN A 332 -15.40 11.64 13.07
C GLN A 332 -16.04 12.97 12.70
N ALA A 333 -17.35 12.93 12.47
CA ALA A 333 -18.09 14.08 11.97
C ALA A 333 -18.31 15.09 13.09
N GLY A 334 -18.31 14.58 14.32
CA GLY A 334 -18.69 15.36 15.50
C GLY A 334 -20.19 15.49 15.69
N HIS A 335 -21.01 14.89 14.81
CA HIS A 335 -22.47 15.10 14.78
C HIS A 335 -23.24 13.94 14.12
N ASP A 336 -24.58 13.99 14.18
CA ASP A 336 -25.43 12.93 13.62
C ASP A 336 -25.49 12.99 12.10
N LEU A 337 -25.65 11.82 11.49
CA LEU A 337 -25.51 11.70 10.05
C LEU A 337 -26.81 11.38 9.35
N GLU A 338 -26.90 11.80 8.08
CA GLU A 338 -27.94 11.41 7.15
C GLU A 338 -27.33 10.42 6.14
N PRO A 339 -28.15 9.68 5.37
CA PRO A 339 -27.56 8.71 4.42
C PRO A 339 -26.55 9.36 3.46
N TRP A 340 -26.83 10.61 3.08
CA TRP A 340 -25.97 11.35 2.16
C TRP A 340 -24.67 11.85 2.78
N ASP A 341 -24.35 11.48 4.02
CA ASP A 341 -23.10 11.82 4.66
C ASP A 341 -22.18 10.62 4.85
N TRP A 342 -22.69 9.38 4.67
CA TRP A 342 -21.89 8.19 5.02
C TRP A 342 -20.56 8.15 4.28
N SER A 343 -20.60 8.16 2.94
CA SER A 343 -19.39 8.12 2.10
C SER A 343 -18.42 9.23 2.41
N PHE A 344 -18.95 10.44 2.56
CA PHE A 344 -18.16 11.60 2.84
C PHE A 344 -17.32 11.43 4.13
N TYR A 345 -17.94 11.07 5.26
CA TYR A 345 -17.19 10.85 6.48
C TYR A 345 -16.33 9.56 6.45
N ALA A 346 -16.79 8.52 5.75
CA ALA A 346 -15.96 7.35 5.54
C ALA A 346 -14.58 7.69 4.88
N GLU A 347 -14.62 8.56 3.88
CA GLU A 347 -13.39 9.01 3.20
C GLU A 347 -12.48 9.75 4.17
N LYS A 348 -13.07 10.59 5.03
CA LYS A 348 -12.30 11.28 6.06
C LYS A 348 -11.61 10.30 6.99
N VAL A 349 -12.31 9.26 7.40
CA VAL A 349 -11.73 8.25 8.28
C VAL A 349 -10.54 7.55 7.60
N LEU A 350 -10.74 7.16 6.34
CA LEU A 350 -9.66 6.51 5.58
C LEU A 350 -8.41 7.38 5.45
N LYS A 351 -8.60 8.67 5.18
CA LYS A 351 -7.47 9.59 5.07
C LYS A 351 -6.73 9.66 6.41
N GLU A 352 -7.49 9.77 7.49
CA GLU A 352 -6.90 9.85 8.83
C GLU A 352 -6.18 8.54 9.22
N ARG A 353 -6.84 7.40 9.03
CA ARG A 353 -6.30 6.12 9.48
C ARG A 353 -5.19 5.55 8.61
N TYR A 354 -5.33 5.66 7.29
CA TYR A 354 -4.43 5.02 6.34
C TYR A 354 -3.60 5.97 5.49
N ALA A 355 -3.86 7.29 5.60
CA ALA A 355 -3.25 8.30 4.73
C ALA A 355 -3.61 8.13 3.25
N ILE A 356 -4.77 7.53 2.99
CA ILE A 356 -5.27 7.26 1.63
C ILE A 356 -6.39 8.24 1.34
N ASP A 357 -6.13 9.12 0.39
CA ASP A 357 -7.04 10.18 -0.04
C ASP A 357 -7.48 9.74 -1.44
N GLY A 358 -8.78 9.54 -1.65
CA GLY A 358 -9.29 9.12 -2.96
C GLY A 358 -8.80 9.92 -4.16
N ARG A 359 -8.70 11.25 -3.99
CA ARG A 359 -8.17 12.14 -5.02
C ARG A 359 -6.71 11.87 -5.38
N GLN A 360 -5.92 11.44 -4.40
CA GLN A 360 -4.53 11.09 -4.65
C GLN A 360 -4.37 9.63 -5.19
N MET A 361 -5.35 8.76 -4.94
CA MET A 361 -5.32 7.40 -5.51
C MET A 361 -5.67 7.40 -7.00
N ARG A 362 -6.63 8.21 -7.41
CA ARG A 362 -7.11 8.22 -8.83
C ARG A 362 -6.00 8.32 -9.87
N PRO A 363 -4.96 9.18 -9.64
CA PRO A 363 -3.91 9.28 -10.65
C PRO A 363 -3.10 7.99 -10.95
N TYR A 364 -3.19 7.00 -10.08
CA TYR A 364 -2.51 5.71 -10.29
C TYR A 364 -3.31 4.68 -11.06
N PHE A 365 -4.55 5.00 -11.42
CA PHE A 365 -5.46 4.04 -12.03
C PHE A 365 -6.07 4.61 -13.31
N GLU A 366 -5.29 4.59 -14.39
CA GLU A 366 -5.71 5.10 -15.71
C GLU A 366 -6.17 3.90 -16.52
N LEU A 367 -7.28 4.07 -17.22
CA LEU A 367 -7.95 2.98 -17.97
C LEU A 367 -7.00 2.14 -18.79
N ASP A 368 -6.13 2.77 -19.58
CA ASP A 368 -5.29 1.99 -20.51
C ASP A 368 -4.29 1.11 -19.77
N ARG A 369 -3.71 1.66 -18.70
CA ARG A 369 -2.75 0.91 -17.91
C ARG A 369 -3.39 -0.21 -17.08
N VAL A 370 -4.57 0.08 -16.55
CA VAL A 370 -5.33 -0.92 -15.76
C VAL A 370 -5.65 -2.11 -16.68
N LEU A 371 -6.07 -1.79 -17.89
CA LEU A 371 -6.42 -2.81 -18.86
C LEU A 371 -5.22 -3.63 -19.28
N ARG A 372 -4.17 -2.96 -19.73
CA ARG A 372 -2.98 -3.63 -20.26
C ARG A 372 -2.16 -4.32 -19.19
N ASP A 373 -1.86 -3.60 -18.13
CA ASP A 373 -0.91 -4.04 -17.14
C ASP A 373 -1.57 -4.64 -15.90
N GLY A 374 -2.92 -4.63 -15.84
CA GLY A 374 -3.67 -5.29 -14.79
C GLY A 374 -4.50 -6.46 -15.27
N VAL A 375 -5.54 -6.13 -16.02
CA VAL A 375 -6.55 -7.10 -16.42
C VAL A 375 -5.95 -8.11 -17.40
N PHE A 376 -5.38 -7.60 -18.49
CA PHE A 376 -4.76 -8.50 -19.48
C PHE A 376 -3.53 -9.19 -18.91
N HIS A 377 -2.75 -8.44 -18.16
CA HIS A 377 -1.50 -8.94 -17.58
C HIS A 377 -1.74 -10.15 -16.68
N ALA A 378 -2.73 -10.02 -15.79
CA ALA A 378 -3.05 -11.12 -14.90
C ALA A 378 -3.43 -12.36 -15.68
N ALA A 379 -4.26 -12.15 -16.71
CA ALA A 379 -4.73 -13.24 -17.53
C ALA A 379 -3.59 -13.91 -18.27
N THR A 380 -2.61 -13.11 -18.72
CA THR A 380 -1.44 -13.66 -19.36
C THR A 380 -0.57 -14.45 -18.39
N LEU A 381 -0.27 -13.88 -17.21
CA LEU A 381 0.52 -14.66 -16.23
C LEU A 381 -0.19 -15.94 -15.79
N LEU A 382 -1.52 -15.92 -15.64
CA LEU A 382 -2.23 -17.05 -15.11
C LEU A 382 -2.57 -18.11 -16.16
N TYR A 383 -3.05 -17.66 -17.32
CA TYR A 383 -3.54 -18.56 -18.33
C TYR A 383 -2.65 -18.63 -19.56
N GLY A 384 -1.64 -17.76 -19.69
CA GLY A 384 -0.78 -17.74 -20.85
C GLY A 384 -1.39 -17.13 -22.12
N ILE A 385 -2.63 -16.66 -22.06
CA ILE A 385 -3.25 -16.05 -23.23
C ILE A 385 -2.67 -14.66 -23.52
N THR A 386 -2.79 -14.22 -24.78
CA THR A 386 -2.25 -12.94 -25.21
C THR A 386 -3.30 -12.22 -26.06
N PHE A 387 -3.10 -10.92 -26.21
CA PHE A 387 -4.12 -10.02 -26.73
C PHE A 387 -3.52 -9.17 -27.84
N THR A 388 -4.24 -9.02 -28.95
CA THR A 388 -3.84 -8.04 -29.99
C THR A 388 -5.00 -7.10 -30.24
N GLU A 389 -4.80 -5.80 -29.97
CA GLU A 389 -5.85 -4.83 -30.23
C GLU A 389 -5.99 -4.74 -31.73
N ARG A 390 -7.25 -4.65 -32.20
CA ARG A 390 -7.61 -4.54 -33.62
C ARG A 390 -8.45 -3.26 -33.87
N PRO A 391 -7.81 -2.07 -33.84
CA PRO A 391 -8.50 -0.79 -34.16
C PRO A 391 -9.03 -0.69 -35.60
N ASP A 392 -8.60 -1.62 -36.44
CA ASP A 392 -9.14 -1.81 -37.79
C ASP A 392 -10.43 -2.63 -37.89
N LEU A 393 -10.73 -3.49 -36.90
CA LEU A 393 -12.02 -4.21 -36.87
C LEU A 393 -13.12 -3.30 -36.34
N VAL A 394 -14.36 -3.54 -36.75
CA VAL A 394 -15.47 -2.60 -36.52
C VAL A 394 -16.35 -3.17 -35.40
N GLY A 395 -16.37 -2.49 -34.27
CA GLY A 395 -17.38 -2.72 -33.25
C GLY A 395 -18.74 -2.08 -33.53
N TYR A 396 -19.62 -2.21 -32.55
CA TYR A 396 -20.99 -1.79 -32.69
C TYR A 396 -21.19 -0.30 -32.34
N HIS A 397 -20.18 0.29 -31.69
CA HIS A 397 -20.13 1.72 -31.31
C HIS A 397 -18.66 2.13 -31.54
N PRO A 398 -18.41 3.38 -31.96
CA PRO A 398 -17.01 3.81 -32.26
C PRO A 398 -16.01 3.74 -31.10
N ASP A 399 -16.47 3.78 -29.85
CA ASP A 399 -15.61 3.66 -28.69
C ASP A 399 -15.34 2.23 -28.27
N VAL A 400 -15.93 1.23 -28.92
CA VAL A 400 -15.66 -0.16 -28.57
C VAL A 400 -14.24 -0.51 -29.01
N ARG A 401 -13.47 -1.13 -28.11
CA ARG A 401 -12.16 -1.66 -28.45
C ARG A 401 -12.30 -3.15 -28.73
N VAL A 402 -11.85 -3.58 -29.90
CA VAL A 402 -11.87 -5.00 -30.26
C VAL A 402 -10.50 -5.62 -30.07
N PHE A 403 -10.44 -6.78 -29.40
CA PHE A 403 -9.19 -7.47 -29.17
C PHE A 403 -9.27 -8.91 -29.62
N GLU A 404 -8.26 -9.34 -30.34
CA GLU A 404 -8.11 -10.75 -30.66
C GLU A 404 -7.41 -11.44 -29.50
N VAL A 405 -7.86 -12.64 -29.14
CA VAL A 405 -7.30 -13.36 -28.00
C VAL A 405 -6.73 -14.68 -28.50
N PHE A 406 -5.53 -15.01 -28.03
CA PHE A 406 -4.77 -16.18 -28.47
C PHE A 406 -4.38 -17.02 -27.25
N ASN A 407 -4.32 -18.33 -27.45
CA ASN A 407 -3.77 -19.22 -26.45
C ASN A 407 -2.24 -19.05 -26.40
N GLU A 408 -1.64 -19.60 -25.35
CA GLU A 408 -0.19 -19.57 -25.18
C GLU A 408 0.60 -20.15 -26.36
N ASP A 409 0.04 -21.17 -26.98
CA ASP A 409 0.69 -21.83 -28.13
C ASP A 409 0.51 -21.08 -29.45
N GLY A 410 -0.09 -19.89 -29.38
CA GLY A 410 -0.34 -19.03 -30.54
C GLY A 410 -1.64 -19.30 -31.29
N SER A 411 -2.36 -20.35 -30.92
CA SER A 411 -3.63 -20.64 -31.62
C SER A 411 -4.68 -19.61 -31.24
N GLN A 412 -5.61 -19.41 -32.15
CA GLN A 412 -6.71 -18.45 -31.99
C GLN A 412 -7.72 -18.92 -30.97
N LEU A 413 -8.13 -18.03 -30.08
CA LEU A 413 -9.08 -18.38 -29.01
C LEU A 413 -10.43 -17.69 -29.23
N GLY A 414 -10.42 -16.37 -29.38
CA GLY A 414 -11.66 -15.66 -29.58
C GLY A 414 -11.46 -14.17 -29.68
N LEU A 415 -12.57 -13.43 -29.60
CA LEU A 415 -12.58 -11.97 -29.58
C LEU A 415 -13.19 -11.46 -28.28
N PHE A 416 -12.65 -10.34 -27.81
CA PHE A 416 -13.10 -9.61 -26.66
C PHE A 416 -13.38 -8.16 -27.06
N LEU A 417 -14.57 -7.67 -26.75
CA LEU A 417 -14.96 -6.27 -27.03
C LEU A 417 -15.18 -5.54 -25.72
N GLY A 418 -14.51 -4.39 -25.57
CA GLY A 418 -14.65 -3.61 -24.37
C GLY A 418 -15.33 -2.29 -24.69
N ASP A 419 -16.32 -1.93 -23.89
CA ASP A 419 -17.09 -0.70 -24.09
C ASP A 419 -17.25 -0.03 -22.72
N TYR A 420 -16.36 0.92 -22.42
CA TYR A 420 -16.10 1.34 -21.05
C TYR A 420 -16.86 2.53 -20.51
N TYR A 421 -17.45 3.35 -21.38
CA TYR A 421 -18.01 4.64 -20.95
C TYR A 421 -19.50 4.79 -20.87
N ALA A 422 -19.94 5.62 -19.92
CA ALA A 422 -21.35 5.96 -19.75
C ALA A 422 -21.83 6.81 -20.89
N ARG A 423 -23.08 6.63 -21.25
CA ARG A 423 -23.76 7.53 -22.19
C ARG A 423 -25.26 7.34 -22.00
N PRO A 424 -26.06 8.34 -22.39
CA PRO A 424 -27.52 8.22 -22.23
C PRO A 424 -28.19 7.01 -22.88
N SER A 425 -27.65 6.50 -23.99
CA SER A 425 -28.16 5.29 -24.66
C SER A 425 -27.82 3.94 -23.98
N LYS A 426 -26.99 3.99 -22.96
CA LYS A 426 -26.47 2.80 -22.28
C LYS A 426 -27.11 2.71 -20.91
N ARG A 427 -27.63 1.54 -20.59
CA ARG A 427 -28.20 1.30 -19.27
C ARG A 427 -27.10 1.28 -18.18
N GLY A 428 -27.49 1.48 -16.93
CA GLY A 428 -26.51 1.63 -15.85
C GLY A 428 -25.91 0.29 -15.47
N GLY A 429 -24.86 0.33 -14.67
CA GLY A 429 -24.26 -0.88 -14.13
C GLY A 429 -23.10 -1.36 -14.98
N ALA A 430 -22.86 -2.66 -14.99
CA ALA A 430 -21.81 -3.26 -15.81
C ALA A 430 -22.24 -4.70 -16.13
N TRP A 431 -21.89 -5.19 -17.29
CA TRP A 431 -22.35 -6.52 -17.68
C TRP A 431 -21.49 -7.13 -18.79
N MET A 432 -21.62 -8.44 -18.90
CA MET A 432 -21.01 -9.18 -19.96
C MET A 432 -22.11 -9.83 -20.77
N ASN A 433 -21.90 -9.93 -22.08
CA ASN A 433 -22.76 -10.73 -22.94
C ASN A 433 -21.93 -11.32 -24.06
N SER A 434 -22.52 -12.25 -24.81
CA SER A 434 -21.83 -12.90 -25.92
C SER A 434 -22.49 -12.57 -27.25
N LEU A 435 -21.69 -12.16 -28.24
CA LEU A 435 -22.19 -12.00 -29.62
C LEU A 435 -22.19 -13.33 -30.33
N VAL A 436 -21.23 -14.20 -29.98
CA VAL A 436 -21.12 -15.53 -30.57
C VAL A 436 -20.74 -16.45 -29.46
N LYS A 437 -21.53 -17.51 -29.27
CA LYS A 437 -21.29 -18.56 -28.28
C LYS A 437 -20.45 -19.68 -28.86
N GLN A 438 -19.52 -20.22 -28.06
CA GLN A 438 -18.68 -21.33 -28.48
C GLN A 438 -19.45 -22.65 -28.47
N SER A 439 -19.33 -23.42 -29.54
CA SER A 439 -19.78 -24.80 -29.50
C SER A 439 -19.05 -25.60 -30.59
N THR A 440 -18.70 -26.85 -30.30
CA THR A 440 -18.10 -27.70 -31.34
C THR A 440 -19.17 -28.20 -32.34
N LEU A 441 -20.44 -28.24 -31.93
CA LEU A 441 -21.56 -28.53 -32.86
C LEU A 441 -21.52 -27.63 -34.09
N GLU A 442 -21.32 -26.33 -33.84
CA GLU A 442 -21.28 -25.32 -34.88
C GLU A 442 -19.87 -24.94 -35.29
N GLY A 443 -18.86 -25.28 -34.50
CA GLY A 443 -17.48 -24.91 -34.81
C GLY A 443 -17.28 -23.41 -34.68
N THR A 444 -17.98 -22.80 -33.72
CA THR A 444 -17.91 -21.37 -33.48
C THR A 444 -16.89 -21.09 -32.37
N ARG A 445 -16.27 -19.92 -32.49
N ARG A 445 -16.18 -19.96 -32.51
CA ARG A 445 -15.36 -19.40 -31.50
CA ARG A 445 -15.29 -19.44 -31.46
C ARG A 445 -16.12 -18.32 -30.71
C ARG A 445 -15.97 -18.25 -30.76
N PRO A 446 -15.73 -18.10 -29.44
CA PRO A 446 -16.45 -17.11 -28.64
C PRO A 446 -16.12 -15.70 -29.02
N VAL A 447 -17.13 -14.83 -29.02
CA VAL A 447 -17.01 -13.39 -29.19
C VAL A 447 -17.80 -12.80 -28.03
N VAL A 448 -17.09 -12.18 -27.08
CA VAL A 448 -17.65 -11.74 -25.78
C VAL A 448 -17.47 -10.25 -25.63
N VAL A 449 -18.36 -9.62 -24.87
CA VAL A 449 -18.40 -8.18 -24.72
C VAL A 449 -18.41 -7.84 -23.22
N ASN A 450 -17.74 -6.75 -22.84
CA ASN A 450 -17.89 -6.18 -21.48
C ASN A 450 -18.33 -4.72 -21.65
N ASN A 451 -19.29 -4.30 -20.85
CA ASN A 451 -19.73 -2.90 -20.83
C ASN A 451 -19.61 -2.38 -19.42
N LEU A 452 -18.94 -1.22 -19.29
CA LEU A 452 -18.85 -0.47 -18.05
C LEU A 452 -19.44 0.92 -18.26
N ASN A 453 -19.55 1.65 -17.16
CA ASN A 453 -20.13 3.01 -17.16
C ASN A 453 -19.21 4.07 -16.50
N ILE A 454 -17.99 4.15 -16.99
CA ILE A 454 -17.01 5.12 -16.47
C ILE A 454 -17.35 6.44 -17.16
N ALA A 455 -17.24 7.56 -16.45
CA ALA A 455 -17.49 8.85 -17.06
C ALA A 455 -16.38 9.15 -18.07
N LYS A 456 -16.77 9.62 -19.26
CA LYS A 456 -15.82 9.82 -20.33
C LYS A 456 -15.16 11.20 -20.15
N PRO A 457 -13.82 11.25 -20.09
CA PRO A 457 -13.12 12.53 -20.07
C PRO A 457 -13.24 13.31 -21.39
N PRO A 458 -12.99 14.63 -21.35
CA PRO A 458 -12.79 15.37 -22.65
C PRO A 458 -11.58 14.89 -23.47
N ALA A 459 -11.53 15.33 -24.72
CA ALA A 459 -10.45 15.08 -25.61
C ALA A 459 -9.09 15.23 -24.92
N GLY A 460 -8.24 14.23 -25.11
CA GLY A 460 -6.89 14.22 -24.61
C GLY A 460 -6.72 13.87 -23.13
N GLU A 461 -7.79 13.88 -22.33
CA GLU A 461 -7.65 13.77 -20.87
C GLU A 461 -7.62 12.31 -20.46
N PRO A 462 -6.80 11.97 -19.45
CA PRO A 462 -6.72 10.58 -19.01
C PRO A 462 -8.02 10.11 -18.36
N THR A 463 -8.29 8.81 -18.45
CA THR A 463 -9.43 8.22 -17.78
C THR A 463 -9.01 7.62 -16.45
N LEU A 464 -9.16 8.41 -15.39
CA LEU A 464 -8.75 7.99 -14.06
C LEU A 464 -9.93 7.33 -13.38
N MET A 465 -9.65 6.30 -12.60
CA MET A 465 -10.69 5.39 -12.13
C MET A 465 -10.67 5.27 -10.62
N THR A 466 -11.82 4.99 -10.05
CA THR A 466 -11.90 4.59 -8.65
C THR A 466 -11.53 3.12 -8.58
N PHE A 467 -11.20 2.64 -7.40
CA PHE A 467 -10.85 1.22 -7.29
C PHE A 467 -12.06 0.31 -7.45
N GLU A 468 -13.23 0.81 -7.09
CA GLU A 468 -14.49 0.13 -7.38
C GLU A 468 -14.63 -0.13 -8.88
N GLU A 469 -14.31 0.88 -9.70
CA GLU A 469 -14.32 0.71 -11.17
C GLU A 469 -13.27 -0.29 -11.61
N VAL A 470 -12.08 -0.25 -11.04
CA VAL A 470 -11.04 -1.24 -11.32
C VAL A 470 -11.55 -2.67 -11.01
N ASN A 471 -12.14 -2.84 -9.83
CA ASN A 471 -12.72 -4.13 -9.46
CA ASN A 471 -12.71 -4.12 -9.45
C ASN A 471 -13.80 -4.58 -10.44
N THR A 472 -14.66 -3.65 -10.83
CA THR A 472 -15.69 -3.95 -11.83
C THR A 472 -15.06 -4.42 -13.14
N MET A 473 -13.96 -3.81 -13.56
CA MET A 473 -13.31 -4.24 -14.80
C MET A 473 -12.85 -5.70 -14.71
N PHE A 474 -12.30 -6.08 -13.57
CA PHE A 474 -11.84 -7.47 -13.38
C PHE A 474 -13.03 -8.43 -13.27
N HIS A 475 -14.11 -7.99 -12.62
CA HIS A 475 -15.35 -8.79 -12.51
C HIS A 475 -15.91 -9.11 -13.90
N GLU A 476 -16.13 -8.08 -14.71
CA GLU A 476 -16.67 -8.34 -16.06
C GLU A 476 -15.74 -9.18 -16.90
N PHE A 477 -14.44 -8.95 -16.74
CA PHE A 477 -13.46 -9.77 -17.47
C PHE A 477 -13.51 -11.25 -17.03
N GLY A 478 -13.86 -11.50 -15.77
CA GLY A 478 -14.06 -12.88 -15.29
C GLY A 478 -15.18 -13.60 -16.04
N HIS A 479 -16.29 -12.90 -16.27
CA HIS A 479 -17.38 -13.42 -17.13
C HIS A 479 -16.86 -13.61 -18.55
N ALA A 480 -16.06 -12.66 -19.05
CA ALA A 480 -15.49 -12.78 -20.39
C ALA A 480 -14.66 -14.05 -20.55
N LEU A 481 -13.72 -14.28 -19.63
CA LEU A 481 -12.91 -15.50 -19.61
C LEU A 481 -13.73 -16.80 -19.55
N HIS A 482 -14.79 -16.79 -18.74
CA HIS A 482 -15.74 -17.93 -18.67
C HIS A 482 -16.28 -18.21 -20.06
N GLY A 483 -16.64 -17.16 -20.77
CA GLY A 483 -17.12 -17.27 -22.15
C GLY A 483 -16.01 -17.71 -23.10
N LEU A 484 -14.83 -17.07 -23.00
CA LEU A 484 -13.69 -17.38 -23.91
C LEU A 484 -13.08 -18.79 -23.73
N PHE A 485 -13.12 -19.30 -22.53
CA PHE A 485 -12.53 -20.62 -22.27
C PHE A 485 -13.48 -21.79 -22.49
N SER A 486 -14.70 -21.51 -22.93
CA SER A 486 -15.73 -22.57 -23.14
C SER A 486 -15.22 -23.65 -24.10
N GLU A 487 -15.34 -24.92 -23.72
CA GLU A 487 -15.02 -26.03 -24.62
C GLU A 487 -16.13 -27.08 -24.52
N VAL A 488 -17.30 -26.70 -25.00
CA VAL A 488 -18.46 -27.55 -24.93
C VAL A 488 -18.83 -27.98 -26.32
N HIS A 489 -19.59 -29.07 -26.35
CA HIS A 489 -20.15 -29.56 -27.59
C HIS A 489 -21.41 -28.77 -28.00
N TYR A 490 -22.38 -28.63 -27.08
CA TYR A 490 -23.70 -28.10 -27.43
C TYR A 490 -23.92 -26.66 -26.93
N PRO A 491 -24.45 -25.78 -27.81
CA PRO A 491 -24.61 -24.38 -27.44
C PRO A 491 -25.49 -24.10 -26.24
N ARG A 492 -26.43 -24.99 -25.91
CA ARG A 492 -27.19 -24.89 -24.62
C ARG A 492 -26.31 -24.72 -23.38
N PHE A 493 -25.09 -25.31 -23.44
CA PHE A 493 -24.16 -25.31 -22.34
C PHE A 493 -23.00 -24.33 -22.50
N SER A 494 -22.98 -23.50 -23.55
CA SER A 494 -21.80 -22.64 -23.81
C SER A 494 -21.50 -21.62 -22.69
N GLY A 495 -20.21 -21.46 -22.41
CA GLY A 495 -19.70 -20.33 -21.69
C GLY A 495 -20.34 -20.09 -20.34
N THR A 496 -21.16 -19.04 -20.28
CA THR A 496 -21.77 -18.61 -19.04
C THR A 496 -23.12 -19.31 -18.73
N ALA A 497 -23.46 -20.37 -19.49
CA ALA A 497 -24.78 -21.02 -19.33
C ALA A 497 -24.82 -21.97 -18.12
N VAL A 498 -24.73 -21.37 -16.94
CA VAL A 498 -24.73 -22.11 -15.66
C VAL A 498 -25.75 -21.40 -14.76
N PRO A 499 -26.17 -22.05 -13.67
CA PRO A 499 -27.14 -21.37 -12.83
C PRO A 499 -26.63 -20.03 -12.32
N ARG A 500 -27.56 -19.09 -12.13
CA ARG A 500 -27.19 -17.77 -11.66
C ARG A 500 -26.42 -17.74 -10.34
N ASP A 501 -26.67 -18.68 -9.42
CA ASP A 501 -25.90 -18.70 -8.15
C ASP A 501 -24.54 -19.40 -8.25
N PHE A 502 -24.15 -19.78 -9.46
CA PHE A 502 -22.80 -20.23 -9.79
C PHE A 502 -22.12 -19.29 -10.79
N VAL A 503 -22.87 -18.62 -11.67
CA VAL A 503 -22.25 -17.76 -12.71
C VAL A 503 -21.45 -16.57 -12.14
N GLU A 504 -21.81 -16.11 -10.93
CA GLU A 504 -21.06 -15.02 -10.32
C GLU A 504 -19.79 -15.49 -9.57
N TYR A 505 -19.45 -16.77 -9.64
CA TYR A 505 -18.18 -17.27 -9.13
C TYR A 505 -16.98 -16.93 -10.04
N PRO A 506 -17.01 -17.30 -11.34
CA PRO A 506 -15.88 -16.91 -12.21
C PRO A 506 -15.62 -15.41 -12.28
N SER A 507 -16.67 -14.60 -12.21
CA SER A 507 -16.51 -13.14 -12.24
C SER A 507 -15.91 -12.63 -10.92
N GLN A 508 -16.51 -13.02 -9.80
CA GLN A 508 -15.99 -12.59 -8.50
C GLN A 508 -14.58 -13.08 -8.21
N VAL A 509 -14.25 -14.32 -8.56
CA VAL A 509 -12.89 -14.81 -8.32
C VAL A 509 -11.85 -14.08 -9.19
N ASN A 510 -12.22 -13.62 -10.41
CA ASN A 510 -11.26 -12.86 -11.22
C ASN A 510 -10.85 -11.51 -10.56
N GLU A 511 -11.68 -11.02 -9.66
CA GLU A 511 -11.36 -9.80 -8.90
C GLU A 511 -10.15 -9.98 -7.98
N MET A 512 -9.80 -11.24 -7.67
CA MET A 512 -8.66 -11.48 -6.79
C MET A 512 -7.39 -10.92 -7.39
N TRP A 513 -7.33 -10.86 -8.71
CA TRP A 513 -6.14 -10.37 -9.37
C TRP A 513 -5.98 -8.85 -9.32
N ALA A 514 -7.07 -8.09 -9.12
CA ALA A 514 -6.96 -6.63 -8.99
C ALA A 514 -6.14 -6.27 -7.74
N VAL A 515 -6.21 -7.10 -6.70
CA VAL A 515 -5.52 -6.81 -5.42
C VAL A 515 -4.35 -7.74 -5.11
N TRP A 516 -4.07 -8.69 -5.97
CA TRP A 516 -2.91 -9.58 -5.76
C TRP A 516 -1.68 -8.69 -5.85
N PRO A 517 -0.85 -8.60 -4.78
CA PRO A 517 0.08 -7.45 -4.75
C PRO A 517 1.02 -7.26 -5.92
N SER A 518 1.58 -8.36 -6.43
CA SER A 518 2.52 -8.29 -7.54
C SER A 518 1.83 -7.81 -8.83
N VAL A 519 0.53 -8.09 -8.99
CA VAL A 519 -0.25 -7.56 -10.14
C VAL A 519 -0.62 -6.08 -9.90
N LEU A 520 -1.11 -5.76 -8.71
CA LEU A 520 -1.42 -4.39 -8.34
C LEU A 520 -0.20 -3.48 -8.50
N ALA A 521 0.95 -3.93 -8.04
CA ALA A 521 2.17 -3.16 -8.18
C ALA A 521 2.59 -2.92 -9.62
N ASN A 522 2.24 -3.85 -10.51
CA ASN A 522 2.51 -3.70 -11.93
C ASN A 522 1.71 -2.59 -12.60
N TYR A 523 0.44 -2.40 -12.22
CA TYR A 523 -0.40 -1.40 -12.85
C TYR A 523 -0.67 -0.10 -12.10
N ALA A 524 -0.46 -0.06 -10.78
CA ALA A 524 -0.77 1.15 -10.02
C ALA A 524 0.44 2.09 -10.11
N ARG A 525 0.48 2.82 -11.24
CA ARG A 525 1.57 3.72 -11.55
C ARG A 525 0.96 5.02 -12.04
N HIS A 526 1.60 6.12 -11.68
CA HIS A 526 1.06 7.45 -11.96
C HIS A 526 0.91 7.65 -13.50
N TRP A 527 -0.22 8.22 -13.89
CA TRP A 527 -0.59 8.34 -15.31
C TRP A 527 0.34 9.21 -16.13
N GLN A 528 0.90 10.21 -15.49
CA GLN A 528 1.83 11.16 -16.11
C GLN A 528 3.29 10.72 -16.08
N THR A 529 3.78 10.28 -14.91
CA THR A 529 5.20 10.03 -14.68
C THR A 529 5.63 8.58 -14.90
N GLY A 530 4.69 7.64 -14.84
CA GLY A 530 5.00 6.23 -14.81
C GLY A 530 5.42 5.70 -13.44
N ASP A 531 5.48 6.56 -12.43
CA ASP A 531 6.11 6.20 -11.15
C ASP A 531 5.21 5.25 -10.38
N PRO A 532 5.75 4.12 -9.89
CA PRO A 532 4.90 3.25 -9.04
C PRO A 532 4.44 3.95 -7.77
N MET A 533 3.24 3.62 -7.26
CA MET A 533 2.84 4.07 -5.92
C MET A 533 3.87 3.57 -4.91
N PRO A 534 4.27 4.43 -3.94
CA PRO A 534 5.20 3.92 -2.92
C PRO A 534 4.68 2.65 -2.27
N LYS A 535 5.56 1.70 -1.99
CA LYS A 535 5.19 0.39 -1.51
C LYS A 535 4.35 0.48 -0.22
N ASP A 536 4.77 1.34 0.71
CA ASP A 536 4.00 1.44 1.94
C ASP A 536 2.62 2.14 1.84
N LEU A 537 2.33 2.83 0.73
CA LEU A 537 1.07 3.49 0.52
C LEU A 537 0.13 2.52 -0.18
N LEU A 538 0.67 1.78 -1.14
CA LEU A 538 -0.05 0.72 -1.79
C LEU A 538 -0.49 -0.34 -0.75
N ASP A 539 0.36 -0.61 0.24
CA ASP A 539 0.00 -1.48 1.39
C ASP A 539 -1.26 -1.00 2.11
N ARG A 540 -1.27 0.30 2.39
CA ARG A 540 -2.39 0.91 3.09
C ARG A 540 -3.63 1.07 2.20
N MET A 541 -3.45 1.25 0.89
CA MET A 541 -4.63 1.31 0.03
C MET A 541 -5.36 -0.04 0.08
N LEU A 542 -4.61 -1.13 0.07
CA LEU A 542 -5.14 -2.46 0.26
C LEU A 542 -5.89 -2.63 1.59
N LYS A 543 -5.24 -2.20 2.69
CA LYS A 543 -5.88 -2.21 3.99
C LYS A 543 -7.19 -1.45 4.00
N SER A 544 -7.22 -0.26 3.39
CA SER A 544 -8.44 0.57 3.39
C SER A 544 -9.66 -0.06 2.67
N GLN A 545 -9.49 -1.21 2.01
CA GLN A 545 -10.61 -1.91 1.37
C GLN A 545 -11.35 -2.90 2.25
N LYS A 546 -10.71 -3.37 3.32
CA LYS A 546 -11.40 -4.10 4.38
C LYS A 546 -12.30 -3.16 5.19
N TYR A 547 -12.09 -1.85 5.05
CA TYR A 547 -12.88 -0.88 5.78
C TYR A 547 -14.29 -0.90 5.24
N ASN A 548 -15.24 -0.55 6.09
CA ASN A 548 -16.63 -0.34 5.67
C ASN A 548 -17.33 -1.66 5.24
N GLN A 549 -16.85 -2.82 5.70
CA GLN A 549 -17.51 -4.10 5.36
C GLN A 549 -18.92 -4.20 5.92
N GLY A 550 -19.19 -3.49 7.02
CA GLY A 550 -20.53 -3.42 7.58
C GLY A 550 -21.52 -2.82 6.60
N TYR A 551 -21.22 -1.61 6.14
CA TYR A 551 -22.07 -0.91 5.20
C TYR A 551 -22.23 -1.73 3.93
N LYS A 552 -21.09 -2.18 3.42
CA LYS A 552 -21.07 -2.87 2.13
C LYS A 552 -21.89 -4.15 2.17
N THR A 553 -21.74 -4.90 3.26
CA THR A 553 -22.45 -6.14 3.41
C THR A 553 -23.94 -5.91 3.68
N VAL A 554 -24.26 -4.94 4.53
CA VAL A 554 -25.66 -4.65 4.83
C VAL A 554 -26.44 -4.14 3.62
N GLU A 555 -25.89 -3.23 2.81
CA GLU A 555 -26.66 -2.73 1.67
C GLU A 555 -26.97 -3.86 0.68
N TYR A 556 -26.00 -4.77 0.53
CA TYR A 556 -26.19 -5.95 -0.32
C TYR A 556 -27.22 -6.93 0.23
N LEU A 557 -27.12 -7.26 1.52
CA LEU A 557 -28.07 -8.20 2.15
C LEU A 557 -29.47 -7.61 2.20
N ALA A 558 -29.60 -6.30 2.38
CA ALA A 558 -30.90 -5.63 2.37
C ALA A 558 -31.58 -5.79 1.03
N ALA A 559 -30.84 -5.54 -0.05
CA ALA A 559 -31.40 -5.76 -1.39
C ALA A 559 -31.72 -7.23 -1.63
N THR A 560 -30.86 -8.12 -1.17
CA THR A 560 -31.08 -9.58 -1.31
C THR A 560 -32.38 -10.01 -0.63
N LEU A 561 -32.57 -9.57 0.60
CA LEU A 561 -33.78 -9.88 1.34
C LEU A 561 -35.01 -9.18 0.77
N LEU A 562 -34.84 -7.99 0.19
CA LEU A 562 -35.93 -7.30 -0.53
C LEU A 562 -36.41 -8.11 -1.73
N ASP A 563 -35.46 -8.51 -2.58
CA ASP A 563 -35.76 -9.43 -3.70
C ASP A 563 -36.50 -10.67 -3.20
N TRP A 564 -35.97 -11.31 -2.16
CA TRP A 564 -36.58 -12.53 -1.63
C TRP A 564 -38.03 -12.30 -1.22
N SER A 565 -38.28 -11.21 -0.49
CA SER A 565 -39.65 -10.85 -0.05
C SER A 565 -40.63 -10.63 -1.20
N TRP A 566 -40.17 -9.97 -2.25
CA TRP A 566 -40.99 -9.79 -3.46
C TRP A 566 -41.42 -11.09 -4.14
N HIS A 567 -40.63 -12.16 -3.95
CA HIS A 567 -40.84 -13.45 -4.63
C HIS A 567 -41.13 -14.61 -3.68
N THR A 568 -41.58 -14.28 -2.47
CA THR A 568 -42.03 -15.28 -1.48
C THR A 568 -43.23 -14.80 -0.63
N PHE A 569 -43.94 -13.76 -1.06
CA PHE A 569 -45.04 -13.24 -0.21
C PHE A 569 -46.20 -14.24 -0.06
N GLN A 570 -46.97 -14.12 1.03
CA GLN A 570 -48.16 -14.96 1.24
C GLN A 570 -49.28 -14.32 0.39
N THR A 571 -49.63 -13.08 0.73
CA THR A 571 -50.66 -12.27 0.04
C THR A 571 -49.93 -11.22 -0.82
N PRO A 572 -50.51 -10.80 -1.97
CA PRO A 572 -49.82 -9.77 -2.78
C PRO A 572 -49.87 -8.37 -2.15
N PRO A 573 -48.83 -7.55 -2.37
CA PRO A 573 -48.82 -6.18 -1.83
C PRO A 573 -49.81 -5.25 -2.51
N GLU A 574 -50.30 -4.27 -1.75
CA GLU A 574 -51.12 -3.20 -2.30
C GLU A 574 -50.21 -2.12 -2.88
N ASN A 575 -49.16 -1.77 -2.13
CA ASN A 575 -48.33 -0.59 -2.42
C ASN A 575 -46.85 -0.95 -2.36
N ALA A 576 -46.11 -0.66 -3.44
CA ALA A 576 -44.70 -1.05 -3.57
C ALA A 576 -43.78 -0.50 -2.48
N LEU A 577 -43.96 0.78 -2.16
CA LEU A 577 -43.08 1.45 -1.20
C LEU A 577 -43.38 0.96 0.22
N THR A 578 -44.67 0.75 0.51
CA THR A 578 -45.05 0.18 1.80
C THR A 578 -44.54 -1.25 1.97
N PHE A 579 -44.64 -2.03 0.90
CA PHE A 579 -44.15 -3.41 0.92
C PHE A 579 -42.64 -3.44 1.20
N GLU A 580 -41.88 -2.57 0.52
CA GLU A 580 -40.42 -2.50 0.67
C GLU A 580 -40.05 -2.19 2.11
N HIS A 581 -40.70 -1.17 2.67
CA HIS A 581 -40.45 -0.79 4.03
C HIS A 581 -40.69 -1.94 4.98
N GLU A 582 -41.86 -2.57 4.86
CA GLU A 582 -42.23 -3.69 5.73
C GLU A 582 -41.30 -4.89 5.55
N ALA A 583 -40.88 -5.17 4.32
CA ALA A 583 -39.91 -6.27 4.07
C ALA A 583 -38.59 -6.04 4.80
N LEU A 584 -38.08 -4.82 4.68
CA LEU A 584 -36.81 -4.48 5.30
C LEU A 584 -36.93 -4.51 6.82
N THR A 585 -38.04 -4.01 7.37
CA THR A 585 -38.25 -4.04 8.84
C THR A 585 -38.35 -5.46 9.38
N THR A 586 -39.14 -6.29 8.70
CA THR A 586 -39.31 -7.69 9.07
C THR A 586 -37.99 -8.46 9.08
N ALA A 587 -37.11 -8.14 8.13
CA ALA A 587 -35.83 -8.82 8.01
C ALA A 587 -34.73 -8.19 8.88
N GLY A 588 -35.00 -7.08 9.57
CA GLY A 588 -34.05 -6.48 10.51
C GLY A 588 -32.95 -5.70 9.83
N VAL A 589 -33.25 -5.18 8.64
CA VAL A 589 -32.26 -4.44 7.86
C VAL A 589 -32.79 -3.10 7.33
N ASP A 590 -33.75 -2.51 8.04
CA ASP A 590 -34.21 -1.16 7.75
C ASP A 590 -33.34 -0.22 8.58
N LEU A 591 -32.22 0.21 8.00
CA LEU A 591 -31.29 1.12 8.65
C LEU A 591 -31.36 2.44 7.89
N LYS A 592 -31.65 3.54 8.59
CA LYS A 592 -31.72 4.87 7.94
C LYS A 592 -30.43 5.21 7.17
N LEU A 593 -29.29 4.87 7.76
CA LEU A 593 -28.01 5.23 7.17
C LEU A 593 -27.53 4.26 6.09
N VAL A 594 -28.14 3.07 6.01
CA VAL A 594 -27.73 2.03 5.06
C VAL A 594 -28.93 1.55 4.23
N PRO A 595 -29.33 2.34 3.21
CA PRO A 595 -30.43 1.88 2.37
C PRO A 595 -30.01 0.65 1.57
N PRO A 596 -30.99 -0.13 1.08
CA PRO A 596 -30.60 -1.28 0.26
C PRO A 596 -29.88 -0.83 -1.00
N ARG A 597 -29.01 -1.69 -1.53
CA ARG A 597 -28.14 -1.34 -2.67
C ARG A 597 -28.92 -0.92 -3.91
N TYR A 598 -30.10 -1.50 -4.09
CA TYR A 598 -31.12 -0.98 -4.99
C TYR A 598 -32.42 -0.97 -4.18
N ARG A 599 -33.25 0.05 -4.39
CA ARG A 599 -34.64 0.03 -3.94
C ARG A 599 -35.48 -0.61 -5.04
N SER A 600 -36.72 -0.97 -4.69
CA SER A 600 -37.58 -1.77 -5.57
C SER A 600 -37.75 -1.16 -6.97
N THR A 601 -37.99 0.14 -7.04
CA THR A 601 -38.37 0.75 -8.30
C THR A 601 -37.18 0.96 -9.25
N TYR A 602 -35.94 0.75 -8.81
CA TYR A 602 -34.81 0.73 -9.73
C TYR A 602 -33.92 -0.53 -9.62
N PHE A 603 -34.54 -1.62 -9.13
CA PHE A 603 -33.85 -2.91 -8.94
C PHE A 603 -33.89 -3.67 -10.28
N ALA A 604 -33.10 -3.18 -11.24
CA ALA A 604 -33.05 -3.76 -12.58
C ALA A 604 -32.66 -5.25 -12.59
N HIS A 605 -31.78 -5.67 -11.67
CA HIS A 605 -31.38 -7.10 -11.58
C HIS A 605 -32.63 -8.00 -11.54
N ILE A 606 -33.61 -7.63 -10.72
CA ILE A 606 -34.77 -8.52 -10.47
C ILE A 606 -36.00 -8.27 -11.35
N TRP A 607 -36.18 -7.07 -11.90
CA TRP A 607 -37.39 -6.75 -12.68
C TRP A 607 -37.15 -6.75 -14.20
N SER A 608 -35.92 -6.63 -14.63
CA SER A 608 -35.65 -6.63 -16.08
C SER A 608 -34.52 -7.54 -16.51
N SER A 609 -33.71 -8.04 -15.59
CA SER A 609 -32.77 -9.09 -15.94
C SER A 609 -33.19 -10.36 -15.21
N GLY A 610 -32.29 -11.33 -15.17
CA GLY A 610 -32.65 -12.66 -14.76
C GLY A 610 -32.37 -13.01 -13.32
N TYR A 611 -32.25 -12.02 -12.43
CA TYR A 611 -31.90 -12.32 -11.05
C TYR A 611 -33.10 -12.30 -10.06
N SER A 612 -34.35 -12.40 -10.51
CA SER A 612 -35.51 -12.47 -9.58
C SER A 612 -35.41 -13.70 -8.70
N ALA A 613 -35.60 -13.51 -7.39
CA ALA A 613 -35.28 -14.54 -6.39
C ALA A 613 -33.89 -15.15 -6.57
N GLY A 614 -32.97 -14.31 -7.02
CA GLY A 614 -31.58 -14.73 -7.25
C GLY A 614 -30.54 -13.65 -7.06
N TYR A 615 -30.88 -12.54 -6.37
CA TYR A 615 -29.86 -11.55 -6.05
C TYR A 615 -28.89 -12.12 -4.98
N TYR A 616 -29.37 -13.09 -4.20
CA TYR A 616 -28.55 -13.87 -3.29
C TYR A 616 -27.40 -14.60 -4.01
N SER A 617 -27.52 -14.77 -5.33
CA SER A 617 -26.51 -15.43 -6.15
C SER A 617 -25.11 -14.90 -5.92
N TYR A 618 -24.98 -13.59 -5.68
CA TYR A 618 -23.67 -13.00 -5.55
C TYR A 618 -22.96 -13.55 -4.32
N ILE A 619 -23.62 -13.49 -3.16
CA ILE A 619 -22.97 -13.99 -1.96
C ILE A 619 -22.87 -15.53 -1.96
N TRP A 620 -23.83 -16.21 -2.59
CA TRP A 620 -23.76 -17.67 -2.69
C TRP A 620 -22.50 -18.11 -3.45
N SER A 621 -22.27 -17.49 -4.60
CA SER A 621 -21.06 -17.63 -5.42
C SER A 621 -19.78 -17.16 -4.73
N GLU A 622 -19.89 -16.15 -3.86
CA GLU A 622 -18.73 -15.61 -3.20
C GLU A 622 -18.09 -16.60 -2.24
N VAL A 623 -18.88 -17.52 -1.69
CA VAL A 623 -18.34 -18.64 -0.94
C VAL A 623 -17.26 -19.33 -1.76
N LEU A 624 -17.61 -19.65 -3.01
CA LEU A 624 -16.69 -20.37 -3.89
C LEU A 624 -15.47 -19.54 -4.27
N ASP A 625 -15.68 -18.25 -4.53
CA ASP A 625 -14.60 -17.26 -4.77
C ASP A 625 -13.56 -17.24 -3.62
N ALA A 626 -14.05 -17.00 -2.40
CA ALA A 626 -13.19 -16.87 -1.26
C ALA A 626 -12.42 -18.16 -0.96
N ASP A 627 -13.10 -19.29 -1.09
CA ASP A 627 -12.48 -20.60 -0.89
C ASP A 627 -11.43 -20.88 -2.00
N THR A 628 -11.70 -20.36 -3.21
CA THR A 628 -10.77 -20.51 -4.33
C THR A 628 -9.51 -19.66 -4.18
N VAL A 629 -9.64 -18.44 -3.65
CA VAL A 629 -8.46 -17.63 -3.29
C VAL A 629 -7.51 -18.42 -2.38
N ASP A 630 -8.06 -19.05 -1.35
CA ASP A 630 -7.29 -19.95 -0.50
C ASP A 630 -6.62 -21.12 -1.28
N TRP A 631 -7.35 -21.71 -2.22
CA TRP A 631 -6.76 -22.74 -3.08
C TRP A 631 -5.47 -22.24 -3.79
N PHE A 632 -5.54 -21.02 -4.33
CA PHE A 632 -4.38 -20.44 -4.98
C PHE A 632 -3.21 -20.26 -4.02
N HIS A 633 -3.48 -19.80 -2.81
CA HIS A 633 -2.42 -19.66 -1.82
C HIS A 633 -1.85 -21.04 -1.42
N GLU A 634 -2.72 -22.03 -1.29
CA GLU A 634 -2.30 -23.41 -0.98
C GLU A 634 -1.41 -24.02 -2.06
N ASN A 635 -1.58 -23.58 -3.31
CA ASN A 635 -0.90 -24.15 -4.46
C ASN A 635 0.13 -23.28 -5.14
N GLY A 636 0.61 -22.27 -4.43
CA GLY A 636 1.78 -21.54 -4.88
C GLY A 636 1.49 -20.23 -5.57
N GLY A 637 0.21 -19.85 -5.63
CA GLY A 637 -0.18 -18.52 -6.08
C GLY A 637 -0.34 -18.41 -7.58
N LEU A 638 0.20 -17.32 -8.12
CA LEU A 638 0.01 -16.95 -9.50
C LEU A 638 1.00 -17.72 -10.35
N LEU A 639 0.61 -18.95 -10.73
CA LEU A 639 1.42 -19.84 -11.54
C LEU A 639 0.64 -20.34 -12.74
N ARG A 640 1.31 -20.48 -13.88
CA ARG A 640 0.66 -21.04 -15.06
C ARG A 640 0.00 -22.41 -14.81
N GLU A 641 0.67 -23.28 -14.04
CA GLU A 641 0.08 -24.58 -13.70
C GLU A 641 -1.30 -24.44 -13.02
N ASN A 642 -1.43 -23.47 -12.13
CA ASN A 642 -2.69 -23.25 -11.42
C ASN A 642 -3.78 -22.68 -12.34
N GLY A 643 -3.40 -21.81 -13.26
CA GLY A 643 -4.32 -21.33 -14.30
C GLY A 643 -4.83 -22.41 -15.20
N ASP A 644 -3.93 -23.27 -15.67
CA ASP A 644 -4.33 -24.42 -16.47
C ASP A 644 -5.34 -25.33 -15.72
N THR A 645 -5.09 -25.59 -14.44
CA THR A 645 -6.02 -26.40 -13.64
C THR A 645 -7.41 -25.79 -13.53
N PHE A 646 -7.45 -24.49 -13.20
CA PHE A 646 -8.71 -23.81 -13.04
C PHE A 646 -9.45 -23.74 -14.36
N ARG A 647 -8.72 -23.50 -15.45
CA ARG A 647 -9.34 -23.44 -16.78
C ARG A 647 -9.85 -24.81 -17.21
N GLN A 648 -9.02 -25.83 -17.04
CA GLN A 648 -9.35 -27.21 -17.46
C GLN A 648 -10.56 -27.76 -16.69
N LYS A 649 -10.53 -27.59 -15.37
CA LYS A 649 -11.47 -28.25 -14.50
C LYS A 649 -12.78 -27.51 -14.32
N LEU A 650 -12.76 -26.18 -14.49
CA LEU A 650 -13.91 -25.39 -14.18
C LEU A 650 -14.34 -24.41 -15.26
N LEU A 651 -13.48 -23.51 -15.68
CA LEU A 651 -13.90 -22.44 -16.59
C LEU A 651 -14.24 -22.90 -18.01
N SER A 652 -13.68 -24.02 -18.44
CA SER A 652 -13.92 -24.55 -19.77
C SER A 652 -15.19 -25.35 -19.92
N LYS A 653 -15.85 -25.68 -18.81
CA LYS A 653 -16.98 -26.62 -18.80
C LYS A 653 -18.33 -26.04 -19.19
N GLY A 654 -18.51 -24.71 -19.10
CA GLY A 654 -19.82 -24.12 -19.22
C GLY A 654 -20.83 -24.86 -18.33
N GLY A 655 -21.99 -25.13 -18.89
CA GLY A 655 -23.03 -25.89 -18.25
C GLY A 655 -22.95 -27.39 -18.54
N SER A 656 -21.85 -27.86 -19.10
CA SER A 656 -21.79 -29.22 -19.62
C SER A 656 -21.58 -30.31 -18.57
N VAL A 657 -21.30 -29.92 -17.34
CA VAL A 657 -21.19 -30.84 -16.20
C VAL A 657 -21.87 -30.16 -15.02
N ASP A 658 -22.22 -30.97 -14.02
CA ASP A 658 -22.72 -30.43 -12.77
C ASP A 658 -21.69 -29.48 -12.12
N PRO A 659 -22.07 -28.18 -11.92
CA PRO A 659 -21.13 -27.19 -11.44
C PRO A 659 -20.50 -27.51 -10.09
N MET A 660 -21.29 -28.02 -9.13
CA MET A 660 -20.74 -28.35 -7.80
C MET A 660 -19.80 -29.55 -7.84
N THR A 661 -20.06 -30.52 -8.71
CA THR A 661 -19.10 -31.60 -8.91
C THR A 661 -17.79 -31.07 -9.52
N ALA A 662 -17.90 -30.17 -10.50
CA ALA A 662 -16.69 -29.56 -11.09
C ALA A 662 -15.92 -28.80 -10.02
N PHE A 663 -16.63 -28.05 -9.16
CA PHE A 663 -15.97 -27.34 -8.07
C PHE A 663 -15.23 -28.32 -7.15
N GLN A 664 -15.92 -29.39 -6.78
CA GLN A 664 -15.31 -30.38 -5.89
C GLN A 664 -14.06 -31.03 -6.48
N SER A 665 -14.10 -31.36 -7.76
CA SER A 665 -12.94 -31.96 -8.45
C SER A 665 -11.76 -30.98 -8.53
N PHE A 666 -12.06 -29.69 -8.62
CA PHE A 666 -11.05 -28.64 -8.62
C PHE A 666 -10.48 -28.36 -7.22
N ARG A 667 -11.36 -28.09 -6.25
CA ARG A 667 -10.97 -27.67 -4.90
C ARG A 667 -10.39 -28.80 -4.05
N GLY A 668 -10.82 -30.04 -4.30
CA GLY A 668 -10.43 -31.20 -3.50
C GLY A 668 -11.44 -31.59 -2.43
N ARG A 669 -12.56 -30.87 -2.37
CA ARG A 669 -13.59 -31.05 -1.34
C ARG A 669 -14.76 -30.09 -1.62
N THR A 670 -15.84 -30.28 -0.88
CA THR A 670 -16.98 -29.38 -0.95
C THR A 670 -16.59 -28.03 -0.36
N PRO A 671 -17.36 -26.97 -0.67
CA PRO A 671 -16.97 -25.62 -0.22
C PRO A 671 -16.99 -25.40 1.29
N ARG A 672 -16.12 -24.50 1.76
CA ARG A 672 -16.12 -24.03 3.16
C ARG A 672 -16.55 -22.57 3.15
N ILE A 673 -17.37 -22.15 4.12
CA ILE A 673 -17.85 -20.76 4.16
C ILE A 673 -16.95 -19.84 5.00
N GLU A 674 -16.06 -20.43 5.79
CA GLU A 674 -15.20 -19.64 6.67
C GLU A 674 -14.40 -18.55 5.95
N PRO A 675 -13.85 -18.85 4.75
CA PRO A 675 -13.09 -17.82 4.07
C PRO A 675 -13.94 -16.59 3.68
N LEU A 676 -15.18 -16.77 3.27
CA LEU A 676 -16.09 -15.63 3.03
C LEU A 676 -16.35 -14.85 4.32
N LEU A 677 -16.61 -15.58 5.40
CA LEU A 677 -16.92 -14.95 6.68
C LEU A 677 -15.77 -14.08 7.12
N ASP A 678 -14.56 -14.61 6.99
CA ASP A 678 -13.33 -13.85 7.32
C ASP A 678 -13.22 -12.58 6.47
N ARG A 679 -13.43 -12.72 5.16
CA ARG A 679 -13.36 -11.56 4.24
C ARG A 679 -14.29 -10.42 4.65
N ARG A 680 -15.54 -10.76 4.94
CA ARG A 680 -16.56 -9.77 5.24
C ARG A 680 -16.66 -9.41 6.73
N GLY A 681 -15.78 -9.96 7.56
CA GLY A 681 -15.77 -9.66 9.00
C GLY A 681 -16.97 -10.20 9.77
N LEU A 682 -17.43 -11.40 9.38
CA LEU A 682 -18.67 -11.98 9.88
C LEU A 682 -18.52 -13.19 10.82
N LEU A 683 -17.32 -13.41 11.38
CA LEU A 683 -17.08 -14.61 12.21
C LEU A 683 -17.71 -14.55 13.62
N GLU B 22 17.07 29.30 -13.02
CA GLU B 22 18.54 29.09 -13.05
C GLU B 22 18.91 27.90 -12.17
N ASN B 23 18.62 28.02 -10.87
CA ASN B 23 19.05 27.07 -9.86
C ASN B 23 18.13 27.15 -8.62
N PRO B 24 17.51 26.03 -8.22
CA PRO B 24 16.56 26.05 -7.09
C PRO B 24 17.16 26.39 -5.72
N PHE B 25 18.47 26.33 -5.58
CA PHE B 25 19.18 26.74 -4.37
C PHE B 25 19.42 28.23 -4.23
N PHE B 26 19.25 29.00 -5.30
CA PHE B 26 19.56 30.43 -5.25
C PHE B 26 18.56 31.24 -4.45
N ALA B 27 17.31 30.78 -4.32
CA ALA B 27 16.33 31.50 -3.48
C ALA B 27 15.90 30.62 -2.30
N PRO B 28 15.41 31.21 -1.19
CA PRO B 28 14.80 30.41 -0.12
C PRO B 28 13.66 29.55 -0.65
N SER B 29 13.46 28.36 -0.06
CA SER B 29 12.34 27.53 -0.45
C SER B 29 11.03 28.25 -0.13
N ALA B 30 10.08 28.22 -1.06
CA ALA B 30 8.74 28.75 -0.82
C ALA B 30 7.78 27.66 -0.32
N LEU B 31 8.25 26.42 -0.19
CA LEU B 31 7.41 25.32 0.30
C LEU B 31 7.22 25.38 1.82
N PRO B 32 6.19 24.70 2.36
CA PRO B 32 5.94 24.67 3.80
C PRO B 32 7.19 24.34 4.59
N TYR B 33 7.45 25.14 5.62
CA TYR B 33 8.55 24.95 6.54
C TYR B 33 9.93 25.11 5.87
N GLY B 34 9.97 25.67 4.66
CA GLY B 34 11.17 25.66 3.86
C GLY B 34 11.65 24.28 3.42
N LEU B 35 10.77 23.29 3.37
CA LEU B 35 11.12 21.99 2.78
C LEU B 35 11.79 22.25 1.43
N PRO B 36 12.97 21.65 1.16
CA PRO B 36 13.59 21.93 -0.13
C PRO B 36 12.75 21.44 -1.30
N PRO B 37 12.80 22.15 -2.43
CA PRO B 37 12.02 21.75 -3.64
C PRO B 37 12.62 20.58 -4.39
N PHE B 38 12.56 19.39 -3.79
CA PHE B 38 13.26 18.23 -4.34
C PHE B 38 12.80 17.85 -5.77
N ALA B 39 11.55 18.11 -6.11
CA ALA B 39 11.03 17.87 -7.45
C ALA B 39 11.73 18.73 -8.53
N GLU B 40 12.24 19.90 -8.13
CA GLU B 40 13.01 20.83 -8.98
C GLU B 40 14.50 20.56 -9.01
N ILE B 41 15.04 19.87 -8.00
CA ILE B 41 16.49 19.76 -7.80
C ILE B 41 17.04 18.56 -8.55
N ARG B 42 18.09 18.78 -9.33
CA ARG B 42 18.75 17.78 -10.15
C ARG B 42 20.26 17.86 -9.87
N GLU B 43 20.98 16.78 -10.15
CA GLU B 43 22.43 16.66 -9.85
C GLU B 43 23.25 17.85 -10.45
N GLU B 44 22.90 18.24 -11.66
CA GLU B 44 23.50 19.42 -12.34
C GLU B 44 23.41 20.75 -11.59
N HIS B 45 22.57 20.85 -10.56
CA HIS B 45 22.44 22.06 -9.78
C HIS B 45 23.47 22.21 -8.67
N TYR B 46 24.13 21.11 -8.29
CA TYR B 46 24.95 21.09 -7.10
C TYR B 46 26.21 21.94 -7.25
N VAL B 47 26.99 21.69 -8.29
CA VAL B 47 28.30 22.36 -8.44
C VAL B 47 28.12 23.88 -8.60
N PRO B 48 27.23 24.32 -9.51
CA PRO B 48 26.94 25.76 -9.61
C PRO B 48 26.47 26.39 -8.31
N ALA B 49 25.66 25.69 -7.50
CA ALA B 49 25.25 26.26 -6.22
C ALA B 49 26.36 26.29 -5.14
N PHE B 50 27.18 25.24 -5.09
CA PHE B 50 28.35 25.23 -4.25
C PHE B 50 29.30 26.37 -4.60
N GLU B 51 29.56 26.52 -5.90
CA GLU B 51 30.41 27.61 -6.40
C GLU B 51 29.82 29.00 -6.07
N ARG B 52 28.53 29.22 -6.32
CA ARG B 52 27.90 30.50 -5.99
C ARG B 52 27.92 30.72 -4.48
N GLY B 53 27.62 29.68 -3.72
CA GLY B 53 27.49 29.78 -2.27
C GLY B 53 28.80 30.14 -1.60
N MET B 54 29.88 29.47 -2.00
CA MET B 54 31.23 29.80 -1.54
C MET B 54 31.63 31.24 -1.92
N ALA B 55 31.42 31.61 -3.17
CA ALA B 55 31.75 32.97 -3.62
C ALA B 55 30.95 34.03 -2.86
N GLU B 56 29.66 33.81 -2.67
CA GLU B 56 28.85 34.77 -1.95
C GLU B 56 29.22 34.86 -0.50
N GLN B 57 29.54 33.75 0.18
CA GLN B 57 29.96 33.83 1.59
C GLN B 57 31.35 34.46 1.74
N LEU B 58 32.26 34.17 0.81
CA LEU B 58 33.58 34.81 0.85
C LEU B 58 33.44 36.32 0.71
N ALA B 59 32.58 36.78 -0.18
CA ALA B 59 32.29 38.22 -0.34
C ALA B 59 31.64 38.83 0.93
N GLU B 60 30.75 38.08 1.59
CA GLU B 60 30.17 38.50 2.88
C GLU B 60 31.24 38.61 3.98
N VAL B 61 32.11 37.61 4.10
CA VAL B 61 33.16 37.62 5.13
C VAL B 61 34.14 38.78 4.90
N GLU B 62 34.48 39.04 3.63
CA GLU B 62 35.41 40.09 3.27
C GLU B 62 34.82 41.46 3.57
N ALA B 63 33.51 41.61 3.35
CA ALA B 63 32.81 42.82 3.72
C ALA B 63 32.80 43.06 5.23
N ILE B 64 32.68 41.98 6.01
CA ILE B 64 32.79 42.09 7.48
C ILE B 64 34.21 42.42 7.94
N ALA B 65 35.18 41.65 7.44
CA ALA B 65 36.59 41.80 7.84
C ALA B 65 37.14 43.17 7.52
N GLY B 66 36.72 43.73 6.39
CA GLY B 66 37.10 45.10 5.97
C GLY B 66 36.03 46.17 6.18
N ASP B 67 35.15 45.98 7.17
CA ASP B 67 34.12 46.98 7.49
C ASP B 67 34.79 48.17 8.20
N THR B 68 34.59 49.39 7.66
CA THR B 68 35.11 50.65 8.22
C THR B 68 34.46 51.08 9.53
N GLU B 69 33.25 50.60 9.80
CA GLU B 69 32.56 50.93 11.06
C GLU B 69 33.19 50.14 12.20
N ALA B 70 33.06 50.67 13.41
CA ALA B 70 33.62 50.04 14.60
C ALA B 70 33.04 48.64 14.79
N PRO B 71 33.86 47.64 15.17
CA PRO B 71 33.32 46.28 15.40
C PRO B 71 32.28 46.17 16.52
N THR B 72 31.16 45.50 16.19
CA THR B 72 30.07 45.26 17.09
C THR B 72 29.67 43.79 16.97
N PHE B 73 28.95 43.29 17.97
CA PHE B 73 28.35 41.97 17.92
C PHE B 73 27.49 41.82 16.67
N ASP B 74 26.67 42.82 16.39
CA ASP B 74 25.82 42.74 15.21
C ASP B 74 26.55 42.75 13.86
N ASN B 75 27.54 43.63 13.68
CA ASN B 75 28.21 43.73 12.39
C ASN B 75 29.37 42.75 12.19
N THR B 76 29.63 41.88 13.18
CA THR B 76 30.69 40.88 13.09
C THR B 76 30.19 39.45 13.37
N VAL B 77 29.77 39.16 14.59
CA VAL B 77 29.36 37.80 14.98
C VAL B 77 28.01 37.47 14.34
N ALA B 78 26.99 38.31 14.58
CA ALA B 78 25.64 38.09 13.96
C ALA B 78 25.73 38.15 12.46
N ALA B 79 26.60 39.02 11.94
CA ALA B 79 26.83 39.11 10.51
C ALA B 79 27.36 37.80 9.93
N LEU B 80 28.27 37.12 10.63
CA LEU B 80 28.74 35.80 10.18
C LEU B 80 27.60 34.75 10.26
N GLU B 81 26.79 34.83 11.31
CA GLU B 81 25.62 33.95 11.45
C GLU B 81 24.63 34.07 10.28
N ARG B 82 24.43 35.29 9.78
CA ARG B 82 23.57 35.56 8.63
C ARG B 82 24.16 35.16 7.28
N SER B 83 25.48 34.98 7.20
CA SER B 83 26.12 34.70 5.92
C SER B 83 25.91 33.25 5.46
N GLY B 84 26.16 33.01 4.18
CA GLY B 84 26.26 31.64 3.63
C GLY B 84 24.92 30.97 3.35
N GLN B 85 23.91 31.78 3.03
CA GLN B 85 22.55 31.25 2.85
C GLN B 85 22.46 30.26 1.71
N VAL B 86 23.04 30.57 0.55
CA VAL B 86 23.02 29.64 -0.59
C VAL B 86 23.80 28.36 -0.26
N LEU B 87 24.97 28.54 0.35
CA LEU B 87 25.82 27.42 0.65
C LEU B 87 25.14 26.52 1.66
N THR B 88 24.42 27.12 2.60
CA THR B 88 23.69 26.34 3.61
C THR B 88 22.61 25.48 2.96
N ARG B 89 21.86 26.06 2.04
CA ARG B 89 20.82 25.32 1.32
C ARG B 89 21.34 24.18 0.48
N VAL B 90 22.38 24.42 -0.33
CA VAL B 90 22.90 23.35 -1.17
C VAL B 90 23.57 22.25 -0.32
N SER B 91 24.22 22.64 0.75
CA SER B 91 24.92 21.66 1.60
C SER B 91 23.89 20.74 2.26
N ALA B 92 22.81 21.32 2.76
CA ALA B 92 21.73 20.55 3.42
C ALA B 92 21.17 19.39 2.56
N VAL B 93 20.91 19.69 1.29
CA VAL B 93 20.37 18.69 0.38
C VAL B 93 21.51 17.75 -0.08
N PHE B 94 22.67 18.30 -0.41
CA PHE B 94 23.74 17.49 -0.98
C PHE B 94 24.20 16.42 0.00
N PHE B 95 24.40 16.83 1.23
CA PHE B 95 24.91 15.88 2.22
C PHE B 95 23.84 14.91 2.66
N ASN B 96 22.58 15.33 2.64
CA ASN B 96 21.47 14.40 2.85
C ASN B 96 21.46 13.28 1.78
N GLN B 97 21.58 13.70 0.52
CA GLN B 97 21.61 12.75 -0.60
C GLN B 97 22.86 11.87 -0.55
N SER B 98 24.03 12.43 -0.23
CA SER B 98 25.25 11.62 -0.22
C SER B 98 25.18 10.45 0.81
N SER B 99 24.43 10.66 1.89
CA SER B 99 24.25 9.61 2.93
C SER B 99 23.17 8.61 2.55
N SER B 100 22.04 9.14 2.09
CA SER B 100 20.80 8.38 1.96
C SER B 100 20.58 7.79 0.56
N ASP B 101 21.05 8.44 -0.51
CA ASP B 101 20.66 8.02 -1.87
C ASP B 101 21.65 8.50 -2.92
N THR B 102 22.87 8.02 -2.77
CA THR B 102 23.96 8.47 -3.59
C THR B 102 23.98 7.72 -4.93
N ASN B 103 24.86 8.19 -5.81
CA ASN B 103 25.12 7.58 -7.10
C ASN B 103 26.53 8.03 -7.53
N PRO B 104 27.08 7.42 -8.61
CA PRO B 104 28.45 7.84 -9.02
C PRO B 104 28.61 9.31 -9.37
N THR B 105 27.55 9.96 -9.88
CA THR B 105 27.61 11.41 -10.13
C THR B 105 27.76 12.18 -8.83
N VAL B 106 26.96 11.81 -7.84
CA VAL B 106 27.07 12.45 -6.53
C VAL B 106 28.45 12.21 -5.92
N GLN B 107 28.99 11.01 -6.07
CA GLN B 107 30.31 10.67 -5.49
C GLN B 107 31.46 11.42 -6.17
N GLU B 108 31.33 11.64 -7.48
CA GLU B 108 32.29 12.43 -8.26
C GLU B 108 32.24 13.90 -7.78
N ILE B 109 31.03 14.43 -7.57
CA ILE B 109 30.87 15.81 -7.06
C ILE B 109 31.50 15.94 -5.66
N GLN B 110 31.33 14.93 -4.81
CA GLN B 110 32.00 14.91 -3.49
C GLN B 110 33.53 15.08 -3.56
N LYS B 111 34.17 14.31 -4.44
CA LYS B 111 35.65 14.38 -4.60
C LYS B 111 36.10 15.76 -5.06
N GLN B 112 35.30 16.39 -5.94
CA GLN B 112 35.59 17.74 -6.42
C GLN B 112 35.32 18.81 -5.37
N ILE B 113 34.16 18.74 -4.72
CA ILE B 113 33.65 19.82 -3.86
C ILE B 113 34.16 19.75 -2.43
N ILE B 114 34.27 18.56 -1.84
CA ILE B 114 34.68 18.47 -0.43
C ILE B 114 36.03 19.19 -0.12
N PRO B 115 37.03 19.04 -1.00
CA PRO B 115 38.30 19.80 -0.80
C PRO B 115 38.11 21.31 -0.85
N LYS B 116 37.29 21.79 -1.79
CA LYS B 116 36.99 23.20 -1.90
C LYS B 116 36.28 23.72 -0.65
N LEU B 117 35.35 22.94 -0.11
CA LEU B 117 34.64 23.33 1.13
C LEU B 117 35.57 23.45 2.35
N THR B 118 36.49 22.49 2.47
CA THR B 118 37.51 22.51 3.51
C THR B 118 38.37 23.76 3.38
N GLN B 119 38.86 24.02 2.16
CA GLN B 119 39.67 25.22 1.94
CA GLN B 119 39.64 25.24 1.84
C GLN B 119 38.83 26.48 2.16
N HIS B 120 37.56 26.46 1.76
CA HIS B 120 36.62 27.55 2.04
C HIS B 120 36.49 27.84 3.53
N GLY B 121 36.25 26.82 4.34
CA GLY B 121 36.15 27.02 5.78
C GLY B 121 37.41 27.62 6.39
N ASP B 122 38.58 27.15 5.94
CA ASP B 122 39.87 27.67 6.43
C ASP B 122 40.15 29.10 5.98
N ALA B 123 39.69 29.49 4.78
CA ALA B 123 39.83 30.86 4.32
C ALA B 123 39.09 31.81 5.24
N ILE B 124 37.97 31.35 5.82
CA ILE B 124 37.22 32.12 6.82
C ILE B 124 37.87 32.07 8.20
N HIS B 125 38.16 30.88 8.73
CA HIS B 125 38.71 30.78 10.10
C HIS B 125 40.14 31.34 10.21
N LEU B 126 40.88 31.37 9.10
CA LEU B 126 42.26 31.89 9.13
C LEU B 126 42.39 33.29 8.57
N ASN B 127 41.26 33.93 8.32
CA ASN B 127 41.20 35.37 8.03
C ASN B 127 41.65 36.15 9.27
N ARG B 128 42.85 36.72 9.21
CA ARG B 128 43.42 37.41 10.36
C ARG B 128 42.65 38.69 10.79
N PRO B 129 42.33 39.62 9.87
CA PRO B 129 41.56 40.77 10.38
C PRO B 129 40.15 40.41 10.89
N LEU B 130 39.56 39.34 10.36
CA LEU B 130 38.22 38.92 10.85
C LEU B 130 38.31 38.53 12.32
N PHE B 131 39.28 37.69 12.64
CA PHE B 131 39.51 37.23 14.01
C PHE B 131 39.84 38.40 14.94
N ALA B 132 40.64 39.35 14.45
CA ALA B 132 40.94 40.57 15.22
C ALA B 132 39.68 41.34 15.59
N ARG B 133 38.76 41.52 14.63
CA ARG B 133 37.43 42.13 14.89
C ARG B 133 36.67 41.40 15.99
N ILE B 134 36.63 40.07 15.89
CA ILE B 134 35.88 39.26 16.85
C ILE B 134 36.44 39.45 18.26
N LYS B 135 37.76 39.50 18.38
CA LYS B 135 38.41 39.74 19.68
C LYS B 135 38.20 41.16 20.23
N GLN B 136 37.85 42.12 19.38
CA GLN B 136 37.58 43.48 19.85
C GLN B 136 36.13 43.68 20.37
N ILE B 137 35.30 42.64 20.32
CA ILE B 137 33.92 42.74 20.81
C ILE B 137 33.90 42.42 22.33
N SER B 138 33.39 43.33 23.16
CA SER B 138 33.29 43.06 24.59
C SER B 138 31.94 42.40 24.89
N PRO B 139 31.85 41.61 25.99
CA PRO B 139 30.54 41.08 26.37
C PRO B 139 29.50 42.08 26.86
N ASP B 140 29.88 43.34 27.13
CA ASP B 140 29.04 44.26 27.94
C ASP B 140 27.54 44.35 27.61
N GLY B 141 27.17 44.72 26.38
CA GLY B 141 25.73 44.89 26.08
C GLY B 141 24.88 43.63 25.86
N LEU B 142 25.46 42.44 26.06
CA LEU B 142 24.95 41.21 25.44
C LEU B 142 24.04 40.40 26.36
N ASP B 143 22.97 39.83 25.81
CA ASP B 143 22.18 38.85 26.57
C ASP B 143 22.97 37.54 26.71
N ALA B 144 22.44 36.64 27.52
CA ALA B 144 23.17 35.43 27.88
C ALA B 144 23.59 34.62 26.65
N GLU B 145 22.68 34.46 25.68
CA GLU B 145 22.97 33.63 24.49
C GLU B 145 24.00 34.32 23.61
N GLN B 146 23.88 35.64 23.45
CA GLN B 146 24.86 36.42 22.68
C GLN B 146 26.30 36.34 23.22
N ALA B 147 26.45 36.46 24.53
CA ALA B 147 27.76 36.33 25.17
C ALA B 147 28.30 34.92 25.05
N TRP B 148 27.40 33.93 25.17
CA TRP B 148 27.76 32.55 24.93
C TRP B 148 28.21 32.34 23.48
N LEU B 149 27.55 32.99 22.53
CA LEU B 149 27.92 32.87 21.13
C LEU B 149 29.28 33.50 20.86
N LEU B 150 29.53 34.66 21.47
CA LEU B 150 30.83 35.32 21.32
C LEU B 150 31.98 34.39 21.76
N GLU B 151 31.84 33.79 22.93
CA GLU B 151 32.82 32.81 23.43
C GLU B 151 32.96 31.62 22.48
N ARG B 152 31.83 31.12 21.99
CA ARG B 152 31.85 30.03 21.03
C ARG B 152 32.62 30.44 19.76
N TYR B 153 32.34 31.64 19.23
CA TYR B 153 33.03 32.09 18.01
C TYR B 153 34.56 32.15 18.21
N VAL B 154 35.00 32.67 19.35
CA VAL B 154 36.44 32.75 19.66
C VAL B 154 37.00 31.32 19.69
N THR B 155 36.30 30.41 20.38
CA THR B 155 36.76 29.03 20.53
C THR B 155 36.84 28.35 19.19
N ASP B 156 35.81 28.52 18.35
CA ASP B 156 35.80 27.91 17.01
C ASP B 156 37.01 28.38 16.20
N PHE B 157 37.25 29.69 16.18
CA PHE B 157 38.40 30.25 15.46
C PHE B 157 39.77 29.73 15.97
N VAL B 158 39.93 29.67 17.28
CA VAL B 158 41.19 29.16 17.86
C VAL B 158 41.41 27.67 17.57
N ARG B 159 40.36 26.86 17.74
CA ARG B 159 40.44 25.44 17.42
C ARG B 159 40.67 25.16 15.94
N ALA B 160 40.34 26.14 15.08
CA ALA B 160 40.58 26.05 13.63
C ALA B 160 41.95 26.59 13.21
N GLY B 161 42.71 27.13 14.16
CA GLY B 161 44.08 27.61 13.94
C GLY B 161 44.27 29.12 13.86
N ALA B 162 43.31 29.94 14.29
CA ALA B 162 43.43 31.42 14.12
C ALA B 162 44.64 32.08 14.81
N GLU B 163 45.15 31.43 15.87
CA GLU B 163 46.29 31.94 16.64
C GLU B 163 47.66 31.38 16.22
N LEU B 164 47.70 30.52 15.20
CA LEU B 164 48.98 30.03 14.67
C LEU B 164 49.67 31.05 13.75
N GLY B 165 50.99 30.93 13.65
CA GLY B 165 51.77 31.70 12.67
C GLY B 165 51.45 31.35 11.23
N ALA B 166 51.92 32.17 10.29
CA ALA B 166 51.53 32.02 8.88
C ALA B 166 52.00 30.70 8.28
N GLY B 167 53.23 30.29 8.60
CA GLY B 167 53.79 29.00 8.19
C GLY B 167 53.02 27.77 8.67
N ASP B 168 52.67 27.77 9.95
CA ASP B 168 51.84 26.70 10.53
C ASP B 168 50.42 26.66 9.94
N GLN B 169 49.83 27.83 9.72
CA GLN B 169 48.52 27.93 9.09
C GLN B 169 48.50 27.29 7.71
N GLU B 170 49.57 27.53 6.93
CA GLU B 170 49.66 26.95 5.59
C GLU B 170 49.74 25.43 5.67
N ARG B 171 50.52 24.90 6.62
CA ARG B 171 50.60 23.45 6.83
C ARG B 171 49.24 22.86 7.28
N LEU B 172 48.56 23.56 8.19
CA LEU B 172 47.20 23.14 8.61
C LEU B 172 46.16 23.08 7.48
N LYS B 173 46.15 24.07 6.60
CA LYS B 173 45.26 24.07 5.42
C LYS B 173 45.49 22.79 4.62
N ALA B 174 46.76 22.40 4.49
CA ALA B 174 47.12 21.23 3.68
C ALA B 174 46.72 19.91 4.39
N LEU B 175 46.94 19.87 5.71
CA LEU B 175 46.55 18.73 6.54
C LEU B 175 45.01 18.47 6.53
N ASN B 176 44.23 19.54 6.64
CA ASN B 176 42.76 19.45 6.67
C ASN B 176 42.21 18.98 5.32
N GLU B 177 42.79 19.51 4.24
CA GLU B 177 42.32 19.17 2.91
C GLU B 177 42.56 17.69 2.61
N GLU B 178 43.74 17.18 2.96
CA GLU B 178 44.05 15.77 2.80
C GLU B 178 43.15 14.90 3.68
N LEU B 179 42.95 15.33 4.93
CA LEU B 179 42.03 14.61 5.82
C LEU B 179 40.62 14.50 5.23
N SER B 180 40.09 15.59 4.70
CA SER B 180 38.72 15.52 4.18
C SER B 180 38.67 14.62 2.94
N THR B 181 39.74 14.64 2.15
CA THR B 181 39.80 13.80 0.95
C THR B 181 39.89 12.31 1.32
N LEU B 182 40.70 11.98 2.31
CA LEU B 182 40.85 10.61 2.77
C LEU B 182 39.58 10.06 3.43
N SER B 183 38.86 10.89 4.17
CA SER B 183 37.58 10.46 4.79
C SER B 183 36.51 10.18 3.76
N THR B 184 36.44 11.02 2.72
CA THR B 184 35.57 10.75 1.60
C THR B 184 35.89 9.43 0.91
N ARG B 185 37.17 9.18 0.66
CA ARG B 185 37.55 7.92 0.01
C ARG B 185 37.22 6.70 0.87
N PHE B 186 37.42 6.83 2.19
CA PHE B 186 37.03 5.75 3.12
C PHE B 186 35.53 5.40 2.95
N GLU B 187 34.69 6.43 2.93
CA GLU B 187 33.23 6.25 2.84
C GLU B 187 32.82 5.61 1.51
N GLN B 188 33.43 6.05 0.42
CA GLN B 188 33.14 5.51 -0.88
C GLN B 188 33.64 4.06 -1.00
N ASN B 189 34.83 3.78 -0.45
CA ASN B 189 35.40 2.42 -0.39
C ASN B 189 34.43 1.51 0.36
N LEU B 190 33.99 1.98 1.52
CA LEU B 190 33.18 1.15 2.40
C LEU B 190 31.83 0.85 1.79
N LEU B 191 31.19 1.84 1.15
CA LEU B 191 29.93 1.58 0.48
C LEU B 191 30.08 0.54 -0.62
N ALA B 192 31.12 0.67 -1.44
CA ALA B 192 31.34 -0.22 -2.59
C ALA B 192 31.58 -1.64 -2.12
N HIS B 193 32.48 -1.79 -1.16
CA HIS B 193 32.84 -3.09 -0.66
C HIS B 193 31.71 -3.75 0.14
N THR B 194 30.99 -2.96 0.95
CA THR B 194 29.84 -3.48 1.67
C THR B 194 28.78 -4.04 0.72
N ASN B 195 28.38 -3.26 -0.29
CA ASN B 195 27.43 -3.71 -1.32
C ASN B 195 27.89 -4.98 -2.05
N ALA B 196 29.13 -4.99 -2.46
CA ALA B 196 29.74 -6.15 -3.10
C ALA B 196 29.95 -7.37 -2.17
N SER B 197 29.97 -7.16 -0.84
CA SER B 197 30.10 -8.26 0.10
C SER B 197 28.73 -8.83 0.55
N ALA B 198 27.63 -8.26 0.03
CA ALA B 198 26.27 -8.82 0.25
C ALA B 198 26.29 -10.32 -0.10
N VAL B 199 25.71 -11.12 0.78
CA VAL B 199 25.82 -12.58 0.70
C VAL B 199 24.70 -13.12 -0.20
N ILE B 200 25.11 -13.84 -1.26
CA ILE B 200 24.16 -14.45 -2.22
C ILE B 200 23.91 -15.91 -1.87
N VAL B 201 22.63 -16.28 -1.76
CA VAL B 201 22.22 -17.65 -1.50
C VAL B 201 21.40 -18.15 -2.69
N ASP B 202 21.82 -19.29 -3.27
CA ASP B 202 21.15 -19.93 -4.43
C ASP B 202 19.99 -20.82 -4.03
N ASP B 203 20.16 -21.56 -2.92
CA ASP B 203 19.20 -22.57 -2.50
C ASP B 203 18.47 -22.11 -1.25
N VAL B 204 17.13 -22.04 -1.33
CA VAL B 204 16.33 -21.59 -0.20
C VAL B 204 16.47 -22.50 1.03
N ALA B 205 16.81 -23.77 0.81
CA ALA B 205 17.14 -24.70 1.89
C ALA B 205 18.21 -24.16 2.84
N GLN B 206 19.20 -23.45 2.30
CA GLN B 206 20.22 -22.81 3.15
C GLN B 206 19.70 -21.71 4.06
N LEU B 207 18.46 -21.23 3.86
CA LEU B 207 17.86 -20.24 4.77
C LEU B 207 17.01 -20.86 5.88
N ASP B 208 17.15 -22.17 6.12
CA ASP B 208 16.44 -22.84 7.19
C ASP B 208 16.61 -22.10 8.53
N GLY B 209 15.50 -21.85 9.20
CA GLY B 209 15.52 -21.13 10.47
C GLY B 209 15.07 -19.69 10.33
N LEU B 210 15.29 -19.11 9.16
CA LEU B 210 14.93 -17.73 8.89
C LEU B 210 13.40 -17.58 8.86
N SER B 211 12.88 -16.52 9.48
CA SER B 211 11.45 -16.33 9.50
C SER B 211 10.99 -16.16 8.06
N ASP B 212 9.74 -16.50 7.82
CA ASP B 212 9.21 -16.44 6.46
C ASP B 212 9.24 -15.02 5.87
N ASP B 213 8.98 -14.00 6.69
CA ASP B 213 9.04 -12.62 6.18
C ASP B 213 10.47 -12.24 5.74
N SER B 214 11.48 -12.73 6.46
CA SER B 214 12.87 -12.47 6.08
C SER B 214 13.30 -13.18 4.80
N VAL B 215 12.77 -14.38 4.57
CA VAL B 215 13.04 -15.07 3.31
C VAL B 215 12.45 -14.26 2.12
N LYS B 216 11.24 -13.75 2.29
CA LYS B 216 10.61 -12.92 1.24
C LYS B 216 11.38 -11.61 0.99
N ALA B 217 11.87 -11.00 2.06
CA ALA B 217 12.69 -9.78 1.93
C ALA B 217 14.02 -10.06 1.22
N ALA B 218 14.63 -11.21 1.51
CA ALA B 218 15.88 -11.64 0.84
C ALA B 218 15.66 -11.89 -0.65
N ALA B 219 14.50 -12.43 -1.01
CA ALA B 219 14.15 -12.63 -2.42
C ALA B 219 13.91 -11.29 -3.10
N GLU B 220 13.26 -10.38 -2.38
CA GLU B 220 12.99 -9.04 -2.90
C GLU B 220 14.30 -8.28 -3.09
N THR B 221 15.20 -8.34 -2.12
CA THR B 221 16.51 -7.71 -2.27
C THR B 221 17.23 -8.23 -3.52
N ALA B 222 17.22 -9.55 -3.69
CA ALA B 222 17.82 -10.22 -4.85
C ALA B 222 17.25 -9.69 -6.17
N LYS B 223 15.93 -9.56 -6.24
CA LYS B 223 15.24 -9.00 -7.42
C LYS B 223 15.68 -7.57 -7.68
N SER B 224 15.77 -6.78 -6.62
CA SER B 224 16.17 -5.36 -6.73
C SER B 224 17.62 -5.16 -7.15
N ARG B 225 18.49 -6.10 -6.79
CA ARG B 225 19.92 -6.01 -7.09
C ARG B 225 20.34 -6.85 -8.32
N GLY B 226 19.37 -7.26 -9.14
CA GLY B 226 19.64 -7.87 -10.45
C GLY B 226 19.91 -9.37 -10.43
N LEU B 227 19.45 -10.08 -9.40
CA LEU B 227 19.67 -11.53 -9.24
C LEU B 227 18.35 -12.25 -9.00
N PRO B 228 17.41 -12.15 -9.96
CA PRO B 228 16.07 -12.74 -9.74
C PRO B 228 16.16 -14.24 -9.51
N GLY B 229 15.37 -14.75 -8.56
CA GLY B 229 15.35 -16.18 -8.21
C GLY B 229 16.32 -16.60 -7.13
N LYS B 230 17.23 -15.70 -6.74
CA LYS B 230 18.17 -15.96 -5.65
C LYS B 230 17.70 -15.20 -4.40
N TYR B 231 18.51 -15.32 -3.34
CA TYR B 231 18.26 -14.64 -2.05
C TYR B 231 19.52 -13.88 -1.67
N VAL B 232 19.35 -12.61 -1.26
CA VAL B 232 20.49 -11.76 -0.96
C VAL B 232 20.33 -11.22 0.43
N ILE B 233 21.37 -11.40 1.23
CA ILE B 233 21.42 -10.91 2.60
C ILE B 233 22.48 -9.81 2.64
N PRO B 234 22.05 -8.52 2.58
CA PRO B 234 23.03 -7.46 2.74
C PRO B 234 23.57 -7.36 4.17
N LEU B 235 24.74 -6.77 4.31
CA LEU B 235 25.38 -6.61 5.61
C LEU B 235 24.90 -5.31 6.27
N VAL B 236 24.69 -5.37 7.58
CA VAL B 236 24.41 -4.19 8.39
C VAL B 236 25.71 -3.63 8.90
N LEU B 237 25.66 -2.36 9.33
CA LEU B 237 26.86 -1.65 9.76
C LEU B 237 27.76 -2.33 10.82
N PRO B 238 27.19 -2.77 11.97
CA PRO B 238 28.09 -3.36 12.99
C PRO B 238 28.55 -4.76 12.59
N THR B 239 29.52 -5.28 13.33
CA THR B 239 30.07 -6.63 13.12
C THR B 239 28.99 -7.68 13.14
N GLY B 240 28.09 -7.58 14.12
CA GLY B 240 27.03 -8.55 14.33
C GLY B 240 25.92 -8.49 13.28
N GLN B 241 25.68 -9.60 12.61
CA GLN B 241 24.64 -9.68 11.57
C GLN B 241 23.39 -10.39 12.09
N PRO B 242 22.19 -9.74 12.04
CA PRO B 242 20.94 -10.26 12.63
C PRO B 242 20.55 -11.66 12.23
N GLY B 243 20.73 -12.01 10.97
CA GLY B 243 20.35 -13.32 10.50
C GLY B 243 20.99 -14.51 11.22
N LEU B 244 22.17 -14.30 11.83
CA LEU B 244 22.88 -15.37 12.58
C LEU B 244 22.10 -15.91 13.77
N ALA B 245 21.17 -15.14 14.30
CA ALA B 245 20.34 -15.58 15.41
C ALA B 245 19.43 -16.75 15.06
N GLU B 246 19.06 -16.86 13.78
CA GLU B 246 18.06 -17.81 13.30
C GLU B 246 18.59 -18.88 12.34
N LEU B 247 19.62 -18.58 11.54
CA LEU B 247 20.04 -19.51 10.49
C LEU B 247 20.71 -20.75 11.07
N THR B 248 20.14 -21.91 10.77
CA THR B 248 20.66 -23.18 11.28
C THR B 248 21.85 -23.71 10.45
N ASP B 249 22.04 -23.22 9.23
CA ASP B 249 23.19 -23.63 8.40
C ASP B 249 24.42 -22.91 8.94
N ARG B 250 25.25 -23.64 9.71
CA ARG B 250 26.44 -23.04 10.34
C ARG B 250 27.47 -22.53 9.34
N ALA B 251 27.61 -23.24 8.23
CA ALA B 251 28.52 -22.82 7.16
C ALA B 251 28.08 -21.45 6.60
N LEU B 252 26.78 -21.26 6.42
CA LEU B 252 26.26 -19.94 6.00
C LEU B 252 26.47 -18.86 7.07
N ARG B 253 26.28 -19.19 8.35
CA ARG B 253 26.58 -18.26 9.46
C ARG B 253 28.02 -17.79 9.40
N GLU B 254 28.95 -18.74 9.26
CA GLU B 254 30.36 -18.40 9.09
C GLU B 254 30.61 -17.52 7.88
N ARG B 255 30.03 -17.88 6.73
CA ARG B 255 30.19 -17.10 5.53
C ARG B 255 29.74 -15.64 5.75
N ILE B 256 28.61 -15.46 6.40
CA ILE B 256 28.08 -14.10 6.69
C ILE B 256 29.02 -13.36 7.65
N HIS B 257 29.47 -14.04 8.69
CA HIS B 257 30.37 -13.43 9.65
C HIS B 257 31.69 -12.96 8.98
N ARG B 258 32.27 -13.81 8.16
CA ARG B 258 33.46 -13.48 7.39
C ARG B 258 33.27 -12.31 6.43
N ALA B 259 32.13 -12.25 5.78
CA ALA B 259 31.81 -11.14 4.90
C ALA B 259 31.74 -9.83 5.71
N SER B 260 31.14 -9.90 6.89
CA SER B 260 31.08 -8.75 7.79
C SER B 260 32.47 -8.24 8.23
N ILE B 261 33.29 -9.14 8.78
CA ILE B 261 34.55 -8.72 9.37
C ILE B 261 35.61 -8.30 8.35
N GLN B 262 35.48 -8.71 7.09
CA GLN B 262 36.44 -8.35 6.05
C GLN B 262 36.12 -7.05 5.32
N ARG B 263 35.05 -6.37 5.70
CA ARG B 263 34.77 -5.06 5.07
C ARG B 263 35.89 -4.07 5.25
N GLY B 264 36.18 -3.34 4.19
CA GLY B 264 37.34 -2.44 4.08
C GLY B 264 38.72 -3.04 4.05
N VAL B 265 38.81 -4.37 4.03
CA VAL B 265 40.10 -5.07 3.89
C VAL B 265 40.37 -5.21 2.40
N PRO B 266 41.67 -5.25 2.08
CA PRO B 266 42.65 -4.17 2.19
C PRO B 266 42.42 -2.68 1.89
N ASP B 267 41.42 -2.27 1.11
CA ASP B 267 41.40 -0.88 0.61
C ASP B 267 41.42 0.23 1.67
N ASN B 268 40.88 -0.03 2.86
CA ASN B 268 40.85 1.00 3.91
C ASN B 268 42.03 0.96 4.89
N GLU B 269 42.89 -0.05 4.81
CA GLU B 269 43.97 -0.21 5.79
C GLU B 269 44.98 0.97 5.79
N GLU B 270 45.62 1.20 4.64
CA GLU B 270 46.62 2.27 4.55
C GLU B 270 45.97 3.65 4.70
N LEU B 271 44.73 3.76 4.23
CA LEU B 271 43.94 4.98 4.37
C LEU B 271 43.71 5.43 5.82
N ILE B 272 43.24 4.53 6.69
CA ILE B 272 43.00 4.91 8.09
C ILE B 272 44.31 5.19 8.81
N VAL B 273 45.37 4.42 8.54
CA VAL B 273 46.71 4.72 9.10
C VAL B 273 47.08 6.17 8.79
N ARG B 274 46.86 6.57 7.54
CA ARG B 274 47.15 7.93 7.09
C ARG B 274 46.28 8.97 7.79
N ILE B 275 44.99 8.69 7.95
CA ILE B 275 44.10 9.62 8.64
C ILE B 275 44.52 9.81 10.08
N ALA B 276 44.82 8.71 10.77
CA ALA B 276 45.21 8.78 12.18
C ALA B 276 46.53 9.54 12.34
N THR B 277 47.46 9.30 11.42
CA THR B 277 48.75 9.99 11.40
C THR B 277 48.58 11.52 11.21
N LEU B 278 47.82 11.90 10.22
CA LEU B 278 47.50 13.30 10.01
C LEU B 278 46.76 13.95 11.17
N ARG B 279 45.80 13.24 11.79
CA ARG B 279 45.09 13.79 12.94
C ARG B 279 46.07 14.07 14.08
N ALA B 280 47.04 13.17 14.29
CA ALA B 280 48.08 13.36 15.32
C ALA B 280 48.95 14.59 15.01
N GLU B 281 49.39 14.72 13.77
CA GLU B 281 50.19 15.89 13.34
C GLU B 281 49.43 17.18 13.56
N ARG B 282 48.19 17.24 13.07
CA ARG B 282 47.31 18.37 13.26
C ARG B 282 47.14 18.79 14.72
N ALA B 283 46.84 17.82 15.58
CA ALA B 283 46.62 18.10 17.00
C ALA B 283 47.84 18.81 17.58
N LYS B 284 49.03 18.25 17.31
CA LYS B 284 50.29 18.84 17.76
C LYS B 284 50.50 20.26 17.27
N LEU B 285 50.21 20.52 15.99
CA LEU B 285 50.24 21.91 15.46
C LEU B 285 49.35 22.87 16.25
N LEU B 286 48.20 22.37 16.72
CA LEU B 286 47.25 23.17 17.51
C LEU B 286 47.53 23.14 19.02
N GLY B 287 48.64 22.53 19.44
CA GLY B 287 49.09 22.57 20.82
C GLY B 287 48.56 21.48 21.74
N TYR B 288 48.17 20.32 21.15
CA TYR B 288 47.63 19.16 21.88
C TYR B 288 48.51 17.91 21.67
N PRO B 289 48.71 17.11 22.71
CA PRO B 289 49.59 15.95 22.53
C PRO B 289 49.03 14.83 21.64
N THR B 290 47.70 14.78 21.53
CA THR B 290 47.00 13.76 20.73
C THR B 290 45.71 14.32 20.18
N HIS B 291 45.16 13.62 19.20
CA HIS B 291 43.86 13.98 18.67
C HIS B 291 42.79 13.88 19.74
N ALA B 292 42.85 12.86 20.58
CA ALA B 292 41.91 12.75 21.71
C ALA B 292 41.90 13.95 22.62
N ALA B 293 43.08 14.42 23.02
CA ALA B 293 43.16 15.63 23.83
C ALA B 293 42.48 16.85 23.14
N TYR B 294 42.70 17.01 21.84
CA TYR B 294 42.05 18.05 21.01
C TYR B 294 40.51 17.92 21.01
N VAL B 295 40.03 16.70 20.80
CA VAL B 295 38.58 16.41 20.83
C VAL B 295 37.95 16.67 22.21
N VAL B 296 38.59 16.18 23.27
CA VAL B 296 38.03 16.26 24.62
C VAL B 296 37.94 17.72 25.09
N ALA B 297 38.85 18.56 24.60
CA ALA B 297 38.81 20.01 24.79
C ALA B 297 37.48 20.68 24.42
N ASP B 298 36.72 20.10 23.48
CA ASP B 298 35.35 20.61 23.16
C ASP B 298 34.21 19.63 23.49
N GLN B 299 34.48 18.63 24.33
CA GLN B 299 33.45 17.70 24.82
C GLN B 299 33.09 18.09 26.25
N THR B 300 32.00 17.56 26.78
CA THR B 300 31.67 17.76 28.20
C THR B 300 32.60 16.98 29.12
N ALA B 301 33.17 15.87 28.65
CA ALA B 301 34.18 15.17 29.45
C ALA B 301 35.34 16.15 29.73
N PRO B 302 35.78 16.25 30.99
CA PRO B 302 36.75 17.30 31.31
C PRO B 302 38.19 17.05 30.87
N THR B 303 38.62 15.80 30.80
CA THR B 303 39.99 15.47 30.38
C THR B 303 40.03 14.09 29.78
N THR B 304 41.11 13.82 29.03
CA THR B 304 41.37 12.47 28.55
C THR B 304 41.40 11.46 29.71
N GLU B 305 41.99 11.86 30.83
CA GLU B 305 42.04 10.98 32.00
C GLU B 305 40.67 10.58 32.53
N ALA B 306 39.71 11.51 32.54
CA ALA B 306 38.32 11.22 32.96
C ALA B 306 37.70 10.14 32.12
N VAL B 307 37.96 10.19 30.82
CA VAL B 307 37.43 9.19 29.91
C VAL B 307 38.04 7.84 30.19
N THR B 308 39.38 7.74 30.17
CA THR B 308 40.04 6.45 30.40
C THR B 308 39.72 5.89 31.81
N GLU B 309 39.55 6.78 32.79
CA GLU B 309 39.15 6.36 34.14
C GLU B 309 37.77 5.71 34.15
N MET B 310 36.79 6.38 33.54
CA MET B 310 35.44 5.81 33.38
C MET B 310 35.46 4.45 32.71
N LEU B 311 36.13 4.36 31.57
CA LEU B 311 36.17 3.12 30.81
C LEU B 311 36.88 2.00 31.57
N GLY B 312 37.91 2.34 32.34
CA GLY B 312 38.67 1.37 33.10
C GLY B 312 37.88 0.72 34.23
N LYS B 313 36.88 1.44 34.73
CA LYS B 313 35.94 0.92 35.73
C LYS B 313 34.85 0.00 35.15
N LEU B 314 34.47 0.24 33.89
CA LEU B 314 33.39 -0.53 33.27
C LEU B 314 33.85 -1.81 32.61
N THR B 315 35.11 -1.84 32.20
CA THR B 315 35.63 -2.93 31.36
C THR B 315 35.77 -4.28 32.13
N PRO B 316 36.39 -4.28 33.33
CA PRO B 316 36.50 -5.56 34.07
C PRO B 316 35.17 -6.25 34.40
N PRO B 317 34.18 -5.53 34.96
CA PRO B 317 32.90 -6.24 35.17
C PRO B 317 32.20 -6.65 33.87
N ALA B 318 32.31 -5.85 32.82
CA ALA B 318 31.70 -6.21 31.55
C ALA B 318 32.30 -7.51 30.98
N VAL B 319 33.62 -7.60 31.00
CA VAL B 319 34.34 -8.80 30.51
C VAL B 319 33.98 -10.01 31.38
N ALA B 320 33.89 -9.82 32.70
CA ALA B 320 33.50 -10.94 33.60
C ALA B 320 32.09 -11.42 33.24
N ASN B 321 31.14 -10.50 32.98
CA ASN B 321 29.81 -10.89 32.51
C ASN B 321 29.84 -11.65 31.19
N ALA B 322 30.62 -11.19 30.22
CA ALA B 322 30.73 -11.88 28.93
C ALA B 322 31.31 -13.30 29.09
N HIS B 323 32.28 -13.48 29.97
CA HIS B 323 32.82 -14.83 30.25
C HIS B 323 31.78 -15.78 30.84
N ARG B 324 30.96 -15.29 31.76
CA ARG B 324 29.83 -16.09 32.29
C ARG B 324 28.79 -16.43 31.22
N GLU B 325 28.50 -15.45 30.36
CA GLU B 325 27.58 -15.71 29.26
C GLU B 325 28.12 -16.73 28.28
N ALA B 326 29.41 -16.66 27.97
CA ALA B 326 30.01 -17.61 27.05
C ALA B 326 29.92 -19.03 27.63
N ASP B 327 30.18 -19.16 28.93
CA ASP B 327 29.99 -20.44 29.66
C ASP B 327 28.56 -20.99 29.54
N GLU B 328 27.55 -20.14 29.74
CA GLU B 328 26.15 -20.54 29.52
C GLU B 328 25.87 -20.99 28.10
N LEU B 329 26.41 -20.27 27.11
CA LEU B 329 26.17 -20.63 25.72
C LEU B 329 26.83 -21.95 25.37
N ARG B 330 28.03 -22.18 25.88
CA ARG B 330 28.69 -23.48 25.67
C ARG B 330 27.89 -24.66 26.27
N GLU B 331 27.30 -24.45 27.45
CA GLU B 331 26.46 -25.49 28.10
C GLU B 331 25.15 -25.73 27.33
N GLN B 332 24.51 -24.67 26.85
CA GLN B 332 23.36 -24.80 25.92
C GLN B 332 23.68 -25.59 24.65
N ALA B 333 24.77 -25.24 23.99
CA ALA B 333 25.11 -25.83 22.71
C ALA B 333 25.67 -27.25 22.90
N GLY B 334 26.32 -27.47 24.04
CA GLY B 334 27.01 -28.74 24.34
C GLY B 334 28.39 -28.83 23.73
N HIS B 335 28.89 -27.73 23.16
CA HIS B 335 30.17 -27.71 22.44
C HIS B 335 30.78 -26.30 22.34
N ASP B 336 32.04 -26.24 21.90
CA ASP B 336 32.78 -24.98 21.85
C ASP B 336 32.28 -24.11 20.71
N LEU B 337 32.27 -22.80 20.95
CA LEU B 337 31.67 -21.88 19.99
C LEU B 337 32.70 -21.06 19.20
N GLU B 338 32.32 -20.72 17.96
CA GLU B 338 32.96 -19.71 17.15
C GLU B 338 32.13 -18.43 17.23
N PRO B 339 32.72 -17.28 16.85
CA PRO B 339 31.92 -16.02 16.99
C PRO B 339 30.61 -16.03 16.21
N TRP B 340 30.57 -16.81 15.13
CA TRP B 340 29.35 -16.94 14.32
C TRP B 340 28.30 -17.87 14.91
N ASP B 341 28.52 -18.35 16.15
CA ASP B 341 27.53 -19.14 16.88
C ASP B 341 26.92 -18.36 18.03
N TRP B 342 27.45 -17.17 18.38
CA TRP B 342 26.99 -16.48 19.58
C TRP B 342 25.49 -16.22 19.57
N SER B 343 25.03 -15.45 18.58
CA SER B 343 23.63 -15.07 18.51
C SER B 343 22.71 -16.27 18.39
N PHE B 344 23.12 -17.24 17.60
CA PHE B 344 22.33 -18.45 17.38
C PHE B 344 22.04 -19.19 18.69
N TYR B 345 23.07 -19.46 19.51
CA TYR B 345 22.81 -20.09 20.82
C TYR B 345 22.20 -19.16 21.86
N ALA B 346 22.46 -17.85 21.77
CA ALA B 346 21.77 -16.90 22.65
C ALA B 346 20.24 -16.93 22.46
N GLU B 347 19.81 -16.98 21.21
CA GLU B 347 18.37 -17.12 20.89
C GLU B 347 17.77 -18.42 21.48
N LYS B 348 18.54 -19.52 21.47
CA LYS B 348 18.09 -20.77 22.10
C LYS B 348 17.90 -20.67 23.61
N VAL B 349 18.82 -19.98 24.27
CA VAL B 349 18.74 -19.77 25.70
C VAL B 349 17.49 -18.91 26.01
N LEU B 350 17.27 -17.85 25.25
CA LEU B 350 16.08 -16.99 25.46
C LEU B 350 14.78 -17.79 25.27
N LYS B 351 14.74 -18.65 24.26
CA LYS B 351 13.53 -19.46 24.05
C LYS B 351 13.31 -20.40 25.24
N GLU B 352 14.38 -21.06 25.68
CA GLU B 352 14.30 -21.98 26.83
C GLU B 352 13.87 -21.28 28.11
N ARG B 353 14.49 -20.15 28.41
CA ARG B 353 14.31 -19.47 29.69
C ARG B 353 13.08 -18.54 29.78
N TYR B 354 12.75 -17.86 28.69
CA TYR B 354 11.67 -16.88 28.69
C TYR B 354 10.49 -17.25 27.81
N ALA B 355 10.60 -18.36 27.08
CA ALA B 355 9.63 -18.76 26.07
C ALA B 355 9.48 -17.72 24.95
N ILE B 356 10.53 -16.94 24.71
CA ILE B 356 10.55 -15.87 23.70
C ILE B 356 11.38 -16.35 22.52
N ASP B 357 10.70 -16.53 21.38
CA ASP B 357 11.27 -16.98 20.10
C ASP B 357 11.15 -15.76 19.17
N GLY B 358 12.28 -15.31 18.62
CA GLY B 358 12.32 -14.13 17.76
C GLY B 358 11.38 -14.18 16.58
N ARG B 359 11.18 -15.38 16.02
CA ARG B 359 10.19 -15.59 14.96
C ARG B 359 8.76 -15.32 15.41
N GLN B 360 8.44 -15.64 16.66
CA GLN B 360 7.11 -15.33 17.19
C GLN B 360 6.94 -13.85 17.67
N MET B 361 8.03 -13.14 17.97
CA MET B 361 7.95 -11.73 18.36
C MET B 361 7.75 -10.79 17.17
N ARG B 362 8.42 -11.09 16.06
CA ARG B 362 8.37 -10.27 14.85
C ARG B 362 6.98 -9.84 14.41
N PRO B 363 6.00 -10.77 14.42
CA PRO B 363 4.66 -10.42 14.01
C PRO B 363 3.96 -9.34 14.84
N TYR B 364 4.46 -9.08 16.05
CA TYR B 364 3.90 -8.03 16.90
C TYR B 364 4.47 -6.63 16.66
N PHE B 365 5.43 -6.49 15.74
CA PHE B 365 6.19 -5.24 15.53
C PHE B 365 6.23 -4.90 14.06
N GLU B 366 5.13 -4.36 13.58
CA GLU B 366 5.03 -3.90 12.20
C GLU B 366 5.25 -2.41 12.15
N LEU B 367 6.03 -2.00 11.15
CA LEU B 367 6.53 -0.61 11.02
C LEU B 367 5.46 0.45 11.23
N ASP B 368 4.32 0.30 10.56
CA ASP B 368 3.26 1.33 10.63
C ASP B 368 2.73 1.48 12.05
N ARG B 369 2.55 0.35 12.71
CA ARG B 369 2.00 0.35 14.06
C ARG B 369 3.04 0.84 15.06
N VAL B 370 4.29 0.40 14.89
CA VAL B 370 5.36 0.87 15.75
C VAL B 370 5.45 2.41 15.68
N LEU B 371 5.40 2.93 14.46
CA LEU B 371 5.47 4.38 14.26
C LEU B 371 4.28 5.14 14.85
N ARG B 372 3.07 4.75 14.48
CA ARG B 372 1.86 5.45 14.94
C ARG B 372 1.57 5.25 16.42
N ASP B 373 1.58 4.00 16.84
CA ASP B 373 1.12 3.63 18.17
C ASP B 373 2.25 3.49 19.18
N GLY B 374 3.51 3.63 18.75
CA GLY B 374 4.66 3.62 19.61
C GLY B 374 5.42 4.95 19.63
N VAL B 375 6.10 5.24 18.52
CA VAL B 375 7.03 6.36 18.45
C VAL B 375 6.23 7.67 18.53
N PHE B 376 5.26 7.86 17.64
CA PHE B 376 4.42 9.07 17.70
C PHE B 376 3.57 9.13 18.99
N HIS B 377 3.01 8.00 19.36
CA HIS B 377 2.17 7.91 20.57
C HIS B 377 2.85 8.38 21.82
N ALA B 378 4.05 7.89 22.06
CA ALA B 378 4.85 8.31 23.23
C ALA B 378 5.08 9.81 23.23
N ALA B 379 5.46 10.35 22.06
CA ALA B 379 5.66 11.79 21.91
C ALA B 379 4.40 12.62 22.15
N THR B 380 3.25 12.10 21.71
CA THR B 380 1.99 12.78 21.95
C THR B 380 1.61 12.73 23.45
N LEU B 381 1.77 11.57 24.08
CA LEU B 381 1.47 11.49 25.53
C LEU B 381 2.42 12.33 26.37
N LEU B 382 3.68 12.39 25.95
CA LEU B 382 4.70 13.08 26.76
C LEU B 382 4.72 14.58 26.49
N TYR B 383 4.74 14.96 25.21
CA TYR B 383 4.93 16.33 24.84
C TYR B 383 3.67 17.04 24.34
N GLY B 384 2.60 16.29 24.06
CA GLY B 384 1.39 16.87 23.52
C GLY B 384 1.42 17.15 22.01
N ILE B 385 2.55 16.88 21.36
CA ILE B 385 2.66 17.16 19.92
C ILE B 385 1.83 16.15 19.12
N THR B 386 1.43 16.56 17.91
CA THR B 386 0.60 15.73 17.04
C THR B 386 1.21 15.74 15.64
N PHE B 387 0.79 14.78 14.84
CA PHE B 387 1.41 14.47 13.58
C PHE B 387 0.35 14.33 12.50
N THR B 388 0.60 14.97 11.35
CA THR B 388 -0.22 14.74 10.15
C THR B 388 0.66 14.27 9.01
N GLU B 389 0.45 13.03 8.53
CA GLU B 389 1.16 12.55 7.34
C GLU B 389 0.78 13.36 6.11
N ARG B 390 1.78 13.69 5.29
CA ARG B 390 1.61 14.50 4.09
C ARG B 390 2.13 13.73 2.85
N PRO B 391 1.36 12.73 2.37
CA PRO B 391 1.75 11.97 1.17
C PRO B 391 1.75 12.81 -0.10
N ASP B 392 1.12 13.98 -0.03
CA ASP B 392 1.14 14.96 -1.10
C ASP B 392 2.43 15.79 -1.19
N LEU B 393 3.15 15.97 -0.07
CA LEU B 393 4.46 16.68 -0.10
C LEU B 393 5.54 15.75 -0.62
N VAL B 394 6.54 16.34 -1.25
CA VAL B 394 7.56 15.61 -2.02
C VAL B 394 8.84 15.54 -1.19
N GLY B 395 9.19 14.33 -0.75
CA GLY B 395 10.48 14.08 -0.16
C GLY B 395 11.55 13.84 -1.21
N TYR B 396 12.75 13.49 -0.75
CA TYR B 396 13.92 13.40 -1.63
C TYR B 396 14.02 12.03 -2.31
N HIS B 397 13.23 11.06 -1.82
CA HIS B 397 13.17 9.72 -2.38
C HIS B 397 11.69 9.29 -2.28
N PRO B 398 11.21 8.47 -3.23
CA PRO B 398 9.77 8.16 -3.17
C PRO B 398 9.24 7.43 -1.93
N ASP B 399 10.09 6.69 -1.22
CA ASP B 399 9.74 6.02 0.03
C ASP B 399 9.82 6.88 1.28
N VAL B 400 10.25 8.14 1.17
CA VAL B 400 10.29 9.00 2.31
C VAL B 400 8.85 9.37 2.70
N ARG B 401 8.53 9.28 4.01
CA ARG B 401 7.27 9.75 4.49
C ARG B 401 7.49 11.11 5.16
N VAL B 402 6.70 12.10 4.75
CA VAL B 402 6.79 13.45 5.29
C VAL B 402 5.64 13.66 6.27
N PHE B 403 5.95 14.16 7.47
CA PHE B 403 4.96 14.45 8.46
C PHE B 403 5.06 15.88 8.95
N GLU B 404 3.91 16.55 9.02
CA GLU B 404 3.82 17.83 9.68
C GLU B 404 3.64 17.62 11.18
N VAL B 405 4.38 18.36 11.99
CA VAL B 405 4.35 18.20 13.44
C VAL B 405 3.77 19.50 14.05
N PHE B 406 2.79 19.34 14.96
CA PHE B 406 2.08 20.46 15.63
C PHE B 406 2.26 20.39 17.14
N ASN B 407 2.30 21.57 17.78
CA ASN B 407 2.26 21.65 19.25
C ASN B 407 0.86 21.27 19.75
N GLU B 408 0.75 20.96 21.05
CA GLU B 408 -0.55 20.70 21.70
C GLU B 408 -1.62 21.76 21.40
N ASP B 409 -1.20 23.02 21.40
CA ASP B 409 -2.11 24.14 21.15
C ASP B 409 -2.47 24.33 19.67
N GLY B 410 -2.00 23.45 18.78
CA GLY B 410 -2.40 23.50 17.37
C GLY B 410 -1.46 24.29 16.47
N SER B 411 -0.50 24.99 17.07
CA SER B 411 0.49 25.74 16.30
C SER B 411 1.47 24.80 15.61
N GLN B 412 2.01 25.29 14.50
CA GLN B 412 2.95 24.52 13.69
C GLN B 412 4.30 24.45 14.37
N LEU B 413 4.92 23.27 14.33
CA LEU B 413 6.21 23.06 14.98
C LEU B 413 7.29 22.83 13.96
N GLY B 414 7.12 21.86 13.10
CA GLY B 414 8.14 21.52 12.11
C GLY B 414 7.71 20.38 11.19
N LEU B 415 8.68 19.86 10.41
CA LEU B 415 8.47 18.69 9.57
C LEU B 415 9.42 17.59 9.96
N PHE B 416 8.95 16.36 9.83
CA PHE B 416 9.72 15.16 10.14
C PHE B 416 9.68 14.26 8.92
N LEU B 417 10.84 13.83 8.44
CA LEU B 417 10.93 12.96 7.27
C LEU B 417 11.51 11.62 7.71
N GLY B 418 10.79 10.55 7.37
CA GLY B 418 11.19 9.18 7.74
C GLY B 418 11.56 8.38 6.50
N ASP B 419 12.75 7.77 6.51
CA ASP B 419 13.25 6.99 5.37
C ASP B 419 13.79 5.66 5.92
N TYR B 420 12.95 4.64 5.89
CA TYR B 420 13.14 3.44 6.75
C TYR B 420 13.92 2.24 6.17
N TYR B 421 14.09 2.19 4.86
CA TYR B 421 14.59 0.99 4.22
C TYR B 421 15.99 1.05 3.68
N ALA B 422 16.65 -0.11 3.75
CA ALA B 422 17.94 -0.33 3.14
C ALA B 422 17.88 -0.27 1.62
N ARG B 423 18.96 0.15 1.00
CA ARG B 423 19.12 0.08 -0.47
C ARG B 423 20.60 0.35 -0.77
N PRO B 424 21.12 -0.14 -1.92
CA PRO B 424 22.57 0.02 -2.22
C PRO B 424 23.07 1.45 -2.20
N SER B 425 22.21 2.41 -2.51
CA SER B 425 22.57 3.83 -2.47
C SER B 425 22.65 4.45 -1.08
N LYS B 426 22.16 3.76 -0.07
CA LYS B 426 22.11 4.25 1.31
C LYS B 426 23.21 3.61 2.14
N ARG B 427 24.00 4.44 2.84
CA ARG B 427 25.04 3.89 3.71
C ARG B 427 24.45 3.13 4.92
N GLY B 428 25.28 2.33 5.59
CA GLY B 428 24.78 1.53 6.72
C GLY B 428 24.45 2.33 7.97
N GLY B 429 23.75 1.67 8.88
CA GLY B 429 23.49 2.16 10.22
C GLY B 429 22.15 2.90 10.27
N ALA B 430 22.11 3.95 11.07
CA ALA B 430 20.90 4.78 11.18
C ALA B 430 21.34 6.16 11.60
N TRP B 431 20.64 7.20 11.18
CA TRP B 431 21.08 8.55 11.57
C TRP B 431 19.95 9.53 11.40
N MET B 432 20.20 10.69 11.99
CA MET B 432 19.37 11.86 11.92
C MET B 432 20.18 13.00 11.31
N ASN B 433 19.54 13.79 10.47
CA ASN B 433 20.11 15.04 10.03
C ASN B 433 19.00 16.10 9.86
N SER B 434 19.43 17.35 9.64
CA SER B 434 18.50 18.46 9.52
C SER B 434 18.60 19.03 8.10
N LEU B 435 17.45 19.18 7.44
CA LEU B 435 17.36 19.92 6.18
C LEU B 435 17.22 21.41 6.42
N VAL B 436 16.54 21.77 7.50
CA VAL B 436 16.42 23.18 7.88
C VAL B 436 16.61 23.24 9.37
N LYS B 437 17.52 24.12 9.83
CA LYS B 437 17.80 24.31 11.25
C LYS B 437 16.94 25.43 11.78
N GLN B 438 16.42 25.28 13.00
CA GLN B 438 15.67 26.34 13.66
C GLN B 438 16.56 27.48 14.16
N SER B 439 16.14 28.72 13.96
CA SER B 439 16.75 29.84 14.67
C SER B 439 15.78 31.02 14.58
N THR B 440 15.70 31.82 15.63
CA THR B 440 14.86 33.05 15.54
C THR B 440 15.57 34.14 14.72
N LEU B 441 16.90 34.05 14.59
CA LEU B 441 17.63 34.97 13.69
C LEU B 441 17.03 34.98 12.29
N GLU B 442 16.81 33.78 11.75
CA GLU B 442 16.26 33.58 10.40
C GLU B 442 14.75 33.33 10.36
N GLY B 443 14.16 33.02 11.50
CA GLY B 443 12.74 32.77 11.58
C GLY B 443 12.38 31.44 10.95
N THR B 444 13.30 30.47 11.02
CA THR B 444 13.11 29.19 10.36
C THR B 444 12.52 28.20 11.35
N ARG B 445 11.77 27.25 10.81
CA ARG B 445 11.24 26.11 11.57
CA ARG B 445 11.27 26.13 11.61
C ARG B 445 12.05 24.87 11.20
N PRO B 446 12.25 23.94 12.14
CA PRO B 446 13.02 22.75 11.85
C PRO B 446 12.39 21.81 10.85
N VAL B 447 13.24 21.21 10.01
CA VAL B 447 12.88 20.15 9.11
C VAL B 447 13.98 19.11 9.35
N VAL B 448 13.58 17.99 9.91
CA VAL B 448 14.51 16.94 10.35
C VAL B 448 14.22 15.62 9.67
N VAL B 449 15.25 14.78 9.61
CA VAL B 449 15.22 13.54 8.85
C VAL B 449 15.71 12.40 9.73
N ASN B 450 15.10 11.24 9.58
CA ASN B 450 15.57 9.98 10.18
C ASN B 450 15.72 8.97 9.06
N ASN B 451 16.88 8.30 9.06
CA ASN B 451 17.15 7.23 8.14
C ASN B 451 17.44 5.95 8.90
N LEU B 452 16.74 4.88 8.53
CA LEU B 452 17.00 3.50 8.99
C LEU B 452 17.29 2.54 7.83
N ASN B 453 17.74 1.33 8.19
CA ASN B 453 18.12 0.29 7.19
C ASN B 453 17.38 -1.02 7.40
N ILE B 454 16.06 -0.93 7.41
CA ILE B 454 15.21 -2.11 7.54
C ILE B 454 15.13 -2.72 6.15
N ALA B 455 15.14 -4.06 6.08
CA ALA B 455 14.98 -4.75 4.80
C ALA B 455 13.57 -4.54 4.25
N LYS B 456 13.45 -4.18 2.97
CA LYS B 456 12.15 -3.83 2.38
C LYS B 456 11.40 -5.08 1.94
N PRO B 457 10.15 -5.28 2.44
CA PRO B 457 9.38 -6.41 1.94
C PRO B 457 8.94 -6.26 0.48
N PRO B 458 8.56 -7.38 -0.16
CA PRO B 458 7.83 -7.32 -1.45
C PRO B 458 6.51 -6.58 -1.32
N ALA B 459 5.97 -6.18 -2.48
CA ALA B 459 4.65 -5.57 -2.55
C ALA B 459 3.62 -6.24 -1.67
N GLY B 460 2.87 -5.42 -0.92
CA GLY B 460 1.78 -5.87 -0.10
C GLY B 460 2.16 -6.45 1.25
N GLU B 461 3.44 -6.78 1.47
CA GLU B 461 3.83 -7.58 2.63
C GLU B 461 4.14 -6.65 3.81
N PRO B 462 3.85 -7.11 5.04
CA PRO B 462 4.11 -6.27 6.19
C PRO B 462 5.61 -6.14 6.49
N THR B 463 6.01 -5.01 7.07
CA THR B 463 7.37 -4.76 7.48
C THR B 463 7.52 -5.13 8.96
N LEU B 464 7.94 -6.36 9.23
CA LEU B 464 8.06 -6.86 10.60
C LEU B 464 9.47 -6.57 11.08
N MET B 465 9.60 -6.17 12.34
CA MET B 465 10.87 -5.61 12.81
C MET B 465 11.37 -6.43 13.98
N THR B 466 12.69 -6.41 14.14
CA THR B 466 13.31 -6.90 15.36
C THR B 466 13.15 -5.81 16.41
N PHE B 467 13.32 -6.17 17.67
CA PHE B 467 13.26 -5.14 18.70
C PHE B 467 14.45 -4.17 18.67
N GLU B 468 15.60 -4.64 18.21
CA GLU B 468 16.74 -3.77 17.93
C GLU B 468 16.36 -2.66 16.96
N GLU B 469 15.64 -3.01 15.90
CA GLU B 469 15.12 -2.02 14.95
C GLU B 469 14.10 -1.06 15.58
N VAL B 470 13.22 -1.60 16.43
CA VAL B 470 12.28 -0.76 17.17
C VAL B 470 13.02 0.27 18.03
N ASN B 471 14.02 -0.21 18.75
CA ASN B 471 14.85 0.68 19.59
CA ASN B 471 14.87 0.63 19.58
C ASN B 471 15.56 1.76 18.75
N THR B 472 16.06 1.37 17.59
CA THR B 472 16.74 2.31 16.68
C THR B 472 15.76 3.37 16.23
N MET B 473 14.52 2.98 15.98
CA MET B 473 13.50 3.95 15.56
C MET B 473 13.29 5.00 16.64
N PHE B 474 13.22 4.55 17.89
CA PHE B 474 13.04 5.47 19.01
C PHE B 474 14.27 6.32 19.22
N HIS B 475 15.45 5.72 19.09
CA HIS B 475 16.73 6.46 19.15
C HIS B 475 16.80 7.63 18.17
N GLU B 476 16.64 7.35 16.87
CA GLU B 476 16.66 8.39 15.87
C GLU B 476 15.57 9.44 16.06
N PHE B 477 14.40 9.02 16.53
CA PHE B 477 13.34 9.98 16.80
C PHE B 477 13.71 10.91 17.97
N GLY B 478 14.51 10.40 18.90
CA GLY B 478 15.06 11.23 19.97
C GLY B 478 15.91 12.39 19.45
N HIS B 479 16.76 12.10 18.47
CA HIS B 479 17.54 13.12 17.76
C HIS B 479 16.57 14.05 17.05
N ALA B 480 15.53 13.48 16.40
CA ALA B 480 14.54 14.31 15.68
C ALA B 480 13.86 15.36 16.60
N LEU B 481 13.40 14.89 17.76
CA LEU B 481 12.79 15.76 18.77
C LEU B 481 13.75 16.85 19.29
N HIS B 482 15.00 16.49 19.49
CA HIS B 482 16.05 17.48 19.84
C HIS B 482 16.08 18.63 18.80
N GLY B 483 16.05 18.25 17.52
CA GLY B 483 15.98 19.23 16.44
C GLY B 483 14.65 19.97 16.41
N LEU B 484 13.54 19.23 16.57
CA LEU B 484 12.20 19.86 16.47
C LEU B 484 11.90 20.83 17.62
N PHE B 485 12.38 20.53 18.82
CA PHE B 485 12.10 21.36 19.97
C PHE B 485 13.07 22.55 20.12
N SER B 486 14.00 22.75 19.18
CA SER B 486 14.98 23.82 19.30
C SER B 486 14.30 25.19 19.41
N GLU B 487 14.71 25.99 20.40
CA GLU B 487 14.20 27.38 20.51
C GLU B 487 15.38 28.29 20.81
N VAL B 488 16.29 28.38 19.87
CA VAL B 488 17.50 29.20 20.02
C VAL B 488 17.40 30.43 19.11
N HIS B 489 18.22 31.42 19.44
CA HIS B 489 18.35 32.62 18.61
C HIS B 489 19.28 32.38 17.43
N TYR B 490 20.47 31.82 17.67
CA TYR B 490 21.53 31.76 16.66
C TYR B 490 21.76 30.34 16.10
N PRO B 491 21.82 30.21 14.75
CA PRO B 491 21.93 28.90 14.08
C PRO B 491 23.13 28.06 14.47
N ARG B 492 24.20 28.71 14.93
CA ARG B 492 25.34 27.97 15.51
C ARG B 492 24.92 27.02 16.63
N PHE B 493 23.82 27.34 17.32
CA PHE B 493 23.36 26.61 18.49
C PHE B 493 22.12 25.74 18.24
N SER B 494 21.60 25.72 17.02
CA SER B 494 20.33 25.06 16.73
C SER B 494 20.36 23.58 17.08
N GLY B 495 19.29 23.11 17.66
CA GLY B 495 18.94 21.70 17.69
C GLY B 495 19.99 20.80 18.30
N THR B 496 20.64 20.00 17.46
CA THR B 496 21.58 19.00 17.91
C THR B 496 23.03 19.54 18.01
N ALA B 497 23.21 20.87 17.96
CA ALA B 497 24.56 21.50 18.02
C ALA B 497 25.12 21.53 19.44
N VAL B 498 25.46 20.35 19.94
CA VAL B 498 25.96 20.17 21.30
C VAL B 498 27.13 19.20 21.18
N PRO B 499 27.97 19.11 22.21
CA PRO B 499 29.08 18.18 22.09
C PRO B 499 28.62 16.75 21.87
N ARG B 500 29.43 15.97 21.16
CA ARG B 500 29.09 14.59 20.80
C ARG B 500 28.82 13.74 22.02
N ASP B 501 29.53 13.97 23.12
CA ASP B 501 29.29 13.19 24.36
C ASP B 501 28.09 13.63 25.19
N PHE B 502 27.38 14.65 24.67
CA PHE B 502 26.03 15.00 25.14
C PHE B 502 24.91 14.71 24.12
N VAL B 503 25.20 14.74 22.81
CA VAL B 503 24.16 14.64 21.77
C VAL B 503 23.46 13.28 21.76
N GLU B 504 24.13 12.22 22.24
CA GLU B 504 23.55 10.89 22.34
C GLU B 504 22.69 10.69 23.62
N TYR B 505 22.48 11.74 24.41
CA TYR B 505 21.58 11.65 25.54
C TYR B 505 20.11 11.77 25.12
N PRO B 506 19.73 12.84 24.37
CA PRO B 506 18.32 12.89 23.95
C PRO B 506 17.86 11.73 23.06
N SER B 507 18.79 11.16 22.31
CA SER B 507 18.49 9.99 21.50
C SER B 507 18.31 8.73 22.38
N GLN B 508 19.31 8.44 23.18
CA GLN B 508 19.25 7.25 24.04
C GLN B 508 18.13 7.33 25.04
N VAL B 509 17.85 8.51 25.60
CA VAL B 509 16.75 8.61 26.58
C VAL B 509 15.36 8.42 25.91
N ASN B 510 15.20 8.80 24.64
CA ASN B 510 13.92 8.55 23.97
C ASN B 510 13.60 7.05 23.80
N GLU B 511 14.62 6.19 23.86
CA GLU B 511 14.43 4.73 23.78
C GLU B 511 13.68 4.19 24.97
N MET B 512 13.70 4.92 26.10
CA MET B 512 12.95 4.48 27.29
C MET B 512 11.46 4.19 26.97
N TRP B 513 10.91 4.94 26.00
CA TRP B 513 9.51 4.81 25.70
C TRP B 513 9.17 3.58 24.89
N ALA B 514 10.16 3.00 24.19
CA ALA B 514 9.96 1.73 23.49
C ALA B 514 9.59 0.62 24.49
N VAL B 515 10.16 0.67 25.69
CA VAL B 515 9.92 -0.40 26.69
C VAL B 515 9.09 0.01 27.88
N TRP B 516 8.60 1.25 27.90
CA TRP B 516 7.71 1.70 28.97
C TRP B 516 6.46 0.86 28.79
N PRO B 517 6.06 0.09 29.82
CA PRO B 517 5.09 -0.98 29.50
C PRO B 517 3.75 -0.55 28.93
N SER B 518 3.18 0.55 29.41
CA SER B 518 1.90 1.03 28.87
C SER B 518 2.01 1.52 27.40
N VAL B 519 3.19 1.99 27.00
CA VAL B 519 3.47 2.33 25.58
C VAL B 519 3.71 1.05 24.77
N LEU B 520 4.53 0.14 25.28
CA LEU B 520 4.80 -1.12 24.62
C LEU B 520 3.53 -1.93 24.38
N ALA B 521 2.69 -2.02 25.40
CA ALA B 521 1.40 -2.72 25.25
C ALA B 521 0.48 -2.08 24.17
N ASN B 522 0.62 -0.79 23.96
CA ASN B 522 -0.17 -0.08 22.98
C ASN B 522 0.18 -0.44 21.53
N TYR B 523 1.45 -0.71 21.24
CA TYR B 523 1.90 -0.99 19.88
C TYR B 523 2.26 -2.43 19.59
N ALA B 524 2.49 -3.26 20.62
CA ALA B 524 2.86 -4.68 20.43
C ALA B 524 1.61 -5.53 20.17
N ARG B 525 1.13 -5.49 18.92
CA ARG B 525 -0.13 -6.12 18.54
C ARG B 525 0.09 -6.82 17.20
N HIS B 526 -0.51 -8.00 17.05
CA HIS B 526 -0.26 -8.84 15.90
C HIS B 526 -0.72 -8.10 14.61
N TRP B 527 0.11 -8.17 13.58
CA TRP B 527 -0.10 -7.39 12.35
C TRP B 527 -1.38 -7.74 11.58
N GLN B 528 -1.77 -9.01 11.61
CA GLN B 528 -3.05 -9.47 11.00
C GLN B 528 -4.26 -9.24 11.88
N THR B 529 -4.22 -9.81 13.08
CA THR B 529 -5.37 -9.88 13.97
C THR B 529 -5.62 -8.63 14.79
N GLY B 530 -4.57 -7.82 15.02
CA GLY B 530 -4.67 -6.71 15.94
C GLY B 530 -4.59 -7.07 17.42
N ASP B 531 -4.36 -8.34 17.72
CA ASP B 531 -4.50 -8.86 19.08
C ASP B 531 -3.25 -8.48 19.85
N PRO B 532 -3.43 -7.96 21.07
CA PRO B 532 -2.23 -7.64 21.87
C PRO B 532 -1.44 -8.89 22.23
N MET B 533 -0.13 -8.77 22.37
CA MET B 533 0.67 -9.89 22.90
C MET B 533 0.16 -10.20 24.32
N PRO B 534 0.03 -11.49 24.67
CA PRO B 534 -0.36 -11.80 26.04
C PRO B 534 0.51 -11.08 27.06
N LYS B 535 -0.13 -10.57 28.10
CA LYS B 535 0.52 -9.75 29.12
C LYS B 535 1.76 -10.44 29.67
N ASP B 536 1.62 -11.74 30.00
CA ASP B 536 2.71 -12.46 30.58
C ASP B 536 3.85 -12.81 29.63
N LEU B 537 3.58 -12.81 28.32
CA LEU B 537 4.62 -12.96 27.32
C LEU B 537 5.37 -11.66 27.06
N LEU B 538 4.65 -10.53 27.00
CA LEU B 538 5.27 -9.21 26.91
C LEU B 538 6.18 -8.94 28.12
N ASP B 539 5.78 -9.38 29.31
CA ASP B 539 6.64 -9.29 30.51
C ASP B 539 8.00 -9.98 30.26
N ARG B 540 7.95 -11.19 29.69
CA ARG B 540 9.17 -11.96 29.47
C ARG B 540 9.99 -11.46 28.29
N MET B 541 9.34 -10.90 27.29
CA MET B 541 10.08 -10.20 26.21
C MET B 541 10.90 -9.07 26.81
N LEU B 542 10.31 -8.28 27.70
CA LEU B 542 11.06 -7.25 28.39
C LEU B 542 12.24 -7.84 29.12
N LYS B 543 12.03 -8.95 29.83
CA LYS B 543 13.13 -9.60 30.56
C LYS B 543 14.24 -10.09 29.64
N SER B 544 13.89 -10.64 28.49
CA SER B 544 14.89 -11.18 27.57
C SER B 544 15.82 -10.10 26.95
N GLN B 545 15.45 -8.82 27.05
CA GLN B 545 16.33 -7.73 26.57
C GLN B 545 17.44 -7.36 27.53
N LYS B 546 17.26 -7.69 28.81
CA LYS B 546 18.31 -7.59 29.80
C LYS B 546 19.35 -8.71 29.67
N TYR B 547 19.03 -9.76 28.90
CA TYR B 547 19.96 -10.85 28.63
C TYR B 547 21.11 -10.32 27.79
N ASN B 548 22.28 -10.95 27.92
CA ASN B 548 23.40 -10.70 26.99
C ASN B 548 24.07 -9.32 27.26
N GLN B 549 23.96 -8.75 28.48
CA GLN B 549 24.60 -7.44 28.74
C GLN B 549 26.11 -7.51 28.70
N GLY B 550 26.68 -8.70 28.97
CA GLY B 550 28.12 -8.93 28.81
C GLY B 550 28.61 -8.73 27.39
N TYR B 551 28.04 -9.49 26.47
CA TYR B 551 28.38 -9.35 25.05
C TYR B 551 28.15 -7.90 24.57
N LYS B 552 26.95 -7.39 24.83
CA LYS B 552 26.56 -6.06 24.33
C LYS B 552 27.50 -4.97 24.79
N THR B 553 27.88 -5.02 26.08
CA THR B 553 28.75 -4.04 26.67
C THR B 553 30.20 -4.23 26.19
N VAL B 554 30.68 -5.48 26.14
CA VAL B 554 32.05 -5.69 25.71
C VAL B 554 32.29 -5.30 24.22
N GLU B 555 31.36 -5.60 23.31
CA GLU B 555 31.60 -5.24 21.90
C GLU B 555 31.63 -3.72 21.75
N TYR B 556 30.85 -3.03 22.59
CA TYR B 556 30.81 -1.59 22.59
C TYR B 556 32.11 -1.00 23.15
N LEU B 557 32.51 -1.43 24.36
CA LEU B 557 33.76 -0.96 24.98
C LEU B 557 34.99 -1.29 24.12
N ALA B 558 35.05 -2.48 23.52
CA ALA B 558 36.18 -2.82 22.65
C ALA B 558 36.31 -1.84 21.47
N ALA B 559 35.19 -1.48 20.84
CA ALA B 559 35.19 -0.45 19.80
C ALA B 559 35.58 0.94 20.32
N THR B 560 35.09 1.30 21.52
CA THR B 560 35.43 2.57 22.15
C THR B 560 36.95 2.64 22.40
N LEU B 561 37.50 1.54 22.94
CA LEU B 561 38.93 1.50 23.23
C LEU B 561 39.78 1.43 21.98
N LEU B 562 39.26 0.81 20.92
CA LEU B 562 39.94 0.79 19.61
C LEU B 562 40.03 2.20 19.04
N ASP B 563 38.91 2.91 19.01
CA ASP B 563 38.91 4.34 18.65
C ASP B 563 39.92 5.16 19.48
N TRP B 564 39.89 4.98 20.79
CA TRP B 564 40.80 5.71 21.67
C TRP B 564 42.27 5.48 21.30
N SER B 565 42.62 4.22 21.11
CA SER B 565 43.99 3.82 20.73
C SER B 565 44.43 4.45 19.41
N TRP B 566 43.52 4.49 18.43
CA TRP B 566 43.83 5.16 17.15
C TRP B 566 44.14 6.66 17.27
N HIS B 567 43.62 7.30 18.32
CA HIS B 567 43.73 8.74 18.51
C HIS B 567 44.52 9.18 19.73
N THR B 568 45.34 8.27 20.27
CA THR B 568 46.23 8.54 21.40
C THR B 568 47.65 7.97 21.23
N PHE B 569 47.98 7.41 20.07
CA PHE B 569 49.27 6.71 19.93
C PHE B 569 50.45 7.66 20.01
N GLN B 570 51.59 7.13 20.46
CA GLN B 570 52.83 7.90 20.57
C GLN B 570 53.52 7.87 19.21
N THR B 571 53.81 6.67 18.73
CA THR B 571 54.39 6.45 17.40
C THR B 571 53.34 5.82 16.46
N PRO B 572 53.28 6.25 15.16
CA PRO B 572 52.21 5.75 14.29
C PRO B 572 52.31 4.24 13.93
N PRO B 573 51.17 3.55 13.77
CA PRO B 573 51.20 2.11 13.49
C PRO B 573 51.72 1.78 12.10
N GLU B 574 52.40 0.66 11.94
CA GLU B 574 52.85 0.21 10.64
C GLU B 574 51.70 -0.45 9.88
N ASN B 575 51.04 -1.40 10.55
CA ASN B 575 49.96 -2.20 9.95
C ASN B 575 48.64 -1.99 10.74
N ALA B 576 47.56 -1.67 10.02
CA ALA B 576 46.26 -1.39 10.66
C ALA B 576 45.73 -2.58 11.46
N LEU B 577 45.80 -3.77 10.87
CA LEU B 577 45.28 -4.98 11.50
C LEU B 577 46.12 -5.39 12.71
N THR B 578 47.43 -5.23 12.61
CA THR B 578 48.32 -5.54 13.74
C THR B 578 48.07 -4.57 14.90
N PHE B 579 47.94 -3.29 14.56
CA PHE B 579 47.58 -2.25 15.53
C PHE B 579 46.28 -2.58 16.28
N GLU B 580 45.27 -3.01 15.53
CA GLU B 580 43.95 -3.32 16.08
C GLU B 580 44.07 -4.43 17.09
N HIS B 581 44.79 -5.49 16.71
CA HIS B 581 44.98 -6.61 17.59
C HIS B 581 45.65 -6.20 18.91
N GLU B 582 46.76 -5.48 18.77
CA GLU B 582 47.56 -5.04 19.92
C GLU B 582 46.79 -4.08 20.81
N ALA B 583 46.03 -3.17 20.20
CA ALA B 583 45.21 -2.23 20.99
C ALA B 583 44.20 -2.99 21.83
N LEU B 584 43.51 -3.94 21.22
CA LEU B 584 42.48 -4.70 21.93
C LEU B 584 43.10 -5.61 23.00
N THR B 585 44.27 -6.19 22.71
CA THR B 585 44.96 -7.05 23.67
C THR B 585 45.45 -6.26 24.89
N THR B 586 46.11 -5.12 24.66
CA THR B 586 46.56 -4.23 25.74
C THR B 586 45.40 -3.71 26.60
N ALA B 587 44.25 -3.45 25.98
CA ALA B 587 43.08 -3.03 26.75
C ALA B 587 42.29 -4.16 27.45
N GLY B 588 42.67 -5.43 27.24
CA GLY B 588 42.03 -6.57 27.89
C GLY B 588 40.66 -6.92 27.33
N VAL B 589 40.43 -6.61 26.05
CA VAL B 589 39.12 -6.83 25.41
C VAL B 589 39.24 -7.55 24.08
N ASP B 590 40.30 -8.34 23.91
CA ASP B 590 40.47 -9.15 22.71
C ASP B 590 39.87 -10.51 23.01
N LEU B 591 38.56 -10.62 22.83
CA LEU B 591 37.83 -11.85 23.11
C LEU B 591 37.46 -12.45 21.79
N LYS B 592 37.91 -13.68 21.55
CA LYS B 592 37.58 -14.38 20.30
C LYS B 592 36.07 -14.36 19.98
N LEU B 593 35.25 -14.61 20.98
CA LEU B 593 33.81 -14.69 20.75
C LEU B 593 33.11 -13.35 20.69
N VAL B 594 33.78 -12.28 21.12
CA VAL B 594 33.20 -10.94 21.20
C VAL B 594 34.09 -9.93 20.45
N PRO B 595 34.05 -9.96 19.11
CA PRO B 595 34.75 -8.90 18.36
C PRO B 595 34.19 -7.49 18.64
N PRO B 596 34.98 -6.46 18.38
CA PRO B 596 34.45 -5.11 18.61
C PRO B 596 33.28 -4.82 17.70
N ARG B 597 32.41 -3.91 18.15
CA ARG B 597 31.16 -3.62 17.43
C ARG B 597 31.44 -3.14 16.00
N TYR B 598 32.59 -2.50 15.78
CA TYR B 598 33.12 -2.22 14.42
C TYR B 598 34.59 -2.54 14.52
N ARG B 599 35.15 -3.21 13.51
CA ARG B 599 36.61 -3.27 13.34
C ARG B 599 37.09 -2.01 12.60
N SER B 600 38.40 -1.78 12.63
CA SER B 600 38.94 -0.49 12.23
C SER B 600 38.56 -0.14 10.79
N THR B 601 38.63 -1.12 9.89
CA THR B 601 38.45 -0.82 8.45
C THR B 601 37.02 -0.52 8.03
N TYR B 602 36.04 -0.81 8.91
CA TYR B 602 34.67 -0.42 8.67
C TYR B 602 34.04 0.43 9.76
N PHE B 603 34.89 1.13 10.50
CA PHE B 603 34.45 1.96 11.64
C PHE B 603 34.10 3.34 11.09
N ALA B 604 32.98 3.41 10.38
CA ALA B 604 32.51 4.68 9.80
C ALA B 604 32.36 5.80 10.83
N HIS B 605 31.89 5.48 12.04
CA HIS B 605 31.75 6.48 13.10
C HIS B 605 33.00 7.39 13.24
N ILE B 606 34.17 6.76 13.22
CA ILE B 606 35.42 7.48 13.50
C ILE B 606 36.24 7.94 12.30
N TRP B 607 36.06 7.31 11.14
CA TRP B 607 36.86 7.62 9.94
C TRP B 607 36.11 8.49 8.96
N SER B 608 34.79 8.42 8.93
CA SER B 608 34.02 9.30 8.03
C SER B 608 32.97 10.17 8.69
N SER B 609 32.57 9.87 9.92
CA SER B 609 31.74 10.80 10.66
C SER B 609 32.54 11.48 11.77
N GLY B 610 31.85 12.22 12.61
CA GLY B 610 32.46 13.11 13.59
C GLY B 610 32.71 12.50 14.94
N TYR B 611 32.77 11.16 15.04
CA TYR B 611 33.00 10.53 16.33
C TYR B 611 34.45 10.10 16.60
N SER B 612 35.44 10.59 15.86
CA SER B 612 36.85 10.21 16.21
C SER B 612 37.22 10.70 17.63
N ALA B 613 37.90 9.83 18.39
CA ALA B 613 38.12 10.02 19.82
C ALA B 613 36.84 10.42 20.54
N GLY B 614 35.73 9.88 20.05
CA GLY B 614 34.40 10.18 20.56
C GLY B 614 33.39 9.07 20.50
N TYR B 615 33.82 7.83 20.21
CA TYR B 615 32.87 6.73 20.25
C TYR B 615 32.41 6.47 21.71
N TYR B 616 33.26 6.81 22.68
CA TYR B 616 32.91 6.79 24.09
C TYR B 616 31.66 7.67 24.41
N SER B 617 31.33 8.61 23.53
CA SER B 617 30.16 9.49 23.69
C SER B 617 28.87 8.77 24.03
N TYR B 618 28.67 7.58 23.49
CA TYR B 618 27.46 6.84 23.76
C TYR B 618 27.28 6.50 25.24
N ILE B 619 28.29 5.83 25.82
CA ILE B 619 28.18 5.44 27.21
C ILE B 619 28.26 6.66 28.13
N TRP B 620 29.03 7.67 27.73
CA TRP B 620 29.14 8.91 28.52
C TRP B 620 27.74 9.58 28.66
N SER B 621 27.06 9.77 27.53
CA SER B 621 25.63 10.20 27.42
C SER B 621 24.66 9.26 28.12
N GLU B 622 24.95 7.95 28.07
CA GLU B 622 24.06 6.96 28.65
C GLU B 622 23.92 7.09 30.17
N VAL B 623 24.95 7.59 30.83
CA VAL B 623 24.86 7.98 32.23
C VAL B 623 23.65 8.90 32.43
N LEU B 624 23.54 9.93 31.59
CA LEU B 624 22.49 10.93 31.75
C LEU B 624 21.11 10.34 31.42
N ASP B 625 21.06 9.49 30.40
CA ASP B 625 19.87 8.70 30.04
C ASP B 625 19.32 7.88 31.22
N ALA B 626 20.17 7.00 31.74
CA ALA B 626 19.74 6.11 32.83
C ALA B 626 19.30 6.89 34.07
N ASP B 627 20.00 7.96 34.37
CA ASP B 627 19.65 8.83 35.53
C ASP B 627 18.32 9.60 35.31
N THR B 628 18.03 9.92 34.03
CA THR B 628 16.80 10.59 33.61
C THR B 628 15.59 9.65 33.64
N VAL B 629 15.75 8.36 33.31
CA VAL B 629 14.67 7.38 33.49
C VAL B 629 14.24 7.38 34.98
N ASP B 630 15.23 7.31 35.87
CA ASP B 630 14.94 7.43 37.29
C ASP B 630 14.22 8.72 37.64
N TRP B 631 14.64 9.84 37.06
CA TRP B 631 13.91 11.09 37.26
C TRP B 631 12.42 10.99 36.88
N PHE B 632 12.12 10.35 35.74
CA PHE B 632 10.72 10.11 35.39
C PHE B 632 9.94 9.29 36.42
N HIS B 633 10.53 8.21 36.92
CA HIS B 633 9.86 7.39 37.94
C HIS B 633 9.59 8.19 39.23
N GLU B 634 10.55 9.00 39.62
CA GLU B 634 10.45 9.87 40.80
C GLU B 634 9.35 10.93 40.69
N ASN B 635 9.01 11.32 39.46
CA ASN B 635 8.07 12.40 39.19
C ASN B 635 6.74 11.97 38.56
N GLY B 636 6.38 10.70 38.73
CA GLY B 636 5.06 10.20 38.34
C GLY B 636 4.98 9.60 36.93
N GLY B 637 6.11 9.54 36.23
CA GLY B 637 6.20 8.79 34.98
C GLY B 637 5.79 9.58 33.75
N LEU B 638 4.96 8.93 32.92
CA LEU B 638 4.60 9.47 31.63
C LEU B 638 3.43 10.45 31.80
N LEU B 639 3.77 11.72 32.07
CA LEU B 639 2.81 12.79 32.29
C LEU B 639 3.22 13.98 31.48
N ARG B 640 2.23 14.70 30.96
CA ARG B 640 2.49 15.92 30.16
C ARG B 640 3.37 16.95 30.89
N GLU B 641 3.12 17.14 32.19
CA GLU B 641 3.94 18.06 33.00
C GLU B 641 5.45 17.73 32.94
N ASN B 642 5.80 16.44 32.96
CA ASN B 642 7.19 16.00 32.90
C ASN B 642 7.82 16.19 31.54
N GLY B 643 7.02 15.94 30.49
CA GLY B 643 7.46 16.24 29.13
C GLY B 643 7.69 17.74 28.95
N ASP B 644 6.77 18.58 29.42
CA ASP B 644 7.02 20.04 29.35
C ASP B 644 8.33 20.42 30.04
N THR B 645 8.58 19.87 31.24
CA THR B 645 9.80 20.13 31.99
C THR B 645 11.07 19.78 31.20
N PHE B 646 11.10 18.55 30.66
CA PHE B 646 12.27 18.09 29.94
C PHE B 646 12.47 18.88 28.65
N ARG B 647 11.35 19.18 27.99
CA ARG B 647 11.41 20.00 26.79
C ARG B 647 11.93 21.41 27.09
N GLN B 648 11.41 22.02 28.17
CA GLN B 648 11.69 23.43 28.47
C GLN B 648 13.12 23.58 29.00
N LYS B 649 13.53 22.68 29.89
CA LYS B 649 14.83 22.82 30.55
C LYS B 649 16.00 22.28 29.73
N LEU B 650 15.72 21.38 28.77
CA LEU B 650 16.81 20.64 28.14
C LEU B 650 16.75 20.57 26.63
N LEU B 651 15.72 19.95 26.07
CA LEU B 651 15.66 19.64 24.63
C LEU B 651 15.49 20.86 23.77
N SER B 652 14.98 21.97 24.33
CA SER B 652 14.77 23.19 23.56
C SER B 652 15.97 24.13 23.50
N LYS B 653 17.01 23.83 24.28
CA LYS B 653 18.17 24.70 24.45
C LYS B 653 19.22 24.60 23.36
N GLY B 654 19.24 23.51 22.59
CA GLY B 654 20.31 23.27 21.65
C GLY B 654 21.64 23.48 22.35
N GLY B 655 22.53 24.21 21.69
CA GLY B 655 23.84 24.54 22.25
C GLY B 655 23.91 25.90 22.96
N SER B 656 22.76 26.50 23.20
CA SER B 656 22.66 27.89 23.61
C SER B 656 22.96 28.11 25.09
N VAL B 657 23.05 27.03 25.87
CA VAL B 657 23.46 27.08 27.28
C VAL B 657 24.47 25.97 27.54
N ASP B 658 25.24 26.09 28.61
CA ASP B 658 26.10 24.98 29.01
C ASP B 658 25.25 23.73 29.21
N PRO B 659 25.55 22.62 28.49
CA PRO B 659 24.73 21.40 28.61
C PRO B 659 24.66 20.78 30.02
N MET B 660 25.79 20.73 30.72
CA MET B 660 25.78 20.12 32.05
C MET B 660 25.06 20.98 33.10
N THR B 661 25.15 22.31 32.97
CA THR B 661 24.32 23.21 33.76
C THR B 661 22.82 22.98 33.50
N ALA B 662 22.40 22.87 32.23
CA ALA B 662 21.02 22.54 31.89
C ALA B 662 20.56 21.21 32.49
N PHE B 663 21.42 20.18 32.44
CA PHE B 663 21.11 18.87 33.03
C PHE B 663 20.89 18.98 34.53
N GLN B 664 21.77 19.72 35.18
CA GLN B 664 21.67 19.94 36.62
C GLN B 664 20.39 20.67 37.00
N SER B 665 20.03 21.71 36.24
CA SER B 665 18.77 22.42 36.47
C SER B 665 17.57 21.49 36.30
N PHE B 666 17.66 20.57 35.35
CA PHE B 666 16.60 19.58 35.11
C PHE B 666 16.53 18.49 36.19
N ARG B 667 17.65 17.84 36.44
CA ARG B 667 17.73 16.67 37.31
C ARG B 667 17.57 17.01 38.79
N GLY B 668 17.97 18.22 39.17
CA GLY B 668 18.04 18.64 40.57
C GLY B 668 19.42 18.48 41.20
N ARG B 669 20.39 18.03 40.41
CA ARG B 669 21.76 17.71 40.87
C ARG B 669 22.61 17.22 39.69
N THR B 670 23.92 17.09 39.94
CA THR B 670 24.83 16.54 38.95
C THR B 670 24.57 15.04 38.76
N PRO B 671 25.00 14.47 37.61
CA PRO B 671 24.62 13.08 37.33
C PRO B 671 25.23 12.05 38.27
N ARG B 672 24.54 10.91 38.38
CA ARG B 672 25.01 9.73 39.09
C ARG B 672 25.13 8.57 38.11
N ILE B 673 26.21 7.79 38.23
CA ILE B 673 26.48 6.64 37.34
C ILE B 673 25.82 5.33 37.79
N GLU B 674 25.35 5.28 39.03
CA GLU B 674 24.78 4.06 39.54
C GLU B 674 23.62 3.47 38.64
N PRO B 675 22.71 4.34 38.15
CA PRO B 675 21.65 3.84 37.29
C PRO B 675 22.14 3.14 36.00
N LEU B 676 23.17 3.68 35.38
CA LEU B 676 23.77 3.01 34.21
C LEU B 676 24.44 1.67 34.62
N LEU B 677 25.15 1.64 35.72
CA LEU B 677 25.81 0.39 36.15
C LEU B 677 24.80 -0.72 36.42
N ASP B 678 23.66 -0.36 37.00
CA ASP B 678 22.57 -1.28 37.27
C ASP B 678 21.99 -1.79 35.93
N ARG B 679 21.76 -0.87 34.99
CA ARG B 679 21.23 -1.26 33.69
C ARG B 679 22.08 -2.32 32.98
N ARG B 680 23.39 -2.09 32.95
CA ARG B 680 24.31 -2.96 32.24
C ARG B 680 24.89 -4.10 33.07
N GLY B 681 24.47 -4.25 34.32
CA GLY B 681 24.94 -5.34 35.18
C GLY B 681 26.37 -5.16 35.64
N LEU B 682 26.76 -3.92 35.89
CA LEU B 682 28.17 -3.57 36.13
C LEU B 682 28.49 -3.18 37.59
N LEU B 683 27.62 -3.56 38.51
CA LEU B 683 27.71 -3.12 39.92
C LEU B 683 28.68 -3.98 40.75
#